data_5E5D
# 
_entry.id   5E5D 
# 
_audit_conform.dict_name       mmcif_pdbx.dic 
_audit_conform.dict_version    5.402 
_audit_conform.dict_location   http://mmcif.pdb.org/dictionaries/ascii/mmcif_pdbx.dic 
# 
loop_
_database_2.database_id 
_database_2.database_code 
_database_2.pdbx_database_accession 
_database_2.pdbx_DOI 
PDB   5E5D         pdb_00005e5d 10.2210/pdb5e5d/pdb 
WWPDB D_1000214361 ?            ?                   
# 
loop_
_pdbx_audit_revision_history.ordinal 
_pdbx_audit_revision_history.data_content_type 
_pdbx_audit_revision_history.major_revision 
_pdbx_audit_revision_history.minor_revision 
_pdbx_audit_revision_history.revision_date 
_pdbx_audit_revision_history.part_number 
1 'Structure model' 1 0 2016-10-12 ? 
2 'Structure model' 1 1 2023-11-08 ? 
3 'Structure model' 1 2 2025-03-05 ? 
# 
_pdbx_audit_revision_details.ordinal             1 
_pdbx_audit_revision_details.revision_ordinal    1 
_pdbx_audit_revision_details.data_content_type   'Structure model' 
_pdbx_audit_revision_details.provider            repository 
_pdbx_audit_revision_details.type                'Initial release' 
_pdbx_audit_revision_details.description         ? 
_pdbx_audit_revision_details.details             ? 
# 
loop_
_pdbx_audit_revision_group.ordinal 
_pdbx_audit_revision_group.revision_ordinal 
_pdbx_audit_revision_group.data_content_type 
_pdbx_audit_revision_group.group 
1 2 'Structure model' 'Data collection'        
2 2 'Structure model' 'Database references'    
3 2 'Structure model' 'Derived calculations'   
4 2 'Structure model' 'Refinement description' 
5 3 'Structure model' 'Database references'    
6 3 'Structure model' 'Structure summary'      
# 
loop_
_pdbx_audit_revision_category.ordinal 
_pdbx_audit_revision_category.revision_ordinal 
_pdbx_audit_revision_category.data_content_type 
_pdbx_audit_revision_category.category 
1 2 'Structure model' chem_comp_atom                
2 2 'Structure model' chem_comp_bond                
3 2 'Structure model' database_2                    
4 2 'Structure model' pdbx_initial_refinement_model 
5 2 'Structure model' pdbx_struct_conn_angle        
6 2 'Structure model' pdbx_struct_oper_list         
7 2 'Structure model' struct_conn                   
8 3 'Structure model' pdbx_database_related         
9 3 'Structure model' pdbx_entry_details            
# 
loop_
_pdbx_audit_revision_item.ordinal 
_pdbx_audit_revision_item.revision_ordinal 
_pdbx_audit_revision_item.data_content_type 
_pdbx_audit_revision_item.item 
1  2 'Structure model' '_database_2.pdbx_DOI'                        
2  2 'Structure model' '_database_2.pdbx_database_accession'         
3  2 'Structure model' '_pdbx_struct_conn_angle.ptnr1_auth_comp_id'  
4  2 'Structure model' '_pdbx_struct_conn_angle.ptnr1_auth_seq_id'   
5  2 'Structure model' '_pdbx_struct_conn_angle.ptnr1_label_asym_id' 
6  2 'Structure model' '_pdbx_struct_conn_angle.ptnr1_label_atom_id' 
7  2 'Structure model' '_pdbx_struct_conn_angle.ptnr1_label_comp_id' 
8  2 'Structure model' '_pdbx_struct_conn_angle.ptnr1_label_seq_id'  
9  2 'Structure model' '_pdbx_struct_conn_angle.ptnr2_auth_seq_id'   
10 2 'Structure model' '_pdbx_struct_conn_angle.ptnr2_label_asym_id' 
11 2 'Structure model' '_pdbx_struct_conn_angle.ptnr2_symmetry'      
12 2 'Structure model' '_pdbx_struct_conn_angle.ptnr3_auth_comp_id'  
13 2 'Structure model' '_pdbx_struct_conn_angle.ptnr3_auth_seq_id'   
14 2 'Structure model' '_pdbx_struct_conn_angle.ptnr3_label_asym_id' 
15 2 'Structure model' '_pdbx_struct_conn_angle.ptnr3_label_atom_id' 
16 2 'Structure model' '_pdbx_struct_conn_angle.ptnr3_label_comp_id' 
17 2 'Structure model' '_pdbx_struct_conn_angle.ptnr3_label_seq_id'  
18 2 'Structure model' '_pdbx_struct_conn_angle.value'               
19 2 'Structure model' '_pdbx_struct_oper_list.symmetry_operation'   
20 2 'Structure model' '_struct_conn.pdbx_dist_value'                
21 2 'Structure model' '_struct_conn.ptnr1_auth_comp_id'             
22 2 'Structure model' '_struct_conn.ptnr1_auth_seq_id'              
23 2 'Structure model' '_struct_conn.ptnr1_label_asym_id'            
24 2 'Structure model' '_struct_conn.ptnr1_label_atom_id'            
25 2 'Structure model' '_struct_conn.ptnr1_label_comp_id'            
26 2 'Structure model' '_struct_conn.ptnr1_label_seq_id'             
27 2 'Structure model' '_struct_conn.ptnr2_auth_comp_id'             
28 2 'Structure model' '_struct_conn.ptnr2_auth_seq_id'              
29 2 'Structure model' '_struct_conn.ptnr2_label_asym_id'            
30 2 'Structure model' '_struct_conn.ptnr2_label_atom_id'            
31 2 'Structure model' '_struct_conn.ptnr2_label_comp_id'            
32 2 'Structure model' '_struct_conn.ptnr2_symmetry'                 
# 
_pdbx_database_PDB_obs_spr.id               SPRSDE 
_pdbx_database_PDB_obs_spr.date             2016-10-12 
_pdbx_database_PDB_obs_spr.pdb_id           5E5D 
_pdbx_database_PDB_obs_spr.replace_pdb_id   3DLD 
_pdbx_database_PDB_obs_spr.details          ? 
# 
_pdbx_database_status.status_code                     REL 
_pdbx_database_status.status_code_sf                  REL 
_pdbx_database_status.status_code_mr                  ? 
_pdbx_database_status.entry_id                        5E5D 
_pdbx_database_status.recvd_initial_deposition_date   2015-10-08 
_pdbx_database_status.SG_entry                        N 
_pdbx_database_status.deposit_site                    RCSB 
_pdbx_database_status.process_site                    PDBJ 
_pdbx_database_status.status_code_cs                  ? 
_pdbx_database_status.methods_development_category    ? 
_pdbx_database_status.pdb_format_compatible           Y 
_pdbx_database_status.status_code_nmr_data            ? 
# 
loop_
_audit_author.name 
_audit_author.pdbx_ordinal 
_audit_author.identifier_ORCID 
'Ngo, H.P.T.' 1 ? 
'Kang, L.W.'  2 ? 
# 
_citation.abstract                  ? 
_citation.abstract_id_CAS           ? 
_citation.book_id_ISBN              ? 
_citation.book_publisher            ? 
_citation.book_publisher_city       ? 
_citation.book_title                ? 
_citation.coordinate_linkage        ? 
_citation.country                   ? 
_citation.database_id_Medline       ? 
_citation.details                   ? 
_citation.id                        primary 
_citation.journal_abbrev            'To Be Published' 
_citation.journal_id_ASTM           ? 
_citation.journal_id_CSD            0353 
_citation.journal_id_ISSN           ? 
_citation.journal_full              ? 
_citation.journal_issue             ? 
_citation.journal_volume            ? 
_citation.language                  ? 
_citation.page_first                ? 
_citation.page_last                 ? 
_citation.title                     'Native structure of Xoo1075, a peptide deformylase from Xanthomonas oryzae pv. oryzae' 
_citation.year                      ? 
_citation.database_id_CSD           ? 
_citation.pdbx_database_id_DOI      ? 
_citation.pdbx_database_id_PubMed   ? 
_citation.unpublished_flag          ? 
# 
loop_
_citation_author.citation_id 
_citation_author.name 
_citation_author.ordinal 
_citation_author.identifier_ORCID 
primary 'Ngo, H.P.T.' 1 ? 
primary 'Kang, L.W.'  2 ? 
# 
loop_
_entity.id 
_entity.type 
_entity.src_method 
_entity.pdbx_description 
_entity.formula_weight 
_entity.pdbx_number_of_molecules 
_entity.pdbx_ec 
_entity.pdbx_mutation 
_entity.pdbx_fragment 
_entity.details 
1 polymer     man 'Peptide deformylase' 23830.295 1   3.5.1.88 ? ? ? 
2 non-polymer syn 'CADMIUM ION'         112.411   3   ?        ? ? ? 
3 water       nat water                 18.015    116 ?        ? ? ? 
# 
_entity_name_com.entity_id   1 
_entity_name_com.name        'PDF,Polypeptide deformylase' 
# 
_entity_poly.entity_id                      1 
_entity_poly.type                           'polypeptide(L)' 
_entity_poly.nstd_linkage                   no 
_entity_poly.nstd_monomer                   no 
_entity_poly.pdbx_seq_one_letter_code       
;MSVPITRSLQFLRAVHSWLKIARLRSGSYSKLHVTIFRSTPMIRDIIRMGDKRLLRVAPQVTNLGSAELHALVSDMFETM
GAAHGVGLAAPQIAVDLQLMVFGFEASERYPEAPAVPLTALANAQIEPLSDEMENGWEGCLSIPGLRAVIPRYRYIRYRG
FAPDGSPIEREAEGFHARVVQHEYDHLVGRLYPSRIENFDTFGFDDVLSYDL
;
_entity_poly.pdbx_seq_one_letter_code_can   
;MSVPITRSLQFLRAVHSWLKIARLRSGSYSKLHVTIFRSTPMIRDIIRMGDKRLLRVAPQVTNLGSAELHALVSDMFETM
GAAHGVGLAAPQIAVDLQLMVFGFEASERYPEAPAVPLTALANAQIEPLSDEMENGWEGCLSIPGLRAVIPRYRYIRYRG
FAPDGSPIEREAEGFHARVVQHEYDHLVGRLYPSRIENFDTFGFDDVLSYDL
;
_entity_poly.pdbx_strand_id                 A 
_entity_poly.pdbx_target_identifier         ? 
# 
loop_
_pdbx_entity_nonpoly.entity_id 
_pdbx_entity_nonpoly.name 
_pdbx_entity_nonpoly.comp_id 
2 'CADMIUM ION' CD  
3 water         HOH 
# 
loop_
_entity_poly_seq.entity_id 
_entity_poly_seq.num 
_entity_poly_seq.mon_id 
_entity_poly_seq.hetero 
1 1   MET n 
1 2   SER n 
1 3   VAL n 
1 4   PRO n 
1 5   ILE n 
1 6   THR n 
1 7   ARG n 
1 8   SER n 
1 9   LEU n 
1 10  GLN n 
1 11  PHE n 
1 12  LEU n 
1 13  ARG n 
1 14  ALA n 
1 15  VAL n 
1 16  HIS n 
1 17  SER n 
1 18  TRP n 
1 19  LEU n 
1 20  LYS n 
1 21  ILE n 
1 22  ALA n 
1 23  ARG n 
1 24  LEU n 
1 25  ARG n 
1 26  SER n 
1 27  GLY n 
1 28  SER n 
1 29  TYR n 
1 30  SER n 
1 31  LYS n 
1 32  LEU n 
1 33  HIS n 
1 34  VAL n 
1 35  THR n 
1 36  ILE n 
1 37  PHE n 
1 38  ARG n 
1 39  SER n 
1 40  THR n 
1 41  PRO n 
1 42  MET n 
1 43  ILE n 
1 44  ARG n 
1 45  ASP n 
1 46  ILE n 
1 47  ILE n 
1 48  ARG n 
1 49  MET n 
1 50  GLY n 
1 51  ASP n 
1 52  LYS n 
1 53  ARG n 
1 54  LEU n 
1 55  LEU n 
1 56  ARG n 
1 57  VAL n 
1 58  ALA n 
1 59  PRO n 
1 60  GLN n 
1 61  VAL n 
1 62  THR n 
1 63  ASN n 
1 64  LEU n 
1 65  GLY n 
1 66  SER n 
1 67  ALA n 
1 68  GLU n 
1 69  LEU n 
1 70  HIS n 
1 71  ALA n 
1 72  LEU n 
1 73  VAL n 
1 74  SER n 
1 75  ASP n 
1 76  MET n 
1 77  PHE n 
1 78  GLU n 
1 79  THR n 
1 80  MET n 
1 81  GLY n 
1 82  ALA n 
1 83  ALA n 
1 84  HIS n 
1 85  GLY n 
1 86  VAL n 
1 87  GLY n 
1 88  LEU n 
1 89  ALA n 
1 90  ALA n 
1 91  PRO n 
1 92  GLN n 
1 93  ILE n 
1 94  ALA n 
1 95  VAL n 
1 96  ASP n 
1 97  LEU n 
1 98  GLN n 
1 99  LEU n 
1 100 MET n 
1 101 VAL n 
1 102 PHE n 
1 103 GLY n 
1 104 PHE n 
1 105 GLU n 
1 106 ALA n 
1 107 SER n 
1 108 GLU n 
1 109 ARG n 
1 110 TYR n 
1 111 PRO n 
1 112 GLU n 
1 113 ALA n 
1 114 PRO n 
1 115 ALA n 
1 116 VAL n 
1 117 PRO n 
1 118 LEU n 
1 119 THR n 
1 120 ALA n 
1 121 LEU n 
1 122 ALA n 
1 123 ASN n 
1 124 ALA n 
1 125 GLN n 
1 126 ILE n 
1 127 GLU n 
1 128 PRO n 
1 129 LEU n 
1 130 SER n 
1 131 ASP n 
1 132 GLU n 
1 133 MET n 
1 134 GLU n 
1 135 ASN n 
1 136 GLY n 
1 137 TRP n 
1 138 GLU n 
1 139 GLY n 
1 140 CYS n 
1 141 LEU n 
1 142 SER n 
1 143 ILE n 
1 144 PRO n 
1 145 GLY n 
1 146 LEU n 
1 147 ARG n 
1 148 ALA n 
1 149 VAL n 
1 150 ILE n 
1 151 PRO n 
1 152 ARG n 
1 153 TYR n 
1 154 ARG n 
1 155 TYR n 
1 156 ILE n 
1 157 ARG n 
1 158 TYR n 
1 159 ARG n 
1 160 GLY n 
1 161 PHE n 
1 162 ALA n 
1 163 PRO n 
1 164 ASP n 
1 165 GLY n 
1 166 SER n 
1 167 PRO n 
1 168 ILE n 
1 169 GLU n 
1 170 ARG n 
1 171 GLU n 
1 172 ALA n 
1 173 GLU n 
1 174 GLY n 
1 175 PHE n 
1 176 HIS n 
1 177 ALA n 
1 178 ARG n 
1 179 VAL n 
1 180 VAL n 
1 181 GLN n 
1 182 HIS n 
1 183 GLU n 
1 184 TYR n 
1 185 ASP n 
1 186 HIS n 
1 187 LEU n 
1 188 VAL n 
1 189 GLY n 
1 190 ARG n 
1 191 LEU n 
1 192 TYR n 
1 193 PRO n 
1 194 SER n 
1 195 ARG n 
1 196 ILE n 
1 197 GLU n 
1 198 ASN n 
1 199 PHE n 
1 200 ASP n 
1 201 THR n 
1 202 PHE n 
1 203 GLY n 
1 204 PHE n 
1 205 ASP n 
1 206 ASP n 
1 207 VAL n 
1 208 LEU n 
1 209 SER n 
1 210 TYR n 
1 211 ASP n 
1 212 LEU n 
# 
_entity_src_gen.entity_id                          1 
_entity_src_gen.pdbx_src_id                        1 
_entity_src_gen.pdbx_alt_source_flag               sample 
_entity_src_gen.pdbx_seq_type                      'Biological sequence' 
_entity_src_gen.pdbx_beg_seq_num                   1 
_entity_src_gen.pdbx_end_seq_num                   212 
_entity_src_gen.gene_src_common_name               ? 
_entity_src_gen.gene_src_genus                     ? 
_entity_src_gen.pdbx_gene_src_gene                 'def, XOO1075' 
_entity_src_gen.gene_src_species                   ? 
_entity_src_gen.gene_src_strain                    KACC10331 
_entity_src_gen.gene_src_tissue                    ? 
_entity_src_gen.gene_src_tissue_fraction           ? 
_entity_src_gen.gene_src_details                   ? 
_entity_src_gen.pdbx_gene_src_fragment             ? 
_entity_src_gen.pdbx_gene_src_scientific_name      'Xanthomonas oryzae pv. oryzae KACC10331' 
_entity_src_gen.pdbx_gene_src_ncbi_taxonomy_id     291331 
_entity_src_gen.pdbx_gene_src_variant              ? 
_entity_src_gen.pdbx_gene_src_cell_line            ? 
_entity_src_gen.pdbx_gene_src_atcc                 ? 
_entity_src_gen.pdbx_gene_src_organ                ? 
_entity_src_gen.pdbx_gene_src_organelle            ? 
_entity_src_gen.pdbx_gene_src_cell                 ? 
_entity_src_gen.pdbx_gene_src_cellular_location    ? 
_entity_src_gen.host_org_common_name               ? 
_entity_src_gen.pdbx_host_org_scientific_name      'Escherichia coli' 
_entity_src_gen.pdbx_host_org_ncbi_taxonomy_id     562 
_entity_src_gen.host_org_genus                     ? 
_entity_src_gen.pdbx_host_org_gene                 ? 
_entity_src_gen.pdbx_host_org_organ                ? 
_entity_src_gen.host_org_species                   ? 
_entity_src_gen.pdbx_host_org_tissue               ? 
_entity_src_gen.pdbx_host_org_tissue_fraction      ? 
_entity_src_gen.pdbx_host_org_strain               ? 
_entity_src_gen.pdbx_host_org_variant              ? 
_entity_src_gen.pdbx_host_org_cell_line            ? 
_entity_src_gen.pdbx_host_org_atcc                 ? 
_entity_src_gen.pdbx_host_org_culture_collection   ? 
_entity_src_gen.pdbx_host_org_cell                 ? 
_entity_src_gen.pdbx_host_org_organelle            ? 
_entity_src_gen.pdbx_host_org_cellular_location    ? 
_entity_src_gen.pdbx_host_org_vector_type          plasmid 
_entity_src_gen.pdbx_host_org_vector               ? 
_entity_src_gen.host_org_details                   ? 
_entity_src_gen.expression_system_id               ? 
_entity_src_gen.plasmid_name                       ? 
_entity_src_gen.plasmid_details                    ? 
_entity_src_gen.pdbx_description                   ? 
# 
loop_
_chem_comp.id 
_chem_comp.type 
_chem_comp.mon_nstd_flag 
_chem_comp.name 
_chem_comp.pdbx_synonyms 
_chem_comp.formula 
_chem_comp.formula_weight 
ALA 'L-peptide linking' y ALANINE         ? 'C3 H7 N O2'     89.093  
ARG 'L-peptide linking' y ARGININE        ? 'C6 H15 N4 O2 1' 175.209 
ASN 'L-peptide linking' y ASPARAGINE      ? 'C4 H8 N2 O3'    132.118 
ASP 'L-peptide linking' y 'ASPARTIC ACID' ? 'C4 H7 N O4'     133.103 
CD  non-polymer         . 'CADMIUM ION'   ? 'Cd 2'           112.411 
CYS 'L-peptide linking' y CYSTEINE        ? 'C3 H7 N O2 S'   121.158 
GLN 'L-peptide linking' y GLUTAMINE       ? 'C5 H10 N2 O3'   146.144 
GLU 'L-peptide linking' y 'GLUTAMIC ACID' ? 'C5 H9 N O4'     147.129 
GLY 'peptide linking'   y GLYCINE         ? 'C2 H5 N O2'     75.067  
HIS 'L-peptide linking' y HISTIDINE       ? 'C6 H10 N3 O2 1' 156.162 
HOH non-polymer         . WATER           ? 'H2 O'           18.015  
ILE 'L-peptide linking' y ISOLEUCINE      ? 'C6 H13 N O2'    131.173 
LEU 'L-peptide linking' y LEUCINE         ? 'C6 H13 N O2'    131.173 
LYS 'L-peptide linking' y LYSINE          ? 'C6 H15 N2 O2 1' 147.195 
MET 'L-peptide linking' y METHIONINE      ? 'C5 H11 N O2 S'  149.211 
PHE 'L-peptide linking' y PHENYLALANINE   ? 'C9 H11 N O2'    165.189 
PRO 'L-peptide linking' y PROLINE         ? 'C5 H9 N O2'     115.130 
SER 'L-peptide linking' y SERINE          ? 'C3 H7 N O3'     105.093 
THR 'L-peptide linking' y THREONINE       ? 'C4 H9 N O3'     119.119 
TRP 'L-peptide linking' y TRYPTOPHAN      ? 'C11 H12 N2 O2'  204.225 
TYR 'L-peptide linking' y TYROSINE        ? 'C9 H11 N O3'    181.189 
VAL 'L-peptide linking' y VALINE          ? 'C5 H11 N O2'    117.146 
# 
loop_
_pdbx_poly_seq_scheme.asym_id 
_pdbx_poly_seq_scheme.entity_id 
_pdbx_poly_seq_scheme.seq_id 
_pdbx_poly_seq_scheme.mon_id 
_pdbx_poly_seq_scheme.ndb_seq_num 
_pdbx_poly_seq_scheme.pdb_seq_num 
_pdbx_poly_seq_scheme.auth_seq_num 
_pdbx_poly_seq_scheme.pdb_mon_id 
_pdbx_poly_seq_scheme.auth_mon_id 
_pdbx_poly_seq_scheme.pdb_strand_id 
_pdbx_poly_seq_scheme.pdb_ins_code 
_pdbx_poly_seq_scheme.hetero 
A 1 1   MET 1   -40 ?   ?   ?   A . n 
A 1 2   SER 2   -39 ?   ?   ?   A . n 
A 1 3   VAL 3   -38 ?   ?   ?   A . n 
A 1 4   PRO 4   -37 ?   ?   ?   A . n 
A 1 5   ILE 5   -36 ?   ?   ?   A . n 
A 1 6   THR 6   -35 ?   ?   ?   A . n 
A 1 7   ARG 7   -34 ?   ?   ?   A . n 
A 1 8   SER 8   -33 ?   ?   ?   A . n 
A 1 9   LEU 9   -32 ?   ?   ?   A . n 
A 1 10  GLN 10  -31 ?   ?   ?   A . n 
A 1 11  PHE 11  -30 ?   ?   ?   A . n 
A 1 12  LEU 12  -29 ?   ?   ?   A . n 
A 1 13  ARG 13  -28 ?   ?   ?   A . n 
A 1 14  ALA 14  -27 ?   ?   ?   A . n 
A 1 15  VAL 15  -26 ?   ?   ?   A . n 
A 1 16  HIS 16  -25 ?   ?   ?   A . n 
A 1 17  SER 17  -24 ?   ?   ?   A . n 
A 1 18  TRP 18  -23 ?   ?   ?   A . n 
A 1 19  LEU 19  -22 ?   ?   ?   A . n 
A 1 20  LYS 20  -21 ?   ?   ?   A . n 
A 1 21  ILE 21  -20 ?   ?   ?   A . n 
A 1 22  ALA 22  -19 ?   ?   ?   A . n 
A 1 23  ARG 23  -18 ?   ?   ?   A . n 
A 1 24  LEU 24  -17 ?   ?   ?   A . n 
A 1 25  ARG 25  -16 ?   ?   ?   A . n 
A 1 26  SER 26  -15 ?   ?   ?   A . n 
A 1 27  GLY 27  -14 ?   ?   ?   A . n 
A 1 28  SER 28  -13 ?   ?   ?   A . n 
A 1 29  TYR 29  -12 ?   ?   ?   A . n 
A 1 30  SER 30  -11 ?   ?   ?   A . n 
A 1 31  LYS 31  -10 ?   ?   ?   A . n 
A 1 32  LEU 32  -9  ?   ?   ?   A . n 
A 1 33  HIS 33  -8  ?   ?   ?   A . n 
A 1 34  VAL 34  -7  ?   ?   ?   A . n 
A 1 35  THR 35  -6  ?   ?   ?   A . n 
A 1 36  ILE 36  -5  ?   ?   ?   A . n 
A 1 37  PHE 37  -4  ?   ?   ?   A . n 
A 1 38  ARG 38  -3  ?   ?   ?   A . n 
A 1 39  SER 39  -2  ?   ?   ?   A . n 
A 1 40  THR 40  -1  ?   ?   ?   A . n 
A 1 41  PRO 41  0   ?   ?   ?   A . n 
A 1 42  MET 42  1   1   MET MET A . n 
A 1 43  ILE 43  2   2   ILE ILE A . n 
A 1 44  ARG 44  3   3   ARG ARG A . n 
A 1 45  ASP 45  4   4   ASP ASP A . n 
A 1 46  ILE 46  5   5   ILE ILE A . n 
A 1 47  ILE 47  6   6   ILE ILE A . n 
A 1 48  ARG 48  7   7   ARG ARG A . n 
A 1 49  MET 49  8   8   MET MET A . n 
A 1 50  GLY 50  9   9   GLY GLY A . n 
A 1 51  ASP 51  10  10  ASP ASP A . n 
A 1 52  LYS 52  11  11  LYS LYS A . n 
A 1 53  ARG 53  12  12  ARG ARG A . n 
A 1 54  LEU 54  13  13  LEU LEU A . n 
A 1 55  LEU 55  14  14  LEU LEU A . n 
A 1 56  ARG 56  15  15  ARG ARG A . n 
A 1 57  VAL 57  16  16  VAL VAL A . n 
A 1 58  ALA 58  17  17  ALA ALA A . n 
A 1 59  PRO 59  18  18  PRO PRO A . n 
A 1 60  GLN 60  19  19  GLN GLN A . n 
A 1 61  VAL 61  20  20  VAL VAL A . n 
A 1 62  THR 62  21  21  THR THR A . n 
A 1 63  ASN 63  22  22  ASN ASN A . n 
A 1 64  LEU 64  23  23  LEU LEU A . n 
A 1 65  GLY 65  24  24  GLY GLY A . n 
A 1 66  SER 66  25  25  SER SER A . n 
A 1 67  ALA 67  26  26  ALA ALA A . n 
A 1 68  GLU 68  27  27  GLU GLU A . n 
A 1 69  LEU 69  28  28  LEU LEU A . n 
A 1 70  HIS 70  29  29  HIS HIS A . n 
A 1 71  ALA 71  30  30  ALA ALA A . n 
A 1 72  LEU 72  31  31  LEU LEU A . n 
A 1 73  VAL 73  32  32  VAL VAL A . n 
A 1 74  SER 74  33  33  SER SER A . n 
A 1 75  ASP 75  34  34  ASP ASP A . n 
A 1 76  MET 76  35  35  MET MET A . n 
A 1 77  PHE 77  36  36  PHE PHE A . n 
A 1 78  GLU 78  37  37  GLU GLU A . n 
A 1 79  THR 79  38  38  THR THR A . n 
A 1 80  MET 80  39  39  MET MET A . n 
A 1 81  GLY 81  40  40  GLY GLY A . n 
A 1 82  ALA 82  41  41  ALA ALA A . n 
A 1 83  ALA 83  42  42  ALA ALA A . n 
A 1 84  HIS 84  43  43  HIS HIS A . n 
A 1 85  GLY 85  44  44  GLY GLY A . n 
A 1 86  VAL 86  45  45  VAL VAL A . n 
A 1 87  GLY 87  46  46  GLY GLY A . n 
A 1 88  LEU 88  47  47  LEU LEU A . n 
A 1 89  ALA 89  48  48  ALA ALA A . n 
A 1 90  ALA 90  49  49  ALA ALA A . n 
A 1 91  PRO 91  50  50  PRO PRO A . n 
A 1 92  GLN 92  51  51  GLN GLN A . n 
A 1 93  ILE 93  52  52  ILE ILE A . n 
A 1 94  ALA 94  53  53  ALA ALA A . n 
A 1 95  VAL 95  54  54  VAL VAL A . n 
A 1 96  ASP 96  55  55  ASP ASP A . n 
A 1 97  LEU 97  56  56  LEU LEU A . n 
A 1 98  GLN 98  57  57  GLN GLN A . n 
A 1 99  LEU 99  58  58  LEU LEU A . n 
A 1 100 MET 100 59  59  MET MET A . n 
A 1 101 VAL 101 60  60  VAL VAL A . n 
A 1 102 PHE 102 61  61  PHE PHE A . n 
A 1 103 GLY 103 62  62  GLY GLY A . n 
A 1 104 PHE 104 63  63  PHE PHE A . n 
A 1 105 GLU 105 64  64  GLU GLU A . n 
A 1 106 ALA 106 65  65  ALA ALA A . n 
A 1 107 SER 107 66  66  SER SER A . n 
A 1 108 GLU 108 67  67  GLU GLU A . n 
A 1 109 ARG 109 68  68  ARG ARG A . n 
A 1 110 TYR 110 69  69  TYR TYR A . n 
A 1 111 PRO 111 70  70  PRO PRO A . n 
A 1 112 GLU 112 71  71  GLU GLU A . n 
A 1 113 ALA 113 72  72  ALA ALA A . n 
A 1 114 PRO 114 73  73  PRO PRO A . n 
A 1 115 ALA 115 74  74  ALA ALA A . n 
A 1 116 VAL 116 75  75  VAL VAL A . n 
A 1 117 PRO 117 76  76  PRO PRO A . n 
A 1 118 LEU 118 77  77  LEU LEU A . n 
A 1 119 THR 119 78  78  THR THR A . n 
A 1 120 ALA 120 79  79  ALA ALA A . n 
A 1 121 LEU 121 80  80  LEU LEU A . n 
A 1 122 ALA 122 81  81  ALA ALA A . n 
A 1 123 ASN 123 82  82  ASN ASN A . n 
A 1 124 ALA 124 83  83  ALA ALA A . n 
A 1 125 GLN 125 84  84  GLN GLN A . n 
A 1 126 ILE 126 85  85  ILE ILE A . n 
A 1 127 GLU 127 86  86  GLU GLU A . n 
A 1 128 PRO 128 87  87  PRO PRO A . n 
A 1 129 LEU 129 88  88  LEU LEU A . n 
A 1 130 SER 130 89  89  SER SER A . n 
A 1 131 ASP 131 90  90  ASP ASP A . n 
A 1 132 GLU 132 91  91  GLU GLU A . n 
A 1 133 MET 133 92  92  MET MET A . n 
A 1 134 GLU 134 93  93  GLU GLU A . n 
A 1 135 ASN 135 94  94  ASN ASN A . n 
A 1 136 GLY 136 95  95  GLY GLY A . n 
A 1 137 TRP 137 96  96  TRP TRP A . n 
A 1 138 GLU 138 97  97  GLU GLU A . n 
A 1 139 GLY 139 98  98  GLY GLY A . n 
A 1 140 CYS 140 99  99  CYS CYS A . n 
A 1 141 LEU 141 100 100 LEU LEU A . n 
A 1 142 SER 142 101 101 SER SER A . n 
A 1 143 ILE 143 102 102 ILE ILE A . n 
A 1 144 PRO 144 103 103 PRO PRO A . n 
A 1 145 GLY 145 104 104 GLY GLY A . n 
A 1 146 LEU 146 105 105 LEU LEU A . n 
A 1 147 ARG 147 106 106 ARG ARG A . n 
A 1 148 ALA 148 107 107 ALA ALA A . n 
A 1 149 VAL 149 108 108 VAL VAL A . n 
A 1 150 ILE 150 109 109 ILE ILE A . n 
A 1 151 PRO 151 110 110 PRO PRO A . n 
A 1 152 ARG 152 111 111 ARG ARG A . n 
A 1 153 TYR 153 112 112 TYR TYR A . n 
A 1 154 ARG 154 113 113 ARG ARG A . n 
A 1 155 TYR 155 114 114 TYR TYR A . n 
A 1 156 ILE 156 115 115 ILE ILE A . n 
A 1 157 ARG 157 116 116 ARG ARG A . n 
A 1 158 TYR 158 117 117 TYR TYR A . n 
A 1 159 ARG 159 118 118 ARG ARG A . n 
A 1 160 GLY 160 119 119 GLY GLY A . n 
A 1 161 PHE 161 120 120 PHE PHE A . n 
A 1 162 ALA 162 121 121 ALA ALA A . n 
A 1 163 PRO 163 122 122 PRO PRO A . n 
A 1 164 ASP 164 123 123 ASP ASP A . n 
A 1 165 GLY 165 124 124 GLY GLY A . n 
A 1 166 SER 166 125 125 SER SER A . n 
A 1 167 PRO 167 126 126 PRO PRO A . n 
A 1 168 ILE 168 127 127 ILE ILE A . n 
A 1 169 GLU 169 128 128 GLU GLU A . n 
A 1 170 ARG 170 129 129 ARG ARG A . n 
A 1 171 GLU 171 130 130 GLU GLU A . n 
A 1 172 ALA 172 131 131 ALA ALA A . n 
A 1 173 GLU 173 132 132 GLU GLU A . n 
A 1 174 GLY 174 133 133 GLY GLY A . n 
A 1 175 PHE 175 134 134 PHE PHE A . n 
A 1 176 HIS 176 135 135 HIS HIS A . n 
A 1 177 ALA 177 136 136 ALA ALA A . n 
A 1 178 ARG 178 137 137 ARG ARG A . n 
A 1 179 VAL 179 138 138 VAL VAL A . n 
A 1 180 VAL 180 139 139 VAL VAL A . n 
A 1 181 GLN 181 140 140 GLN GLN A . n 
A 1 182 HIS 182 141 141 HIS HIS A . n 
A 1 183 GLU 183 142 142 GLU GLU A . n 
A 1 184 TYR 184 143 143 TYR TYR A . n 
A 1 185 ASP 185 144 144 ASP ASP A . n 
A 1 186 HIS 186 145 145 HIS HIS A . n 
A 1 187 LEU 187 146 146 LEU LEU A . n 
A 1 188 VAL 188 147 147 VAL VAL A . n 
A 1 189 GLY 189 148 148 GLY GLY A . n 
A 1 190 ARG 190 149 149 ARG ARG A . n 
A 1 191 LEU 191 150 150 LEU LEU A . n 
A 1 192 TYR 192 151 151 TYR TYR A . n 
A 1 193 PRO 193 152 152 PRO PRO A . n 
A 1 194 SER 194 153 153 SER SER A . n 
A 1 195 ARG 195 154 154 ARG ARG A . n 
A 1 196 ILE 196 155 155 ILE ILE A . n 
A 1 197 GLU 197 156 156 GLU GLU A . n 
A 1 198 ASN 198 157 157 ASN ASN A . n 
A 1 199 PHE 199 158 158 PHE PHE A . n 
A 1 200 ASP 200 159 159 ASP ASP A . n 
A 1 201 THR 201 160 160 THR THR A . n 
A 1 202 PHE 202 161 161 PHE PHE A . n 
A 1 203 GLY 203 162 162 GLY GLY A . n 
A 1 204 PHE 204 163 163 PHE PHE A . n 
A 1 205 ASP 205 164 164 ASP ASP A . n 
A 1 206 ASP 206 165 165 ASP ASP A . n 
A 1 207 VAL 207 166 166 VAL VAL A . n 
A 1 208 LEU 208 167 167 LEU LEU A . n 
A 1 209 SER 209 168 168 SER SER A . n 
A 1 210 TYR 210 169 169 TYR TYR A . n 
A 1 211 ASP 211 170 170 ASP ASP A . n 
A 1 212 LEU 212 171 ?   ?   ?   A . n 
# 
loop_
_pdbx_nonpoly_scheme.asym_id 
_pdbx_nonpoly_scheme.entity_id 
_pdbx_nonpoly_scheme.mon_id 
_pdbx_nonpoly_scheme.ndb_seq_num 
_pdbx_nonpoly_scheme.pdb_seq_num 
_pdbx_nonpoly_scheme.auth_seq_num 
_pdbx_nonpoly_scheme.pdb_mon_id 
_pdbx_nonpoly_scheme.auth_mon_id 
_pdbx_nonpoly_scheme.pdb_strand_id 
_pdbx_nonpoly_scheme.pdb_ins_code 
B 2 CD  1   201 172 CD  CD  A . 
C 2 CD  1   202 173 CD  CD  A . 
D 2 CD  1   203 174 CD  CD  A . 
E 3 HOH 1   301 216 HOH HOH A . 
E 3 HOH 2   302 209 HOH HOH A . 
E 3 HOH 3   303 234 HOH HOH A . 
E 3 HOH 4   304 195 HOH HOH A . 
E 3 HOH 5   305 255 HOH HOH A . 
E 3 HOH 6   306 210 HOH HOH A . 
E 3 HOH 7   307 181 HOH HOH A . 
E 3 HOH 8   308 220 HOH HOH A . 
E 3 HOH 9   309 282 HOH HOH A . 
E 3 HOH 10  310 177 HOH HOH A . 
E 3 HOH 11  311 260 HOH HOH A . 
E 3 HOH 12  312 179 HOH HOH A . 
E 3 HOH 13  313 212 HOH HOH A . 
E 3 HOH 14  314 226 HOH HOH A . 
E 3 HOH 15  315 180 HOH HOH A . 
E 3 HOH 16  316 233 HOH HOH A . 
E 3 HOH 17  317 285 HOH HOH A . 
E 3 HOH 18  318 235 HOH HOH A . 
E 3 HOH 19  319 176 HOH HOH A . 
E 3 HOH 20  320 182 HOH HOH A . 
E 3 HOH 21  321 283 HOH HOH A . 
E 3 HOH 22  322 270 HOH HOH A . 
E 3 HOH 23  323 284 HOH HOH A . 
E 3 HOH 24  324 217 HOH HOH A . 
E 3 HOH 25  325 281 HOH HOH A . 
E 3 HOH 26  326 257 HOH HOH A . 
E 3 HOH 27  327 263 HOH HOH A . 
E 3 HOH 28  328 245 HOH HOH A . 
E 3 HOH 29  329 214 HOH HOH A . 
E 3 HOH 30  330 183 HOH HOH A . 
E 3 HOH 31  331 288 HOH HOH A . 
E 3 HOH 32  332 256 HOH HOH A . 
E 3 HOH 33  333 188 HOH HOH A . 
E 3 HOH 34  334 206 HOH HOH A . 
E 3 HOH 35  335 222 HOH HOH A . 
E 3 HOH 36  336 187 HOH HOH A . 
E 3 HOH 37  337 266 HOH HOH A . 
E 3 HOH 38  338 232 HOH HOH A . 
E 3 HOH 39  339 213 HOH HOH A . 
E 3 HOH 40  340 229 HOH HOH A . 
E 3 HOH 41  341 207 HOH HOH A . 
E 3 HOH 42  342 199 HOH HOH A . 
E 3 HOH 43  343 250 HOH HOH A . 
E 3 HOH 44  344 238 HOH HOH A . 
E 3 HOH 45  345 197 HOH HOH A . 
E 3 HOH 46  346 189 HOH HOH A . 
E 3 HOH 47  347 218 HOH HOH A . 
E 3 HOH 48  348 194 HOH HOH A . 
E 3 HOH 49  349 186 HOH HOH A . 
E 3 HOH 50  350 249 HOH HOH A . 
E 3 HOH 51  351 279 HOH HOH A . 
E 3 HOH 52  352 262 HOH HOH A . 
E 3 HOH 53  353 276 HOH HOH A . 
E 3 HOH 54  354 184 HOH HOH A . 
E 3 HOH 55  355 202 HOH HOH A . 
E 3 HOH 56  356 190 HOH HOH A . 
E 3 HOH 57  357 286 HOH HOH A . 
E 3 HOH 58  358 200 HOH HOH A . 
E 3 HOH 59  359 287 HOH HOH A . 
E 3 HOH 60  360 264 HOH HOH A . 
E 3 HOH 61  361 230 HOH HOH A . 
E 3 HOH 62  362 254 HOH HOH A . 
E 3 HOH 63  363 185 HOH HOH A . 
E 3 HOH 64  364 258 HOH HOH A . 
E 3 HOH 65  365 261 HOH HOH A . 
E 3 HOH 66  366 203 HOH HOH A . 
E 3 HOH 67  367 253 HOH HOH A . 
E 3 HOH 68  368 208 HOH HOH A . 
E 3 HOH 69  369 268 HOH HOH A . 
E 3 HOH 70  370 236 HOH HOH A . 
E 3 HOH 71  371 192 HOH HOH A . 
E 3 HOH 72  372 191 HOH HOH A . 
E 3 HOH 73  373 196 HOH HOH A . 
E 3 HOH 74  374 178 HOH HOH A . 
E 3 HOH 75  375 271 HOH HOH A . 
E 3 HOH 76  376 244 HOH HOH A . 
E 3 HOH 77  377 241 HOH HOH A . 
E 3 HOH 78  378 227 HOH HOH A . 
E 3 HOH 79  379 237 HOH HOH A . 
E 3 HOH 80  380 265 HOH HOH A . 
E 3 HOH 81  381 272 HOH HOH A . 
E 3 HOH 82  382 239 HOH HOH A . 
E 3 HOH 83  383 267 HOH HOH A . 
E 3 HOH 84  384 275 HOH HOH A . 
E 3 HOH 85  385 221 HOH HOH A . 
E 3 HOH 86  386 225 HOH HOH A . 
E 3 HOH 87  387 211 HOH HOH A . 
E 3 HOH 88  388 247 HOH HOH A . 
E 3 HOH 89  389 198 HOH HOH A . 
E 3 HOH 90  390 240 HOH HOH A . 
E 3 HOH 91  391 273 HOH HOH A . 
E 3 HOH 92  392 243 HOH HOH A . 
E 3 HOH 93  393 193 HOH HOH A . 
E 3 HOH 94  394 205 HOH HOH A . 
E 3 HOH 95  395 252 HOH HOH A . 
E 3 HOH 96  396 201 HOH HOH A . 
E 3 HOH 97  397 242 HOH HOH A . 
E 3 HOH 98  398 269 HOH HOH A . 
E 3 HOH 99  399 231 HOH HOH A . 
E 3 HOH 100 400 175 HOH HOH A . 
E 3 HOH 101 401 280 HOH HOH A . 
E 3 HOH 102 402 1   HOH HOH A . 
E 3 HOH 103 403 251 HOH HOH A . 
E 3 HOH 104 404 215 HOH HOH A . 
E 3 HOH 105 405 224 HOH HOH A . 
E 3 HOH 106 406 219 HOH HOH A . 
E 3 HOH 107 407 246 HOH HOH A . 
E 3 HOH 108 408 204 HOH HOH A . 
E 3 HOH 109 409 289 HOH HOH A . 
E 3 HOH 110 410 277 HOH HOH A . 
E 3 HOH 111 411 248 HOH HOH A . 
E 3 HOH 112 412 223 HOH HOH A . 
E 3 HOH 113 413 259 HOH HOH A . 
E 3 HOH 114 414 274 HOH HOH A . 
E 3 HOH 115 415 278 HOH HOH A . 
E 3 HOH 116 416 228 HOH HOH A . 
# 
loop_
_software.citation_id 
_software.classification 
_software.compiler_name 
_software.compiler_version 
_software.contact_author 
_software.contact_author_email 
_software.date 
_software.description 
_software.dependencies 
_software.hardware 
_software.language 
_software.location 
_software.mods 
_software.name 
_software.os 
_software.os_version 
_software.type 
_software.version 
_software.pdbx_ordinal 
? refinement       ? ? ? ? ? ? ? ? ? ? ? REFMAC   ? ? ? 5.7.0032 1 
? 'data reduction' ? ? ? ? ? ? ? ? ? ? ? HKL-2000 ? ? ? .        2 
? 'data scaling'   ? ? ? ? ? ? ? ? ? ? ? HKL-2000 ? ? ? .        3 
? phasing          ? ? ? ? ? ? ? ? ? ? ? HKL-2000 ? ? ? .        4 
# 
_cell.angle_alpha                  90.00 
_cell.angle_alpha_esd              ? 
_cell.angle_beta                   90.00 
_cell.angle_beta_esd               ? 
_cell.angle_gamma                  120.00 
_cell.angle_gamma_esd              ? 
_cell.entry_id                     5E5D 
_cell.details                      ? 
_cell.formula_units_Z              ? 
_cell.length_a                     58.968 
_cell.length_a_esd                 ? 
_cell.length_b                     58.968 
_cell.length_b_esd                 ? 
_cell.length_c                     266.285 
_cell.length_c_esd                 ? 
_cell.volume                       ? 
_cell.volume_esd                   ? 
_cell.Z_PDB                        12 
_cell.reciprocal_angle_alpha       ? 
_cell.reciprocal_angle_beta        ? 
_cell.reciprocal_angle_gamma       ? 
_cell.reciprocal_angle_alpha_esd   ? 
_cell.reciprocal_angle_beta_esd    ? 
_cell.reciprocal_angle_gamma_esd   ? 
_cell.reciprocal_length_a          ? 
_cell.reciprocal_length_b          ? 
_cell.reciprocal_length_c          ? 
_cell.reciprocal_length_a_esd      ? 
_cell.reciprocal_length_b_esd      ? 
_cell.reciprocal_length_c_esd      ? 
_cell.pdbx_unique_axis             ? 
# 
_symmetry.entry_id                         5E5D 
_symmetry.cell_setting                     ? 
_symmetry.Int_Tables_number                178 
_symmetry.space_group_name_Hall            ? 
_symmetry.space_group_name_H-M             'P 61 2 2' 
_symmetry.pdbx_full_space_group_name_H-M   ? 
# 
_exptl.absorpt_coefficient_mu     ? 
_exptl.absorpt_correction_T_max   ? 
_exptl.absorpt_correction_T_min   ? 
_exptl.absorpt_correction_type    ? 
_exptl.absorpt_process_details    ? 
_exptl.entry_id                   5E5D 
_exptl.crystals_number            1 
_exptl.details                    ? 
_exptl.method                     'X-RAY DIFFRACTION' 
_exptl.method_details             ? 
# 
_exptl_crystal.colour                      ? 
_exptl_crystal.density_diffrn              ? 
_exptl_crystal.density_Matthews            2.80 
_exptl_crystal.density_method              ? 
_exptl_crystal.density_percent_sol         56.14 
_exptl_crystal.description                 ? 
_exptl_crystal.F_000                       ? 
_exptl_crystal.id                          1 
_exptl_crystal.preparation                 ? 
_exptl_crystal.size_max                    ? 
_exptl_crystal.size_mid                    ? 
_exptl_crystal.size_min                    ? 
_exptl_crystal.size_rad                    ? 
_exptl_crystal.colour_lustre               ? 
_exptl_crystal.colour_modifier             ? 
_exptl_crystal.colour_primary              ? 
_exptl_crystal.density_meas                ? 
_exptl_crystal.density_meas_esd            ? 
_exptl_crystal.density_meas_gt             ? 
_exptl_crystal.density_meas_lt             ? 
_exptl_crystal.density_meas_temp           ? 
_exptl_crystal.density_meas_temp_esd       ? 
_exptl_crystal.density_meas_temp_gt        ? 
_exptl_crystal.density_meas_temp_lt        ? 
_exptl_crystal.pdbx_crystal_image_url      ? 
_exptl_crystal.pdbx_crystal_image_format   ? 
_exptl_crystal.pdbx_mosaicity              ? 
_exptl_crystal.pdbx_mosaicity_esd          ? 
# 
_exptl_crystal_grow.apparatus       ? 
_exptl_crystal_grow.atmosphere      ? 
_exptl_crystal_grow.crystal_id      1 
_exptl_crystal_grow.details         ? 
_exptl_crystal_grow.method          'VAPOR DIFFUSION, HANGING DROP' 
_exptl_crystal_grow.method_ref      ? 
_exptl_crystal_grow.pH              7.5 
_exptl_crystal_grow.pressure        ? 
_exptl_crystal_grow.pressure_esd    ? 
_exptl_crystal_grow.seeding         ? 
_exptl_crystal_grow.seeding_ref     ? 
_exptl_crystal_grow.temp            287 
_exptl_crystal_grow.temp_details    ? 
_exptl_crystal_grow.temp_esd        ? 
_exptl_crystal_grow.time            ? 
_exptl_crystal_grow.pdbx_details    '0.05M Cadmium sulfate, 0.1M HEPES, 2.0M Sodium acetate trihydrate, pH 7.5' 
_exptl_crystal_grow.pdbx_pH_range   ? 
# 
_diffrn.ambient_environment    ? 
_diffrn.ambient_temp           100 
_diffrn.ambient_temp_details   ? 
_diffrn.ambient_temp_esd       ? 
_diffrn.crystal_id             1 
_diffrn.crystal_support        ? 
_diffrn.crystal_treatment      ? 
_diffrn.details                ? 
_diffrn.id                     1 
_diffrn.ambient_pressure       ? 
_diffrn.ambient_pressure_esd   ? 
_diffrn.ambient_pressure_gt    ? 
_diffrn.ambient_pressure_lt    ? 
_diffrn.ambient_temp_gt        ? 
_diffrn.ambient_temp_lt        ? 
# 
_diffrn_detector.details                      ? 
_diffrn_detector.detector                     CCD 
_diffrn_detector.diffrn_id                    1 
_diffrn_detector.type                         'ADSC QUANTUM 210' 
_diffrn_detector.area_resol_mean              ? 
_diffrn_detector.dtime                        ? 
_diffrn_detector.pdbx_frames_total            ? 
_diffrn_detector.pdbx_collection_time_total   ? 
_diffrn_detector.pdbx_collection_date         2008-06-27 
# 
_diffrn_radiation.collimation                      ? 
_diffrn_radiation.diffrn_id                        1 
_diffrn_radiation.filter_edge                      ? 
_diffrn_radiation.inhomogeneity                    ? 
_diffrn_radiation.monochromator                    ? 
_diffrn_radiation.polarisn_norm                    ? 
_diffrn_radiation.polarisn_ratio                   ? 
_diffrn_radiation.probe                            ? 
_diffrn_radiation.type                             ? 
_diffrn_radiation.xray_symbol                      ? 
_diffrn_radiation.wavelength_id                    1 
_diffrn_radiation.pdbx_monochromatic_or_laue_m_l   M 
_diffrn_radiation.pdbx_wavelength_list             ? 
_diffrn_radiation.pdbx_wavelength                  ? 
_diffrn_radiation.pdbx_diffrn_protocol             'SINGLE WAVELENGTH' 
_diffrn_radiation.pdbx_analyzer                    ? 
_diffrn_radiation.pdbx_scattering_type             x-ray 
# 
_diffrn_radiation_wavelength.id           1 
_diffrn_radiation_wavelength.wavelength   1.00000 
_diffrn_radiation_wavelength.wt           1.0 
# 
_diffrn_source.current                     ? 
_diffrn_source.details                     ? 
_diffrn_source.diffrn_id                   1 
_diffrn_source.power                       ? 
_diffrn_source.size                        ? 
_diffrn_source.source                      SYNCHROTRON 
_diffrn_source.target                      ? 
_diffrn_source.type                        'PAL/PLS BEAMLINE 7A (6B, 6C1)' 
_diffrn_source.voltage                     ? 
_diffrn_source.take-off_angle              ? 
_diffrn_source.pdbx_wavelength_list        1.00000 
_diffrn_source.pdbx_wavelength             ? 
_diffrn_source.pdbx_synchrotron_beamline   '7A (6B, 6C1)' 
_diffrn_source.pdbx_synchrotron_site       PAL/PLS 
# 
_reflns.B_iso_Wilson_estimate            ? 
_reflns.entry_id                         5E5D 
_reflns.data_reduction_details           ? 
_reflns.data_reduction_method            ? 
_reflns.d_resolution_high                2.6 
_reflns.d_resolution_low                 50 
_reflns.details                          ? 
_reflns.limit_h_max                      ? 
_reflns.limit_h_min                      ? 
_reflns.limit_k_max                      ? 
_reflns.limit_k_min                      ? 
_reflns.limit_l_max                      ? 
_reflns.limit_l_min                      ? 
_reflns.number_all                       ? 
_reflns.number_obs                       9011 
_reflns.observed_criterion               ? 
_reflns.observed_criterion_F_max         ? 
_reflns.observed_criterion_F_min         ? 
_reflns.observed_criterion_I_max         ? 
_reflns.observed_criterion_I_min         ? 
_reflns.observed_criterion_sigma_F       ? 
_reflns.observed_criterion_sigma_I       ? 
_reflns.percent_possible_obs             96.9 
_reflns.R_free_details                   ? 
_reflns.Rmerge_F_all                     ? 
_reflns.Rmerge_F_obs                     ? 
_reflns.Friedel_coverage                 ? 
_reflns.number_gt                        ? 
_reflns.threshold_expression             ? 
_reflns.pdbx_redundancy                  9.6 
_reflns.pdbx_Rmerge_I_obs                ? 
_reflns.pdbx_Rmerge_I_all                ? 
_reflns.pdbx_Rsym_value                  ? 
_reflns.pdbx_netI_over_av_sigmaI         ? 
_reflns.pdbx_netI_over_sigmaI            22.5 
_reflns.pdbx_res_netI_over_av_sigmaI_2   ? 
_reflns.pdbx_res_netI_over_sigmaI_2      ? 
_reflns.pdbx_chi_squared                 ? 
_reflns.pdbx_scaling_rejects             ? 
_reflns.pdbx_d_res_high_opt              ? 
_reflns.pdbx_d_res_low_opt               ? 
_reflns.pdbx_d_res_opt_method            ? 
_reflns.phase_calculation_details        ? 
_reflns.pdbx_Rrim_I_all                  ? 
_reflns.pdbx_Rpim_I_all                  ? 
_reflns.pdbx_d_opt                       ? 
_reflns.pdbx_number_measured_all         ? 
_reflns.pdbx_diffrn_id                   1 
_reflns.pdbx_ordinal                     1 
_reflns.pdbx_CC_half                     ? 
_reflns.pdbx_R_split                     ? 
# 
_reflns_shell.Rmerge_F_all                ? 
_reflns_shell.Rmerge_F_gt                 ? 
_reflns_shell.Rmerge_F_obs                ? 
_reflns_shell.Rmerge_I_all                ? 
_reflns_shell.Rmerge_I_gt                 ? 
_reflns_shell.Rmerge_I_obs                0.44 
_reflns_shell.d_res_high                  2.60 
_reflns_shell.d_res_low                   2.69 
_reflns_shell.meanI_over_sigI_all         ? 
_reflns_shell.meanI_over_sigI_gt          ? 
_reflns_shell.meanI_over_sigI_obs         6.6 
_reflns_shell.meanI_over_uI_all           ? 
_reflns_shell.meanI_over_uI_gt            ? 
_reflns_shell.number_measured_all         ? 
_reflns_shell.number_measured_gt          ? 
_reflns_shell.number_measured_obs         ? 
_reflns_shell.number_possible             ? 
_reflns_shell.number_unique_all           ? 
_reflns_shell.number_unique_gt            ? 
_reflns_shell.number_unique_obs           ? 
_reflns_shell.pdbx_CC_half                ? 
_reflns_shell.pdbx_R_split                ? 
_reflns_shell.pdbx_Rpim_I_all             ? 
_reflns_shell.pdbx_Rrim_I_all             ? 
_reflns_shell.pdbx_Rsym_value             ? 
_reflns_shell.pdbx_chi_squared            ? 
_reflns_shell.pdbx_diffrn_id              1 
_reflns_shell.pdbx_netI_over_sigmaI_all   ? 
_reflns_shell.pdbx_netI_over_sigmaI_obs   ? 
_reflns_shell.pdbx_ordinal                1 
_reflns_shell.pdbx_redundancy             9.8 
_reflns_shell.pdbx_rejects                ? 
_reflns_shell.percent_possible_all        97.4 
_reflns_shell.percent_possible_gt         ? 
_reflns_shell.percent_possible_obs        ? 
# 
_refine.aniso_B[1][1]                            -0.00 
_refine.aniso_B[1][2]                            -0.00 
_refine.aniso_B[1][3]                            0.00 
_refine.aniso_B[2][2]                            -0.00 
_refine.aniso_B[2][3]                            0.00 
_refine.aniso_B[3][3]                            0.01 
_refine.B_iso_max                                ? 
_refine.B_iso_mean                               30.562 
_refine.B_iso_min                                ? 
_refine.correlation_coeff_Fo_to_Fc               0.940 
_refine.correlation_coeff_Fo_to_Fc_free          0.911 
_refine.details                                  'HYDROGENS HAVE BEEN USED IF PRESENT IN THE INPUT' 
_refine.diff_density_max                         ? 
_refine.diff_density_max_esd                     ? 
_refine.diff_density_min                         ? 
_refine.diff_density_min_esd                     ? 
_refine.diff_density_rms                         ? 
_refine.diff_density_rms_esd                     ? 
_refine.entry_id                                 5E5D 
_refine.pdbx_refine_id                           'X-RAY DIFFRACTION' 
_refine.ls_abs_structure_details                 ? 
_refine.ls_abs_structure_Flack                   ? 
_refine.ls_abs_structure_Flack_esd               ? 
_refine.ls_abs_structure_Rogers                  ? 
_refine.ls_abs_structure_Rogers_esd              ? 
_refine.ls_d_res_high                            2.60 
_refine.ls_d_res_low                             30.40 
_refine.ls_extinction_coef                       ? 
_refine.ls_extinction_coef_esd                   ? 
_refine.ls_extinction_expression                 ? 
_refine.ls_extinction_method                     ? 
_refine.ls_goodness_of_fit_all                   ? 
_refine.ls_goodness_of_fit_all_esd               ? 
_refine.ls_goodness_of_fit_obs                   ? 
_refine.ls_goodness_of_fit_obs_esd               ? 
_refine.ls_hydrogen_treatment                    ? 
_refine.ls_matrix_type                           ? 
_refine.ls_number_constraints                    ? 
_refine.ls_number_parameters                     ? 
_refine.ls_number_reflns_all                     ? 
_refine.ls_number_reflns_obs                     8502 
_refine.ls_number_reflns_R_free                  422 
_refine.ls_number_reflns_R_work                  ? 
_refine.ls_number_restraints                     ? 
_refine.ls_percent_reflns_obs                    96.78 
_refine.ls_percent_reflns_R_free                 4.7 
_refine.ls_R_factor_all                          ? 
_refine.ls_R_factor_obs                          0.18981 
_refine.ls_R_factor_R_free                       0.24020 
_refine.ls_R_factor_R_free_error                 ? 
_refine.ls_R_factor_R_free_error_details         ? 
_refine.ls_R_factor_R_work                       0.18732 
_refine.ls_R_Fsqd_factor_obs                     ? 
_refine.ls_R_I_factor_obs                        ? 
_refine.ls_redundancy_reflns_all                 ? 
_refine.ls_redundancy_reflns_obs                 ? 
_refine.ls_restrained_S_all                      ? 
_refine.ls_restrained_S_obs                      ? 
_refine.ls_shift_over_esd_max                    ? 
_refine.ls_shift_over_esd_mean                   ? 
_refine.ls_structure_factor_coef                 ? 
_refine.ls_weighting_details                     ? 
_refine.ls_weighting_scheme                      ? 
_refine.ls_wR_factor_all                         ? 
_refine.ls_wR_factor_obs                         ? 
_refine.ls_wR_factor_R_free                      ? 
_refine.ls_wR_factor_R_work                      ? 
_refine.occupancy_max                            ? 
_refine.occupancy_min                            ? 
_refine.solvent_model_details                    MASK 
_refine.solvent_model_param_bsol                 ? 
_refine.solvent_model_param_ksol                 ? 
_refine.ls_R_factor_gt                           ? 
_refine.ls_goodness_of_fit_gt                    ? 
_refine.ls_goodness_of_fit_ref                   ? 
_refine.ls_shift_over_su_max                     ? 
_refine.ls_shift_over_su_max_lt                  ? 
_refine.ls_shift_over_su_mean                    ? 
_refine.ls_shift_over_su_mean_lt                 ? 
_refine.pdbx_ls_sigma_I                          ? 
_refine.pdbx_ls_sigma_F                          ? 
_refine.pdbx_ls_sigma_Fsqd                       ? 
_refine.pdbx_data_cutoff_high_absF               ? 
_refine.pdbx_data_cutoff_high_rms_absF           ? 
_refine.pdbx_data_cutoff_low_absF                ? 
_refine.pdbx_isotropic_thermal_model             ? 
_refine.pdbx_ls_cross_valid_method               THROUGHOUT 
_refine.pdbx_method_to_determine_struct          'MOLECULAR REPLACEMENT' 
_refine.pdbx_starting_model                      1sv2 
_refine.pdbx_stereochemistry_target_values       'MAXIMUM LIKELIHOOD' 
_refine.pdbx_R_Free_selection_details            RANDOM 
_refine.pdbx_stereochem_target_val_spec_case     ? 
_refine.pdbx_overall_ESU_R                       0.368 
_refine.pdbx_overall_ESU_R_Free                  0.265 
_refine.pdbx_solvent_vdw_probe_radii             1.20 
_refine.pdbx_solvent_ion_probe_radii             0.80 
_refine.pdbx_solvent_shrinkage_radii             0.80 
_refine.pdbx_real_space_R                        ? 
_refine.pdbx_density_correlation                 ? 
_refine.pdbx_pd_number_of_powder_patterns        ? 
_refine.pdbx_pd_number_of_points                 ? 
_refine.pdbx_pd_meas_number_of_points            ? 
_refine.pdbx_pd_proc_ls_prof_R_factor            ? 
_refine.pdbx_pd_proc_ls_prof_wR_factor           ? 
_refine.pdbx_pd_Marquardt_correlation_coeff      ? 
_refine.pdbx_pd_Fsqrd_R_factor                   ? 
_refine.pdbx_pd_ls_matrix_band_width             ? 
_refine.pdbx_overall_phase_error                 ? 
_refine.pdbx_overall_SU_R_free_Cruickshank_DPI   ? 
_refine.pdbx_overall_SU_R_free_Blow_DPI          ? 
_refine.pdbx_overall_SU_R_Blow_DPI               ? 
_refine.pdbx_TLS_residual_ADP_flag               ? 
_refine.pdbx_diffrn_id                           1 
_refine.overall_SU_B                             8.047 
_refine.overall_SU_ML                            0.173 
_refine.overall_SU_R_Cruickshank_DPI             ? 
_refine.overall_SU_R_free                        ? 
_refine.overall_FOM_free_R_set                   ? 
_refine.overall_FOM_work_R_set                   ? 
_refine.pdbx_average_fsc_overall                 ? 
_refine.pdbx_average_fsc_work                    ? 
_refine.pdbx_average_fsc_free                    ? 
# 
_refine_hist.pdbx_refine_id                   'X-RAY DIFFRACTION' 
_refine_hist.cycle_id                         1 
_refine_hist.pdbx_number_atoms_protein        1335 
_refine_hist.pdbx_number_atoms_nucleic_acid   0 
_refine_hist.pdbx_number_atoms_ligand         3 
_refine_hist.number_atoms_solvent             116 
_refine_hist.number_atoms_total               1454 
_refine_hist.d_res_high                       2.60 
_refine_hist.d_res_low                        30.40 
# 
loop_
_refine_ls_restr.pdbx_refine_id 
_refine_ls_restr.criterion 
_refine_ls_restr.dev_ideal 
_refine_ls_restr.dev_ideal_target 
_refine_ls_restr.number 
_refine_ls_restr.rejects 
_refine_ls_restr.type 
_refine_ls_restr.weight 
_refine_ls_restr.pdbx_restraint_function 
'X-RAY DIFFRACTION' ? 0.015  0.019  1374 ? r_bond_refined_d             ? ? 
'X-RAY DIFFRACTION' ? ?      ?      ?    ? r_bond_other_d               ? ? 
'X-RAY DIFFRACTION' ? 1.913  1.966  1855 ? r_angle_refined_deg          ? ? 
'X-RAY DIFFRACTION' ? ?      ?      ?    ? r_angle_other_deg            ? ? 
'X-RAY DIFFRACTION' ? 7.985  5.000  169  ? r_dihedral_angle_1_deg       ? ? 
'X-RAY DIFFRACTION' ? 33.446 22.899 69   ? r_dihedral_angle_2_deg       ? ? 
'X-RAY DIFFRACTION' ? 17.683 15.000 215  ? r_dihedral_angle_3_deg       ? ? 
'X-RAY DIFFRACTION' ? 20.912 15.000 14   ? r_dihedral_angle_4_deg       ? ? 
'X-RAY DIFFRACTION' ? 0.155  0.200  198  ? r_chiral_restr               ? ? 
'X-RAY DIFFRACTION' ? 0.009  0.021  1078 ? r_gen_planes_refined         ? ? 
'X-RAY DIFFRACTION' ? ?      ?      ?    ? r_gen_planes_other           ? ? 
'X-RAY DIFFRACTION' ? ?      ?      ?    ? r_nbd_refined                ? ? 
'X-RAY DIFFRACTION' ? ?      ?      ?    ? r_nbd_other                  ? ? 
'X-RAY DIFFRACTION' ? ?      ?      ?    ? r_nbtor_refined              ? ? 
'X-RAY DIFFRACTION' ? ?      ?      ?    ? r_nbtor_other                ? ? 
'X-RAY DIFFRACTION' ? ?      ?      ?    ? r_xyhbond_nbd_refined        ? ? 
'X-RAY DIFFRACTION' ? ?      ?      ?    ? r_xyhbond_nbd_other          ? ? 
'X-RAY DIFFRACTION' ? ?      ?      ?    ? r_metal_ion_refined          ? ? 
'X-RAY DIFFRACTION' ? ?      ?      ?    ? r_metal_ion_other            ? ? 
'X-RAY DIFFRACTION' ? ?      ?      ?    ? r_symmetry_vdw_refined       ? ? 
'X-RAY DIFFRACTION' ? ?      ?      ?    ? r_symmetry_vdw_other         ? ? 
'X-RAY DIFFRACTION' ? ?      ?      ?    ? r_symmetry_hbond_refined     ? ? 
'X-RAY DIFFRACTION' ? ?      ?      ?    ? r_symmetry_hbond_other       ? ? 
'X-RAY DIFFRACTION' ? ?      ?      ?    ? r_symmetry_metal_ion_refined ? ? 
'X-RAY DIFFRACTION' ? ?      ?      ?    ? r_symmetry_metal_ion_other   ? ? 
'X-RAY DIFFRACTION' ? 2.259  2.928  678  ? r_mcbond_it                  ? ? 
'X-RAY DIFFRACTION' ? ?      ?      ?    ? r_mcbond_other               ? ? 
'X-RAY DIFFRACTION' ? 3.409  4.373  847  ? r_mcangle_it                 ? ? 
'X-RAY DIFFRACTION' ? ?      ?      ?    ? r_mcangle_other              ? ? 
'X-RAY DIFFRACTION' ? 3.397  3.158  695  ? r_scbond_it                  ? ? 
'X-RAY DIFFRACTION' ? ?      ?      ?    ? r_scbond_other               ? ? 
'X-RAY DIFFRACTION' ? ?      ?      ?    ? r_scangle_it                 ? ? 
'X-RAY DIFFRACTION' ? ?      ?      ?    ? r_scangle_other              ? ? 
'X-RAY DIFFRACTION' ? 6.897  25.177 2221 ? r_long_range_B_refined       ? ? 
'X-RAY DIFFRACTION' ? ?      ?      ?    ? r_long_range_B_other         ? ? 
'X-RAY DIFFRACTION' ? ?      ?      ?    ? r_rigid_bond_restr           ? ? 
'X-RAY DIFFRACTION' ? ?      ?      ?    ? r_sphericity_free            ? ? 
'X-RAY DIFFRACTION' ? ?      ?      ?    ? r_sphericity_bonded          ? ? 
# 
_refine_ls_shell.pdbx_refine_id                   'X-RAY DIFFRACTION' 
_refine_ls_shell.d_res_high                       2.601 
_refine_ls_shell.d_res_low                        2.668 
_refine_ls_shell.number_reflns_all                ? 
_refine_ls_shell.number_reflns_obs                ? 
_refine_ls_shell.number_reflns_R_free             29 
_refine_ls_shell.number_reflns_R_work             606 
_refine_ls_shell.percent_reflns_obs               97.24 
_refine_ls_shell.percent_reflns_R_free            ? 
_refine_ls_shell.R_factor_all                     ? 
_refine_ls_shell.R_factor_obs                     ? 
_refine_ls_shell.R_factor_R_free                  0.286 
_refine_ls_shell.R_factor_R_free_error            ? 
_refine_ls_shell.R_factor_R_work                  0.221 
_refine_ls_shell.redundancy_reflns_all            ? 
_refine_ls_shell.redundancy_reflns_obs            ? 
_refine_ls_shell.wR_factor_all                    ? 
_refine_ls_shell.wR_factor_obs                    ? 
_refine_ls_shell.wR_factor_R_free                 ? 
_refine_ls_shell.wR_factor_R_work                 ? 
_refine_ls_shell.pdbx_total_number_of_bins_used   20 
_refine_ls_shell.pdbx_phase_error                 ? 
_refine_ls_shell.pdbx_fsc_work                    ? 
_refine_ls_shell.pdbx_fsc_free                    ? 
# 
_struct.entry_id                     5E5D 
_struct.title                        'Native structure of Xoo1075, a peptide deformylase from Xanthomonas oryzae pv. oryzae' 
_struct.pdbx_model_details           ? 
_struct.pdbx_formula_weight          ? 
_struct.pdbx_formula_weight_method   ? 
_struct.pdbx_model_type_details      ? 
_struct.pdbx_CASP_flag               ? 
# 
_struct_keywords.entry_id        5E5D 
_struct_keywords.text            'HYDROLASE, peptide deformylase, metal binding protein' 
_struct_keywords.pdbx_keywords   HYDROLASE 
# 
loop_
_struct_asym.id 
_struct_asym.pdbx_blank_PDB_chainid_flag 
_struct_asym.pdbx_modified 
_struct_asym.entity_id 
_struct_asym.details 
A N N 1 ? 
B N N 2 ? 
C N N 2 ? 
D N N 2 ? 
E N N 3 ? 
# 
_struct_ref.id                         1 
_struct_ref.db_name                    UNP 
_struct_ref.db_code                    Q5H3Z2_XANOR 
_struct_ref.pdbx_db_accession          Q5H3Z2 
_struct_ref.pdbx_db_isoform            ? 
_struct_ref.entity_id                  1 
_struct_ref.pdbx_seq_one_letter_code   
;MSVPITRSLQFLRAVHSWLKIARLRSGSYSKLHVTIFRSTPMIRDIIRMGDKRLLRVAPQVTNLGSAELHALVSDMFETM
GAAHGVGLAAPQIAVDLQLMVFGFEASERYPEAPAVPLTALANAQIEPLSDEMENGWEGCLSIPGLRAVIPRYRYIRYRG
FAPDGSPIEREAEGFHARVVQHEYDHLVGRLYPSRIENFDTFGFDDVLSYDL
;
_struct_ref.pdbx_align_begin           1 
# 
_struct_ref_seq.align_id                      1 
_struct_ref_seq.ref_id                        1 
_struct_ref_seq.pdbx_PDB_id_code              5E5D 
_struct_ref_seq.pdbx_strand_id                A 
_struct_ref_seq.seq_align_beg                 1 
_struct_ref_seq.pdbx_seq_align_beg_ins_code   ? 
_struct_ref_seq.seq_align_end                 212 
_struct_ref_seq.pdbx_seq_align_end_ins_code   ? 
_struct_ref_seq.pdbx_db_accession             Q5H3Z2 
_struct_ref_seq.db_align_beg                  1 
_struct_ref_seq.pdbx_db_align_beg_ins_code    ? 
_struct_ref_seq.db_align_end                  212 
_struct_ref_seq.pdbx_db_align_end_ins_code    ? 
_struct_ref_seq.pdbx_auth_seq_align_beg       -40 
_struct_ref_seq.pdbx_auth_seq_align_end       171 
# 
_pdbx_struct_assembly.id                   1 
_pdbx_struct_assembly.details              author_and_software_defined_assembly 
_pdbx_struct_assembly.method_details       PISA 
_pdbx_struct_assembly.oligomeric_details   dimeric 
_pdbx_struct_assembly.oligomeric_count     2 
# 
loop_
_pdbx_struct_assembly_prop.biol_id 
_pdbx_struct_assembly_prop.type 
_pdbx_struct_assembly_prop.value 
_pdbx_struct_assembly_prop.details 
1 'ABSA (A^2)' 2510  ? 
1 MORE         -50   ? 
1 'SSA (A^2)'  15680 ? 
# 
_pdbx_struct_assembly_gen.assembly_id       1 
_pdbx_struct_assembly_gen.oper_expression   1,2 
_pdbx_struct_assembly_gen.asym_id_list      A,B,C,D,E 
# 
loop_
_pdbx_struct_oper_list.id 
_pdbx_struct_oper_list.type 
_pdbx_struct_oper_list.name 
_pdbx_struct_oper_list.symmetry_operation 
_pdbx_struct_oper_list.matrix[1][1] 
_pdbx_struct_oper_list.matrix[1][2] 
_pdbx_struct_oper_list.matrix[1][3] 
_pdbx_struct_oper_list.vector[1] 
_pdbx_struct_oper_list.matrix[2][1] 
_pdbx_struct_oper_list.matrix[2][2] 
_pdbx_struct_oper_list.matrix[2][3] 
_pdbx_struct_oper_list.vector[2] 
_pdbx_struct_oper_list.matrix[3][1] 
_pdbx_struct_oper_list.matrix[3][2] 
_pdbx_struct_oper_list.matrix[3][3] 
_pdbx_struct_oper_list.vector[3] 
1 'identity operation'         1_555 x,y,z     1.0000000000  0.0000000000  0.0000000000  0.0000000000  0.0000000000  1.0000000000 0.0000000000 0.0000000000 0.0000000000  0.0000000000 1.0000000000  0.0000000000   
2 'crystal symmetry operation' 8_555 x-y,-y,-z -0.9462185653 -0.3139332362 -0.0782070961 12.4892261241 -0.3139332362 0.8324925200 0.4565108184 9.9477977243 -0.0782070961 0.4565108184 -0.8862739547 -31.3431383624 
# 
loop_
_struct_conf.conf_type_id 
_struct_conf.id 
_struct_conf.pdbx_PDB_helix_id 
_struct_conf.beg_label_comp_id 
_struct_conf.beg_label_asym_id 
_struct_conf.beg_label_seq_id 
_struct_conf.pdbx_beg_PDB_ins_code 
_struct_conf.end_label_comp_id 
_struct_conf.end_label_asym_id 
_struct_conf.end_label_seq_id 
_struct_conf.pdbx_end_PDB_ins_code 
_struct_conf.beg_auth_comp_id 
_struct_conf.beg_auth_asym_id 
_struct_conf.beg_auth_seq_id 
_struct_conf.end_auth_comp_id 
_struct_conf.end_auth_asym_id 
_struct_conf.end_auth_seq_id 
_struct_conf.pdbx_PDB_helix_class 
_struct_conf.details 
_struct_conf.pdbx_PDB_helix_length 
HELX_P HELX_P1 AA1 ASP A 51  ? ARG A 56  ? ASP A 10  ARG A 15  5 ? 6  
HELX_P HELX_P2 AA2 SER A 66  ? ALA A 83  ? SER A 25  ALA A 42  1 ? 18 
HELX_P HELX_P3 AA3 PRO A 91  ? ALA A 94  ? PRO A 50  ALA A 53  5 ? 4  
HELX_P HELX_P4 AA4 GLY A 174 ? VAL A 188 ? GLY A 133 VAL A 147 1 ? 15 
HELX_P HELX_P5 AA5 LEU A 191 ? ILE A 196 ? LEU A 150 ILE A 155 5 ? 6  
HELX_P HELX_P6 AA6 ASN A 198 ? PHE A 202 ? ASN A 157 PHE A 161 5 ? 5  
# 
_struct_conf_type.id          HELX_P 
_struct_conf_type.criteria    ? 
_struct_conf_type.reference   ? 
# 
loop_
_struct_conn.id 
_struct_conn.conn_type_id 
_struct_conn.pdbx_leaving_atom_flag 
_struct_conn.pdbx_PDB_id 
_struct_conn.ptnr1_label_asym_id 
_struct_conn.ptnr1_label_comp_id 
_struct_conn.ptnr1_label_seq_id 
_struct_conn.ptnr1_label_atom_id 
_struct_conn.pdbx_ptnr1_label_alt_id 
_struct_conn.pdbx_ptnr1_PDB_ins_code 
_struct_conn.pdbx_ptnr1_standard_comp_id 
_struct_conn.ptnr1_symmetry 
_struct_conn.ptnr2_label_asym_id 
_struct_conn.ptnr2_label_comp_id 
_struct_conn.ptnr2_label_seq_id 
_struct_conn.ptnr2_label_atom_id 
_struct_conn.pdbx_ptnr2_label_alt_id 
_struct_conn.pdbx_ptnr2_PDB_ins_code 
_struct_conn.ptnr1_auth_asym_id 
_struct_conn.ptnr1_auth_comp_id 
_struct_conn.ptnr1_auth_seq_id 
_struct_conn.ptnr2_auth_asym_id 
_struct_conn.ptnr2_auth_comp_id 
_struct_conn.ptnr2_auth_seq_id 
_struct_conn.ptnr2_symmetry 
_struct_conn.pdbx_ptnr3_label_atom_id 
_struct_conn.pdbx_ptnr3_label_seq_id 
_struct_conn.pdbx_ptnr3_label_comp_id 
_struct_conn.pdbx_ptnr3_label_asym_id 
_struct_conn.pdbx_ptnr3_label_alt_id 
_struct_conn.pdbx_ptnr3_PDB_ins_code 
_struct_conn.details 
_struct_conn.pdbx_dist_value 
_struct_conn.pdbx_value_order 
_struct_conn.pdbx_role 
metalc1  metalc ? ? A GLU 78  OE2 ? ? ? 1_555 D CD  . CD ? ? A GLU 37  A CD  203 8_445 ? ? ? ? ? ? ? 2.356 ? ? 
metalc2  metalc ? ? A HIS 84  NE2 ? ? ? 1_555 B CD  . CD ? ? A HIS 43  A CD  201 8_445 ? ? ? ? ? ? ? 2.198 ? ? 
metalc3  metalc ? ? A CYS 140 SG  ? ? ? 1_555 C CD  . CD ? ? A CYS 99  A CD  202 1_555 ? ? ? ? ? ? ? 2.395 ? ? 
metalc4  metalc ? ? A GLU 169 OE1 ? ? ? 1_555 B CD  . CD ? ? A GLU 128 A CD  201 1_555 ? ? ? ? ? ? ? 2.220 ? ? 
metalc5  metalc ? ? A GLU 171 OE1 ? ? ? 1_555 B CD  . CD ? ? A GLU 130 A CD  201 1_555 ? ? ? ? ? ? ? 2.693 ? ? 
metalc6  metalc ? ? A GLU 171 OE2 ? ? ? 1_555 B CD  . CD ? ? A GLU 130 A CD  201 1_555 ? ? ? ? ? ? ? 2.197 ? ? 
metalc7  metalc ? ? A GLU 173 OE1 ? ? ? 1_555 D CD  . CD ? ? A GLU 132 A CD  203 1_555 ? ? ? ? ? ? ? 2.169 ? ? 
metalc8  metalc ? ? A HIS 182 NE2 ? ? ? 1_555 C CD  . CD ? ? A HIS 141 A CD  202 1_555 ? ? ? ? ? ? ? 2.255 ? ? 
metalc9  metalc ? ? A HIS 186 NE2 ? ? ? 1_555 C CD  . CD ? ? A HIS 145 A CD  202 1_555 ? ? ? ? ? ? ? 2.271 ? ? 
metalc10 metalc ? ? B CD  .   CD  ? ? ? 1_555 E HOH . O  ? ? A CD  201 A HOH 302 1_555 ? ? ? ? ? ? ? 2.048 ? ? 
metalc11 metalc ? ? B CD  .   CD  ? ? ? 1_555 E HOH . O  ? ? A CD  201 A HOH 320 1_555 ? ? ? ? ? ? ? 2.206 ? ? 
metalc12 metalc ? ? C CD  .   CD  ? ? ? 1_555 E HOH . O  ? ? A CD  202 A HOH 310 1_555 ? ? ? ? ? ? ? 2.158 ? ? 
metalc13 metalc ? ? D CD  .   CD  ? ? ? 1_555 E HOH . O  ? ? A CD  203 A HOH 338 1_555 ? ? ? ? ? ? ? 2.630 ? ? 
# 
_struct_conn_type.id          metalc 
_struct_conn_type.criteria    ? 
_struct_conn_type.reference   ? 
# 
loop_
_pdbx_struct_conn_angle.id 
_pdbx_struct_conn_angle.ptnr1_label_atom_id 
_pdbx_struct_conn_angle.ptnr1_label_alt_id 
_pdbx_struct_conn_angle.ptnr1_label_asym_id 
_pdbx_struct_conn_angle.ptnr1_label_comp_id 
_pdbx_struct_conn_angle.ptnr1_label_seq_id 
_pdbx_struct_conn_angle.ptnr1_auth_atom_id 
_pdbx_struct_conn_angle.ptnr1_auth_asym_id 
_pdbx_struct_conn_angle.ptnr1_auth_comp_id 
_pdbx_struct_conn_angle.ptnr1_auth_seq_id 
_pdbx_struct_conn_angle.ptnr1_PDB_ins_code 
_pdbx_struct_conn_angle.ptnr1_symmetry 
_pdbx_struct_conn_angle.ptnr2_label_atom_id 
_pdbx_struct_conn_angle.ptnr2_label_alt_id 
_pdbx_struct_conn_angle.ptnr2_label_asym_id 
_pdbx_struct_conn_angle.ptnr2_label_comp_id 
_pdbx_struct_conn_angle.ptnr2_label_seq_id 
_pdbx_struct_conn_angle.ptnr2_auth_atom_id 
_pdbx_struct_conn_angle.ptnr2_auth_asym_id 
_pdbx_struct_conn_angle.ptnr2_auth_comp_id 
_pdbx_struct_conn_angle.ptnr2_auth_seq_id 
_pdbx_struct_conn_angle.ptnr2_PDB_ins_code 
_pdbx_struct_conn_angle.ptnr2_symmetry 
_pdbx_struct_conn_angle.ptnr3_label_atom_id 
_pdbx_struct_conn_angle.ptnr3_label_alt_id 
_pdbx_struct_conn_angle.ptnr3_label_asym_id 
_pdbx_struct_conn_angle.ptnr3_label_comp_id 
_pdbx_struct_conn_angle.ptnr3_label_seq_id 
_pdbx_struct_conn_angle.ptnr3_auth_atom_id 
_pdbx_struct_conn_angle.ptnr3_auth_asym_id 
_pdbx_struct_conn_angle.ptnr3_auth_comp_id 
_pdbx_struct_conn_angle.ptnr3_auth_seq_id 
_pdbx_struct_conn_angle.ptnr3_PDB_ins_code 
_pdbx_struct_conn_angle.ptnr3_symmetry 
_pdbx_struct_conn_angle.value 
_pdbx_struct_conn_angle.value_esd 
1  OE2 ? A GLU 78  ? A GLU 37  ? 1_555 CD ? D CD . ? A CD 203 ? 8_445 OE1 ? A GLU 173 ? A GLU 132 ? 1_555 28.6  ? 
2  OE2 ? A GLU 78  ? A GLU 37  ? 1_555 CD ? D CD . ? A CD 203 ? 8_445 O   ? E HOH .   ? A HOH 338 ? 1_555 27.2  ? 
3  OE1 ? A GLU 173 ? A GLU 132 ? 1_555 CD ? D CD . ? A CD 203 ? 8_445 O   ? E HOH .   ? A HOH 338 ? 1_555 1.5   ? 
4  NE2 ? A HIS 84  ? A HIS 43  ? 1_555 CD ? B CD . ? A CD 201 ? 8_445 OE1 ? A GLU 169 ? A GLU 128 ? 1_555 50.6  ? 
5  NE2 ? A HIS 84  ? A HIS 43  ? 1_555 CD ? B CD . ? A CD 201 ? 8_445 OE1 ? A GLU 171 ? A GLU 130 ? 1_555 45.1  ? 
6  OE1 ? A GLU 169 ? A GLU 128 ? 1_555 CD ? B CD . ? A CD 201 ? 8_445 OE1 ? A GLU 171 ? A GLU 130 ? 1_555 6.1   ? 
7  NE2 ? A HIS 84  ? A HIS 43  ? 1_555 CD ? B CD . ? A CD 201 ? 8_445 OE2 ? A GLU 171 ? A GLU 130 ? 1_555 47.1  ? 
8  OE1 ? A GLU 169 ? A GLU 128 ? 1_555 CD ? B CD . ? A CD 201 ? 8_445 OE2 ? A GLU 171 ? A GLU 130 ? 1_555 7.0   ? 
9  OE1 ? A GLU 171 ? A GLU 130 ? 1_555 CD ? B CD . ? A CD 201 ? 8_445 OE2 ? A GLU 171 ? A GLU 130 ? 1_555 3.8   ? 
10 NE2 ? A HIS 84  ? A HIS 43  ? 1_555 CD ? B CD . ? A CD 201 ? 8_445 O   ? E HOH .   ? A HOH 302 ? 1_555 49.9  ? 
11 OE1 ? A GLU 169 ? A GLU 128 ? 1_555 CD ? B CD . ? A CD 201 ? 8_445 O   ? E HOH .   ? A HOH 302 ? 1_555 6.7   ? 
12 OE1 ? A GLU 171 ? A GLU 130 ? 1_555 CD ? B CD . ? A CD 201 ? 8_445 O   ? E HOH .   ? A HOH 302 ? 1_555 6.1   ? 
13 OE2 ? A GLU 171 ? A GLU 130 ? 1_555 CD ? B CD . ? A CD 201 ? 8_445 O   ? E HOH .   ? A HOH 302 ? 1_555 2.8   ? 
14 NE2 ? A HIS 84  ? A HIS 43  ? 1_555 CD ? B CD . ? A CD 201 ? 8_445 O   ? E HOH .   ? A HOH 320 ? 1_555 51.4  ? 
15 OE1 ? A GLU 169 ? A GLU 128 ? 1_555 CD ? B CD . ? A CD 201 ? 8_445 O   ? E HOH .   ? A HOH 320 ? 1_555 5.4   ? 
16 OE1 ? A GLU 171 ? A GLU 130 ? 1_555 CD ? B CD . ? A CD 201 ? 8_445 O   ? E HOH .   ? A HOH 320 ? 1_555 6.7   ? 
17 OE2 ? A GLU 171 ? A GLU 130 ? 1_555 CD ? B CD . ? A CD 201 ? 8_445 O   ? E HOH .   ? A HOH 320 ? 1_555 4.4   ? 
18 O   ? E HOH .   ? A HOH 302 ? 1_555 CD ? B CD . ? A CD 201 ? 8_445 O   ? E HOH .   ? A HOH 320 ? 1_555 2.0   ? 
19 SG  ? A CYS 140 ? A CYS 99  ? 1_555 CD ? C CD . ? A CD 202 ? 1_555 NE2 ? A HIS 182 ? A HIS 141 ? 1_555 121.6 ? 
20 SG  ? A CYS 140 ? A CYS 99  ? 1_555 CD ? C CD . ? A CD 202 ? 1_555 NE2 ? A HIS 186 ? A HIS 145 ? 1_555 100.3 ? 
21 NE2 ? A HIS 182 ? A HIS 141 ? 1_555 CD ? C CD . ? A CD 202 ? 1_555 NE2 ? A HIS 186 ? A HIS 145 ? 1_555 100.2 ? 
22 SG  ? A CYS 140 ? A CYS 99  ? 1_555 CD ? C CD . ? A CD 202 ? 1_555 O   ? E HOH .   ? A HOH 310 ? 1_555 143.4 ? 
23 NE2 ? A HIS 182 ? A HIS 141 ? 1_555 CD ? C CD . ? A CD 202 ? 1_555 O   ? E HOH .   ? A HOH 310 ? 1_555 93.2  ? 
24 NE2 ? A HIS 186 ? A HIS 145 ? 1_555 CD ? C CD . ? A CD 202 ? 1_555 O   ? E HOH .   ? A HOH 310 ? 1_555 82.7  ? 
# 
loop_
_struct_sheet.id 
_struct_sheet.type 
_struct_sheet.number_strands 
_struct_sheet.details 
AA1 ? 5 ? 
AA2 ? 3 ? 
# 
loop_
_struct_sheet_order.sheet_id 
_struct_sheet_order.range_id_1 
_struct_sheet_order.range_id_2 
_struct_sheet_order.offset 
_struct_sheet_order.sense 
AA1 1 2 ? anti-parallel 
AA1 2 3 ? anti-parallel 
AA1 3 4 ? anti-parallel 
AA1 4 5 ? anti-parallel 
AA2 1 2 ? anti-parallel 
AA2 2 3 ? anti-parallel 
# 
loop_
_struct_sheet_range.sheet_id 
_struct_sheet_range.id 
_struct_sheet_range.beg_label_comp_id 
_struct_sheet_range.beg_label_asym_id 
_struct_sheet_range.beg_label_seq_id 
_struct_sheet_range.pdbx_beg_PDB_ins_code 
_struct_sheet_range.end_label_comp_id 
_struct_sheet_range.end_label_asym_id 
_struct_sheet_range.end_label_seq_id 
_struct_sheet_range.pdbx_end_PDB_ins_code 
_struct_sheet_range.beg_auth_comp_id 
_struct_sheet_range.beg_auth_asym_id 
_struct_sheet_range.beg_auth_seq_id 
_struct_sheet_range.end_auth_comp_id 
_struct_sheet_range.end_auth_asym_id 
_struct_sheet_range.end_auth_seq_id 
AA1 1 GLY A 87  ? ALA A 89  ? GLY A 46  ALA A 48  
AA1 2 LEU A 99  ? PHE A 104 ? LEU A 58  PHE A 63  
AA1 3 VAL A 116 ? PRO A 128 ? VAL A 75  PRO A 87  
AA1 4 TYR A 155 ? PHE A 161 ? TYR A 114 PHE A 120 
AA1 5 PRO A 167 ? GLU A 173 ? PRO A 126 GLU A 132 
AA2 1 MET A 133 ? CYS A 140 ? MET A 92  CYS A 99  
AA2 2 ILE A 143 ? TYR A 153 ? ILE A 102 TYR A 112 
AA2 3 GLY A 203 ? PHE A 204 ? GLY A 162 PHE A 163 
# 
loop_
_pdbx_struct_sheet_hbond.sheet_id 
_pdbx_struct_sheet_hbond.range_id_1 
_pdbx_struct_sheet_hbond.range_id_2 
_pdbx_struct_sheet_hbond.range_1_label_atom_id 
_pdbx_struct_sheet_hbond.range_1_label_comp_id 
_pdbx_struct_sheet_hbond.range_1_label_asym_id 
_pdbx_struct_sheet_hbond.range_1_label_seq_id 
_pdbx_struct_sheet_hbond.range_1_PDB_ins_code 
_pdbx_struct_sheet_hbond.range_1_auth_atom_id 
_pdbx_struct_sheet_hbond.range_1_auth_comp_id 
_pdbx_struct_sheet_hbond.range_1_auth_asym_id 
_pdbx_struct_sheet_hbond.range_1_auth_seq_id 
_pdbx_struct_sheet_hbond.range_2_label_atom_id 
_pdbx_struct_sheet_hbond.range_2_label_comp_id 
_pdbx_struct_sheet_hbond.range_2_label_asym_id 
_pdbx_struct_sheet_hbond.range_2_label_seq_id 
_pdbx_struct_sheet_hbond.range_2_PDB_ins_code 
_pdbx_struct_sheet_hbond.range_2_auth_atom_id 
_pdbx_struct_sheet_hbond.range_2_auth_comp_id 
_pdbx_struct_sheet_hbond.range_2_auth_asym_id 
_pdbx_struct_sheet_hbond.range_2_auth_seq_id 
AA1 1 2 N LEU A 88  ? N LEU A 47  O VAL A 101 ? O VAL A 60  
AA1 2 3 N PHE A 102 ? N PHE A 61  O THR A 119 ? O THR A 78  
AA1 3 4 N GLU A 127 ? N GLU A 86  O ARG A 157 ? O ARG A 116 
AA1 4 5 N ILE A 156 ? N ILE A 115 O ALA A 172 ? O ALA A 131 
AA2 1 2 N GLU A 138 ? N GLU A 97  O ALA A 148 ? O ALA A 107 
AA2 2 3 N ARG A 147 ? N ARG A 106 O GLY A 203 ? O GLY A 162 
# 
loop_
_struct_site.id 
_struct_site.pdbx_evidence_code 
_struct_site.pdbx_auth_asym_id 
_struct_site.pdbx_auth_comp_id 
_struct_site.pdbx_auth_seq_id 
_struct_site.pdbx_auth_ins_code 
_struct_site.pdbx_num_residues 
_struct_site.details 
AC1 Software A CD 201 ? 5 'binding site for residue CD A 201' 
AC2 Software A CD 202 ? 6 'binding site for residue CD A 202' 
AC3 Software A CD 203 ? 4 'binding site for residue CD A 203' 
# 
loop_
_struct_site_gen.id 
_struct_site_gen.site_id 
_struct_site_gen.pdbx_num_res 
_struct_site_gen.label_comp_id 
_struct_site_gen.label_asym_id 
_struct_site_gen.label_seq_id 
_struct_site_gen.pdbx_auth_ins_code 
_struct_site_gen.auth_comp_id 
_struct_site_gen.auth_asym_id 
_struct_site_gen.auth_seq_id 
_struct_site_gen.label_atom_id 
_struct_site_gen.label_alt_id 
_struct_site_gen.symmetry 
_struct_site_gen.details 
1  AC1 5 HIS A 84  ? HIS A 43  . ? 8_545 ? 
2  AC1 5 GLU A 169 ? GLU A 128 . ? 1_555 ? 
3  AC1 5 GLU A 171 ? GLU A 130 . ? 1_555 ? 
4  AC1 5 HOH E .   ? HOH A 302 . ? 1_555 ? 
5  AC1 5 HOH E .   ? HOH A 320 . ? 1_555 ? 
6  AC2 6 GLN A 92  ? GLN A 51  . ? 1_555 ? 
7  AC2 6 CYS A 140 ? CYS A 99  . ? 1_555 ? 
8  AC2 6 HIS A 182 ? HIS A 141 . ? 1_555 ? 
9  AC2 6 HIS A 186 ? HIS A 145 . ? 1_555 ? 
10 AC2 6 HOH E .   ? HOH A 310 . ? 1_555 ? 
11 AC2 6 HOH E .   ? HOH A 402 . ? 1_555 ? 
12 AC3 4 MET A 42  ? MET A 1   . ? 8_545 ? 
13 AC3 4 GLU A 78  ? GLU A 37  . ? 8_545 ? 
14 AC3 4 GLU A 173 ? GLU A 132 . ? 1_555 ? 
15 AC3 4 HOH E .   ? HOH A 338 . ? 1_555 ? 
# 
_pdbx_entry_details.entry_id                   5E5D 
_pdbx_entry_details.compound_details           ? 
_pdbx_entry_details.source_details             ? 
_pdbx_entry_details.nonpolymer_details         ? 
_pdbx_entry_details.sequence_details           ? 
_pdbx_entry_details.has_ligand_of_interest     ? 
_pdbx_entry_details.has_protein_modification   N 
# 
loop_
_pdbx_validate_close_contact.id 
_pdbx_validate_close_contact.PDB_model_num 
_pdbx_validate_close_contact.auth_atom_id_1 
_pdbx_validate_close_contact.auth_asym_id_1 
_pdbx_validate_close_contact.auth_comp_id_1 
_pdbx_validate_close_contact.auth_seq_id_1 
_pdbx_validate_close_contact.PDB_ins_code_1 
_pdbx_validate_close_contact.label_alt_id_1 
_pdbx_validate_close_contact.auth_atom_id_2 
_pdbx_validate_close_contact.auth_asym_id_2 
_pdbx_validate_close_contact.auth_comp_id_2 
_pdbx_validate_close_contact.auth_seq_id_2 
_pdbx_validate_close_contact.PDB_ins_code_2 
_pdbx_validate_close_contact.label_alt_id_2 
_pdbx_validate_close_contact.dist 
1 1 OE1 A GLU 91  ? ? O   A HOH 301 ? ? 1.94 
2 1 NH1 A ARG 113 ? ? OE2 A GLU 132 ? ? 2.03 
# 
loop_
_pdbx_validate_rmsd_angle.id 
_pdbx_validate_rmsd_angle.PDB_model_num 
_pdbx_validate_rmsd_angle.auth_atom_id_1 
_pdbx_validate_rmsd_angle.auth_asym_id_1 
_pdbx_validate_rmsd_angle.auth_comp_id_1 
_pdbx_validate_rmsd_angle.auth_seq_id_1 
_pdbx_validate_rmsd_angle.PDB_ins_code_1 
_pdbx_validate_rmsd_angle.label_alt_id_1 
_pdbx_validate_rmsd_angle.auth_atom_id_2 
_pdbx_validate_rmsd_angle.auth_asym_id_2 
_pdbx_validate_rmsd_angle.auth_comp_id_2 
_pdbx_validate_rmsd_angle.auth_seq_id_2 
_pdbx_validate_rmsd_angle.PDB_ins_code_2 
_pdbx_validate_rmsd_angle.label_alt_id_2 
_pdbx_validate_rmsd_angle.auth_atom_id_3 
_pdbx_validate_rmsd_angle.auth_asym_id_3 
_pdbx_validate_rmsd_angle.auth_comp_id_3 
_pdbx_validate_rmsd_angle.auth_seq_id_3 
_pdbx_validate_rmsd_angle.PDB_ins_code_3 
_pdbx_validate_rmsd_angle.label_alt_id_3 
_pdbx_validate_rmsd_angle.angle_value 
_pdbx_validate_rmsd_angle.angle_target_value 
_pdbx_validate_rmsd_angle.angle_deviation 
_pdbx_validate_rmsd_angle.angle_standard_deviation 
_pdbx_validate_rmsd_angle.linker_flag 
1 1 NE A ARG 116 ? ? CZ A ARG 116 ? ? NH1 A ARG 116 ? ? 123.42 120.30 3.12  0.50 N 
2 1 NE A ARG 116 ? ? CZ A ARG 116 ? ? NH2 A ARG 116 ? ? 115.19 120.30 -5.11 0.50 N 
# 
loop_
_pdbx_validate_torsion.id 
_pdbx_validate_torsion.PDB_model_num 
_pdbx_validate_torsion.auth_comp_id 
_pdbx_validate_torsion.auth_asym_id 
_pdbx_validate_torsion.auth_seq_id 
_pdbx_validate_torsion.PDB_ins_code 
_pdbx_validate_torsion.label_alt_id 
_pdbx_validate_torsion.phi 
_pdbx_validate_torsion.psi 
1 1 GLU A 71  ? ? -59.73  39.43 
2 1 SER A 168 ? ? -148.09 26.61 
# 
_pdbx_validate_peptide_omega.id               1 
_pdbx_validate_peptide_omega.PDB_model_num    1 
_pdbx_validate_peptide_omega.auth_comp_id_1   TYR 
_pdbx_validate_peptide_omega.auth_asym_id_1   A 
_pdbx_validate_peptide_omega.auth_seq_id_1    69 
_pdbx_validate_peptide_omega.PDB_ins_code_1   ? 
_pdbx_validate_peptide_omega.label_alt_id_1   ? 
_pdbx_validate_peptide_omega.auth_comp_id_2   PRO 
_pdbx_validate_peptide_omega.auth_asym_id_2   A 
_pdbx_validate_peptide_omega.auth_seq_id_2    70 
_pdbx_validate_peptide_omega.PDB_ins_code_2   ? 
_pdbx_validate_peptide_omega.label_alt_id_2   ? 
_pdbx_validate_peptide_omega.omega            -46.02 
# 
_pdbx_struct_special_symmetry.id              1 
_pdbx_struct_special_symmetry.PDB_model_num   1 
_pdbx_struct_special_symmetry.auth_asym_id    A 
_pdbx_struct_special_symmetry.auth_comp_id    HOH 
_pdbx_struct_special_symmetry.auth_seq_id     399 
_pdbx_struct_special_symmetry.PDB_ins_code    ? 
_pdbx_struct_special_symmetry.label_asym_id   E 
_pdbx_struct_special_symmetry.label_comp_id   HOH 
_pdbx_struct_special_symmetry.label_seq_id    . 
# 
loop_
_pdbx_unobs_or_zero_occ_residues.id 
_pdbx_unobs_or_zero_occ_residues.PDB_model_num 
_pdbx_unobs_or_zero_occ_residues.polymer_flag 
_pdbx_unobs_or_zero_occ_residues.occupancy_flag 
_pdbx_unobs_or_zero_occ_residues.auth_asym_id 
_pdbx_unobs_or_zero_occ_residues.auth_comp_id 
_pdbx_unobs_or_zero_occ_residues.auth_seq_id 
_pdbx_unobs_or_zero_occ_residues.PDB_ins_code 
_pdbx_unobs_or_zero_occ_residues.label_asym_id 
_pdbx_unobs_or_zero_occ_residues.label_comp_id 
_pdbx_unobs_or_zero_occ_residues.label_seq_id 
1  1 Y 1 A MET -40 ? A MET 1   
2  1 Y 1 A SER -39 ? A SER 2   
3  1 Y 1 A VAL -38 ? A VAL 3   
4  1 Y 1 A PRO -37 ? A PRO 4   
5  1 Y 1 A ILE -36 ? A ILE 5   
6  1 Y 1 A THR -35 ? A THR 6   
7  1 Y 1 A ARG -34 ? A ARG 7   
8  1 Y 1 A SER -33 ? A SER 8   
9  1 Y 1 A LEU -32 ? A LEU 9   
10 1 Y 1 A GLN -31 ? A GLN 10  
11 1 Y 1 A PHE -30 ? A PHE 11  
12 1 Y 1 A LEU -29 ? A LEU 12  
13 1 Y 1 A ARG -28 ? A ARG 13  
14 1 Y 1 A ALA -27 ? A ALA 14  
15 1 Y 1 A VAL -26 ? A VAL 15  
16 1 Y 1 A HIS -25 ? A HIS 16  
17 1 Y 1 A SER -24 ? A SER 17  
18 1 Y 1 A TRP -23 ? A TRP 18  
19 1 Y 1 A LEU -22 ? A LEU 19  
20 1 Y 1 A LYS -21 ? A LYS 20  
21 1 Y 1 A ILE -20 ? A ILE 21  
22 1 Y 1 A ALA -19 ? A ALA 22  
23 1 Y 1 A ARG -18 ? A ARG 23  
24 1 Y 1 A LEU -17 ? A LEU 24  
25 1 Y 1 A ARG -16 ? A ARG 25  
26 1 Y 1 A SER -15 ? A SER 26  
27 1 Y 1 A GLY -14 ? A GLY 27  
28 1 Y 1 A SER -13 ? A SER 28  
29 1 Y 1 A TYR -12 ? A TYR 29  
30 1 Y 1 A SER -11 ? A SER 30  
31 1 Y 1 A LYS -10 ? A LYS 31  
32 1 Y 1 A LEU -9  ? A LEU 32  
33 1 Y 1 A HIS -8  ? A HIS 33  
34 1 Y 1 A VAL -7  ? A VAL 34  
35 1 Y 1 A THR -6  ? A THR 35  
36 1 Y 1 A ILE -5  ? A ILE 36  
37 1 Y 1 A PHE -4  ? A PHE 37  
38 1 Y 1 A ARG -3  ? A ARG 38  
39 1 Y 1 A SER -2  ? A SER 39  
40 1 Y 1 A THR -1  ? A THR 40  
41 1 Y 1 A PRO 0   ? A PRO 41  
42 1 Y 1 A LEU 171 ? A LEU 212 
# 
loop_
_chem_comp_atom.comp_id 
_chem_comp_atom.atom_id 
_chem_comp_atom.type_symbol 
_chem_comp_atom.pdbx_aromatic_flag 
_chem_comp_atom.pdbx_stereo_config 
_chem_comp_atom.pdbx_ordinal 
ALA N    N  N N 1   
ALA CA   C  N S 2   
ALA C    C  N N 3   
ALA O    O  N N 4   
ALA CB   C  N N 5   
ALA OXT  O  N N 6   
ALA H    H  N N 7   
ALA H2   H  N N 8   
ALA HA   H  N N 9   
ALA HB1  H  N N 10  
ALA HB2  H  N N 11  
ALA HB3  H  N N 12  
ALA HXT  H  N N 13  
ARG N    N  N N 14  
ARG CA   C  N S 15  
ARG C    C  N N 16  
ARG O    O  N N 17  
ARG CB   C  N N 18  
ARG CG   C  N N 19  
ARG CD   C  N N 20  
ARG NE   N  N N 21  
ARG CZ   C  N N 22  
ARG NH1  N  N N 23  
ARG NH2  N  N N 24  
ARG OXT  O  N N 25  
ARG H    H  N N 26  
ARG H2   H  N N 27  
ARG HA   H  N N 28  
ARG HB2  H  N N 29  
ARG HB3  H  N N 30  
ARG HG2  H  N N 31  
ARG HG3  H  N N 32  
ARG HD2  H  N N 33  
ARG HD3  H  N N 34  
ARG HE   H  N N 35  
ARG HH11 H  N N 36  
ARG HH12 H  N N 37  
ARG HH21 H  N N 38  
ARG HH22 H  N N 39  
ARG HXT  H  N N 40  
ASN N    N  N N 41  
ASN CA   C  N S 42  
ASN C    C  N N 43  
ASN O    O  N N 44  
ASN CB   C  N N 45  
ASN CG   C  N N 46  
ASN OD1  O  N N 47  
ASN ND2  N  N N 48  
ASN OXT  O  N N 49  
ASN H    H  N N 50  
ASN H2   H  N N 51  
ASN HA   H  N N 52  
ASN HB2  H  N N 53  
ASN HB3  H  N N 54  
ASN HD21 H  N N 55  
ASN HD22 H  N N 56  
ASN HXT  H  N N 57  
ASP N    N  N N 58  
ASP CA   C  N S 59  
ASP C    C  N N 60  
ASP O    O  N N 61  
ASP CB   C  N N 62  
ASP CG   C  N N 63  
ASP OD1  O  N N 64  
ASP OD2  O  N N 65  
ASP OXT  O  N N 66  
ASP H    H  N N 67  
ASP H2   H  N N 68  
ASP HA   H  N N 69  
ASP HB2  H  N N 70  
ASP HB3  H  N N 71  
ASP HD2  H  N N 72  
ASP HXT  H  N N 73  
CD  CD   CD N N 74  
CYS N    N  N N 75  
CYS CA   C  N R 76  
CYS C    C  N N 77  
CYS O    O  N N 78  
CYS CB   C  N N 79  
CYS SG   S  N N 80  
CYS OXT  O  N N 81  
CYS H    H  N N 82  
CYS H2   H  N N 83  
CYS HA   H  N N 84  
CYS HB2  H  N N 85  
CYS HB3  H  N N 86  
CYS HG   H  N N 87  
CYS HXT  H  N N 88  
GLN N    N  N N 89  
GLN CA   C  N S 90  
GLN C    C  N N 91  
GLN O    O  N N 92  
GLN CB   C  N N 93  
GLN CG   C  N N 94  
GLN CD   C  N N 95  
GLN OE1  O  N N 96  
GLN NE2  N  N N 97  
GLN OXT  O  N N 98  
GLN H    H  N N 99  
GLN H2   H  N N 100 
GLN HA   H  N N 101 
GLN HB2  H  N N 102 
GLN HB3  H  N N 103 
GLN HG2  H  N N 104 
GLN HG3  H  N N 105 
GLN HE21 H  N N 106 
GLN HE22 H  N N 107 
GLN HXT  H  N N 108 
GLU N    N  N N 109 
GLU CA   C  N S 110 
GLU C    C  N N 111 
GLU O    O  N N 112 
GLU CB   C  N N 113 
GLU CG   C  N N 114 
GLU CD   C  N N 115 
GLU OE1  O  N N 116 
GLU OE2  O  N N 117 
GLU OXT  O  N N 118 
GLU H    H  N N 119 
GLU H2   H  N N 120 
GLU HA   H  N N 121 
GLU HB2  H  N N 122 
GLU HB3  H  N N 123 
GLU HG2  H  N N 124 
GLU HG3  H  N N 125 
GLU HE2  H  N N 126 
GLU HXT  H  N N 127 
GLY N    N  N N 128 
GLY CA   C  N N 129 
GLY C    C  N N 130 
GLY O    O  N N 131 
GLY OXT  O  N N 132 
GLY H    H  N N 133 
GLY H2   H  N N 134 
GLY HA2  H  N N 135 
GLY HA3  H  N N 136 
GLY HXT  H  N N 137 
HIS N    N  N N 138 
HIS CA   C  N S 139 
HIS C    C  N N 140 
HIS O    O  N N 141 
HIS CB   C  N N 142 
HIS CG   C  Y N 143 
HIS ND1  N  Y N 144 
HIS CD2  C  Y N 145 
HIS CE1  C  Y N 146 
HIS NE2  N  Y N 147 
HIS OXT  O  N N 148 
HIS H    H  N N 149 
HIS H2   H  N N 150 
HIS HA   H  N N 151 
HIS HB2  H  N N 152 
HIS HB3  H  N N 153 
HIS HD1  H  N N 154 
HIS HD2  H  N N 155 
HIS HE1  H  N N 156 
HIS HE2  H  N N 157 
HIS HXT  H  N N 158 
HOH O    O  N N 159 
HOH H1   H  N N 160 
HOH H2   H  N N 161 
ILE N    N  N N 162 
ILE CA   C  N S 163 
ILE C    C  N N 164 
ILE O    O  N N 165 
ILE CB   C  N S 166 
ILE CG1  C  N N 167 
ILE CG2  C  N N 168 
ILE CD1  C  N N 169 
ILE OXT  O  N N 170 
ILE H    H  N N 171 
ILE H2   H  N N 172 
ILE HA   H  N N 173 
ILE HB   H  N N 174 
ILE HG12 H  N N 175 
ILE HG13 H  N N 176 
ILE HG21 H  N N 177 
ILE HG22 H  N N 178 
ILE HG23 H  N N 179 
ILE HD11 H  N N 180 
ILE HD12 H  N N 181 
ILE HD13 H  N N 182 
ILE HXT  H  N N 183 
LEU N    N  N N 184 
LEU CA   C  N S 185 
LEU C    C  N N 186 
LEU O    O  N N 187 
LEU CB   C  N N 188 
LEU CG   C  N N 189 
LEU CD1  C  N N 190 
LEU CD2  C  N N 191 
LEU OXT  O  N N 192 
LEU H    H  N N 193 
LEU H2   H  N N 194 
LEU HA   H  N N 195 
LEU HB2  H  N N 196 
LEU HB3  H  N N 197 
LEU HG   H  N N 198 
LEU HD11 H  N N 199 
LEU HD12 H  N N 200 
LEU HD13 H  N N 201 
LEU HD21 H  N N 202 
LEU HD22 H  N N 203 
LEU HD23 H  N N 204 
LEU HXT  H  N N 205 
LYS N    N  N N 206 
LYS CA   C  N S 207 
LYS C    C  N N 208 
LYS O    O  N N 209 
LYS CB   C  N N 210 
LYS CG   C  N N 211 
LYS CD   C  N N 212 
LYS CE   C  N N 213 
LYS NZ   N  N N 214 
LYS OXT  O  N N 215 
LYS H    H  N N 216 
LYS H2   H  N N 217 
LYS HA   H  N N 218 
LYS HB2  H  N N 219 
LYS HB3  H  N N 220 
LYS HG2  H  N N 221 
LYS HG3  H  N N 222 
LYS HD2  H  N N 223 
LYS HD3  H  N N 224 
LYS HE2  H  N N 225 
LYS HE3  H  N N 226 
LYS HZ1  H  N N 227 
LYS HZ2  H  N N 228 
LYS HZ3  H  N N 229 
LYS HXT  H  N N 230 
MET N    N  N N 231 
MET CA   C  N S 232 
MET C    C  N N 233 
MET O    O  N N 234 
MET CB   C  N N 235 
MET CG   C  N N 236 
MET SD   S  N N 237 
MET CE   C  N N 238 
MET OXT  O  N N 239 
MET H    H  N N 240 
MET H2   H  N N 241 
MET HA   H  N N 242 
MET HB2  H  N N 243 
MET HB3  H  N N 244 
MET HG2  H  N N 245 
MET HG3  H  N N 246 
MET HE1  H  N N 247 
MET HE2  H  N N 248 
MET HE3  H  N N 249 
MET HXT  H  N N 250 
PHE N    N  N N 251 
PHE CA   C  N S 252 
PHE C    C  N N 253 
PHE O    O  N N 254 
PHE CB   C  N N 255 
PHE CG   C  Y N 256 
PHE CD1  C  Y N 257 
PHE CD2  C  Y N 258 
PHE CE1  C  Y N 259 
PHE CE2  C  Y N 260 
PHE CZ   C  Y N 261 
PHE OXT  O  N N 262 
PHE H    H  N N 263 
PHE H2   H  N N 264 
PHE HA   H  N N 265 
PHE HB2  H  N N 266 
PHE HB3  H  N N 267 
PHE HD1  H  N N 268 
PHE HD2  H  N N 269 
PHE HE1  H  N N 270 
PHE HE2  H  N N 271 
PHE HZ   H  N N 272 
PHE HXT  H  N N 273 
PRO N    N  N N 274 
PRO CA   C  N S 275 
PRO C    C  N N 276 
PRO O    O  N N 277 
PRO CB   C  N N 278 
PRO CG   C  N N 279 
PRO CD   C  N N 280 
PRO OXT  O  N N 281 
PRO H    H  N N 282 
PRO HA   H  N N 283 
PRO HB2  H  N N 284 
PRO HB3  H  N N 285 
PRO HG2  H  N N 286 
PRO HG3  H  N N 287 
PRO HD2  H  N N 288 
PRO HD3  H  N N 289 
PRO HXT  H  N N 290 
SER N    N  N N 291 
SER CA   C  N S 292 
SER C    C  N N 293 
SER O    O  N N 294 
SER CB   C  N N 295 
SER OG   O  N N 296 
SER OXT  O  N N 297 
SER H    H  N N 298 
SER H2   H  N N 299 
SER HA   H  N N 300 
SER HB2  H  N N 301 
SER HB3  H  N N 302 
SER HG   H  N N 303 
SER HXT  H  N N 304 
THR N    N  N N 305 
THR CA   C  N S 306 
THR C    C  N N 307 
THR O    O  N N 308 
THR CB   C  N R 309 
THR OG1  O  N N 310 
THR CG2  C  N N 311 
THR OXT  O  N N 312 
THR H    H  N N 313 
THR H2   H  N N 314 
THR HA   H  N N 315 
THR HB   H  N N 316 
THR HG1  H  N N 317 
THR HG21 H  N N 318 
THR HG22 H  N N 319 
THR HG23 H  N N 320 
THR HXT  H  N N 321 
TRP N    N  N N 322 
TRP CA   C  N S 323 
TRP C    C  N N 324 
TRP O    O  N N 325 
TRP CB   C  N N 326 
TRP CG   C  Y N 327 
TRP CD1  C  Y N 328 
TRP CD2  C  Y N 329 
TRP NE1  N  Y N 330 
TRP CE2  C  Y N 331 
TRP CE3  C  Y N 332 
TRP CZ2  C  Y N 333 
TRP CZ3  C  Y N 334 
TRP CH2  C  Y N 335 
TRP OXT  O  N N 336 
TRP H    H  N N 337 
TRP H2   H  N N 338 
TRP HA   H  N N 339 
TRP HB2  H  N N 340 
TRP HB3  H  N N 341 
TRP HD1  H  N N 342 
TRP HE1  H  N N 343 
TRP HE3  H  N N 344 
TRP HZ2  H  N N 345 
TRP HZ3  H  N N 346 
TRP HH2  H  N N 347 
TRP HXT  H  N N 348 
TYR N    N  N N 349 
TYR CA   C  N S 350 
TYR C    C  N N 351 
TYR O    O  N N 352 
TYR CB   C  N N 353 
TYR CG   C  Y N 354 
TYR CD1  C  Y N 355 
TYR CD2  C  Y N 356 
TYR CE1  C  Y N 357 
TYR CE2  C  Y N 358 
TYR CZ   C  Y N 359 
TYR OH   O  N N 360 
TYR OXT  O  N N 361 
TYR H    H  N N 362 
TYR H2   H  N N 363 
TYR HA   H  N N 364 
TYR HB2  H  N N 365 
TYR HB3  H  N N 366 
TYR HD1  H  N N 367 
TYR HD2  H  N N 368 
TYR HE1  H  N N 369 
TYR HE2  H  N N 370 
TYR HH   H  N N 371 
TYR HXT  H  N N 372 
VAL N    N  N N 373 
VAL CA   C  N S 374 
VAL C    C  N N 375 
VAL O    O  N N 376 
VAL CB   C  N N 377 
VAL CG1  C  N N 378 
VAL CG2  C  N N 379 
VAL OXT  O  N N 380 
VAL H    H  N N 381 
VAL H2   H  N N 382 
VAL HA   H  N N 383 
VAL HB   H  N N 384 
VAL HG11 H  N N 385 
VAL HG12 H  N N 386 
VAL HG13 H  N N 387 
VAL HG21 H  N N 388 
VAL HG22 H  N N 389 
VAL HG23 H  N N 390 
VAL HXT  H  N N 391 
# 
loop_
_chem_comp_bond.comp_id 
_chem_comp_bond.atom_id_1 
_chem_comp_bond.atom_id_2 
_chem_comp_bond.value_order 
_chem_comp_bond.pdbx_aromatic_flag 
_chem_comp_bond.pdbx_stereo_config 
_chem_comp_bond.pdbx_ordinal 
ALA N   CA   sing N N 1   
ALA N   H    sing N N 2   
ALA N   H2   sing N N 3   
ALA CA  C    sing N N 4   
ALA CA  CB   sing N N 5   
ALA CA  HA   sing N N 6   
ALA C   O    doub N N 7   
ALA C   OXT  sing N N 8   
ALA CB  HB1  sing N N 9   
ALA CB  HB2  sing N N 10  
ALA CB  HB3  sing N N 11  
ALA OXT HXT  sing N N 12  
ARG N   CA   sing N N 13  
ARG N   H    sing N N 14  
ARG N   H2   sing N N 15  
ARG CA  C    sing N N 16  
ARG CA  CB   sing N N 17  
ARG CA  HA   sing N N 18  
ARG C   O    doub N N 19  
ARG C   OXT  sing N N 20  
ARG CB  CG   sing N N 21  
ARG CB  HB2  sing N N 22  
ARG CB  HB3  sing N N 23  
ARG CG  CD   sing N N 24  
ARG CG  HG2  sing N N 25  
ARG CG  HG3  sing N N 26  
ARG CD  NE   sing N N 27  
ARG CD  HD2  sing N N 28  
ARG CD  HD3  sing N N 29  
ARG NE  CZ   sing N N 30  
ARG NE  HE   sing N N 31  
ARG CZ  NH1  sing N N 32  
ARG CZ  NH2  doub N N 33  
ARG NH1 HH11 sing N N 34  
ARG NH1 HH12 sing N N 35  
ARG NH2 HH21 sing N N 36  
ARG NH2 HH22 sing N N 37  
ARG OXT HXT  sing N N 38  
ASN N   CA   sing N N 39  
ASN N   H    sing N N 40  
ASN N   H2   sing N N 41  
ASN CA  C    sing N N 42  
ASN CA  CB   sing N N 43  
ASN CA  HA   sing N N 44  
ASN C   O    doub N N 45  
ASN C   OXT  sing N N 46  
ASN CB  CG   sing N N 47  
ASN CB  HB2  sing N N 48  
ASN CB  HB3  sing N N 49  
ASN CG  OD1  doub N N 50  
ASN CG  ND2  sing N N 51  
ASN ND2 HD21 sing N N 52  
ASN ND2 HD22 sing N N 53  
ASN OXT HXT  sing N N 54  
ASP N   CA   sing N N 55  
ASP N   H    sing N N 56  
ASP N   H2   sing N N 57  
ASP CA  C    sing N N 58  
ASP CA  CB   sing N N 59  
ASP CA  HA   sing N N 60  
ASP C   O    doub N N 61  
ASP C   OXT  sing N N 62  
ASP CB  CG   sing N N 63  
ASP CB  HB2  sing N N 64  
ASP CB  HB3  sing N N 65  
ASP CG  OD1  doub N N 66  
ASP CG  OD2  sing N N 67  
ASP OD2 HD2  sing N N 68  
ASP OXT HXT  sing N N 69  
CYS N   CA   sing N N 70  
CYS N   H    sing N N 71  
CYS N   H2   sing N N 72  
CYS CA  C    sing N N 73  
CYS CA  CB   sing N N 74  
CYS CA  HA   sing N N 75  
CYS C   O    doub N N 76  
CYS C   OXT  sing N N 77  
CYS CB  SG   sing N N 78  
CYS CB  HB2  sing N N 79  
CYS CB  HB3  sing N N 80  
CYS SG  HG   sing N N 81  
CYS OXT HXT  sing N N 82  
GLN N   CA   sing N N 83  
GLN N   H    sing N N 84  
GLN N   H2   sing N N 85  
GLN CA  C    sing N N 86  
GLN CA  CB   sing N N 87  
GLN CA  HA   sing N N 88  
GLN C   O    doub N N 89  
GLN C   OXT  sing N N 90  
GLN CB  CG   sing N N 91  
GLN CB  HB2  sing N N 92  
GLN CB  HB3  sing N N 93  
GLN CG  CD   sing N N 94  
GLN CG  HG2  sing N N 95  
GLN CG  HG3  sing N N 96  
GLN CD  OE1  doub N N 97  
GLN CD  NE2  sing N N 98  
GLN NE2 HE21 sing N N 99  
GLN NE2 HE22 sing N N 100 
GLN OXT HXT  sing N N 101 
GLU N   CA   sing N N 102 
GLU N   H    sing N N 103 
GLU N   H2   sing N N 104 
GLU CA  C    sing N N 105 
GLU CA  CB   sing N N 106 
GLU CA  HA   sing N N 107 
GLU C   O    doub N N 108 
GLU C   OXT  sing N N 109 
GLU CB  CG   sing N N 110 
GLU CB  HB2  sing N N 111 
GLU CB  HB3  sing N N 112 
GLU CG  CD   sing N N 113 
GLU CG  HG2  sing N N 114 
GLU CG  HG3  sing N N 115 
GLU CD  OE1  doub N N 116 
GLU CD  OE2  sing N N 117 
GLU OE2 HE2  sing N N 118 
GLU OXT HXT  sing N N 119 
GLY N   CA   sing N N 120 
GLY N   H    sing N N 121 
GLY N   H2   sing N N 122 
GLY CA  C    sing N N 123 
GLY CA  HA2  sing N N 124 
GLY CA  HA3  sing N N 125 
GLY C   O    doub N N 126 
GLY C   OXT  sing N N 127 
GLY OXT HXT  sing N N 128 
HIS N   CA   sing N N 129 
HIS N   H    sing N N 130 
HIS N   H2   sing N N 131 
HIS CA  C    sing N N 132 
HIS CA  CB   sing N N 133 
HIS CA  HA   sing N N 134 
HIS C   O    doub N N 135 
HIS C   OXT  sing N N 136 
HIS CB  CG   sing N N 137 
HIS CB  HB2  sing N N 138 
HIS CB  HB3  sing N N 139 
HIS CG  ND1  sing Y N 140 
HIS CG  CD2  doub Y N 141 
HIS ND1 CE1  doub Y N 142 
HIS ND1 HD1  sing N N 143 
HIS CD2 NE2  sing Y N 144 
HIS CD2 HD2  sing N N 145 
HIS CE1 NE2  sing Y N 146 
HIS CE1 HE1  sing N N 147 
HIS NE2 HE2  sing N N 148 
HIS OXT HXT  sing N N 149 
HOH O   H1   sing N N 150 
HOH O   H2   sing N N 151 
ILE N   CA   sing N N 152 
ILE N   H    sing N N 153 
ILE N   H2   sing N N 154 
ILE CA  C    sing N N 155 
ILE CA  CB   sing N N 156 
ILE CA  HA   sing N N 157 
ILE C   O    doub N N 158 
ILE C   OXT  sing N N 159 
ILE CB  CG1  sing N N 160 
ILE CB  CG2  sing N N 161 
ILE CB  HB   sing N N 162 
ILE CG1 CD1  sing N N 163 
ILE CG1 HG12 sing N N 164 
ILE CG1 HG13 sing N N 165 
ILE CG2 HG21 sing N N 166 
ILE CG2 HG22 sing N N 167 
ILE CG2 HG23 sing N N 168 
ILE CD1 HD11 sing N N 169 
ILE CD1 HD12 sing N N 170 
ILE CD1 HD13 sing N N 171 
ILE OXT HXT  sing N N 172 
LEU N   CA   sing N N 173 
LEU N   H    sing N N 174 
LEU N   H2   sing N N 175 
LEU CA  C    sing N N 176 
LEU CA  CB   sing N N 177 
LEU CA  HA   sing N N 178 
LEU C   O    doub N N 179 
LEU C   OXT  sing N N 180 
LEU CB  CG   sing N N 181 
LEU CB  HB2  sing N N 182 
LEU CB  HB3  sing N N 183 
LEU CG  CD1  sing N N 184 
LEU CG  CD2  sing N N 185 
LEU CG  HG   sing N N 186 
LEU CD1 HD11 sing N N 187 
LEU CD1 HD12 sing N N 188 
LEU CD1 HD13 sing N N 189 
LEU CD2 HD21 sing N N 190 
LEU CD2 HD22 sing N N 191 
LEU CD2 HD23 sing N N 192 
LEU OXT HXT  sing N N 193 
LYS N   CA   sing N N 194 
LYS N   H    sing N N 195 
LYS N   H2   sing N N 196 
LYS CA  C    sing N N 197 
LYS CA  CB   sing N N 198 
LYS CA  HA   sing N N 199 
LYS C   O    doub N N 200 
LYS C   OXT  sing N N 201 
LYS CB  CG   sing N N 202 
LYS CB  HB2  sing N N 203 
LYS CB  HB3  sing N N 204 
LYS CG  CD   sing N N 205 
LYS CG  HG2  sing N N 206 
LYS CG  HG3  sing N N 207 
LYS CD  CE   sing N N 208 
LYS CD  HD2  sing N N 209 
LYS CD  HD3  sing N N 210 
LYS CE  NZ   sing N N 211 
LYS CE  HE2  sing N N 212 
LYS CE  HE3  sing N N 213 
LYS NZ  HZ1  sing N N 214 
LYS NZ  HZ2  sing N N 215 
LYS NZ  HZ3  sing N N 216 
LYS OXT HXT  sing N N 217 
MET N   CA   sing N N 218 
MET N   H    sing N N 219 
MET N   H2   sing N N 220 
MET CA  C    sing N N 221 
MET CA  CB   sing N N 222 
MET CA  HA   sing N N 223 
MET C   O    doub N N 224 
MET C   OXT  sing N N 225 
MET CB  CG   sing N N 226 
MET CB  HB2  sing N N 227 
MET CB  HB3  sing N N 228 
MET CG  SD   sing N N 229 
MET CG  HG2  sing N N 230 
MET CG  HG3  sing N N 231 
MET SD  CE   sing N N 232 
MET CE  HE1  sing N N 233 
MET CE  HE2  sing N N 234 
MET CE  HE3  sing N N 235 
MET OXT HXT  sing N N 236 
PHE N   CA   sing N N 237 
PHE N   H    sing N N 238 
PHE N   H2   sing N N 239 
PHE CA  C    sing N N 240 
PHE CA  CB   sing N N 241 
PHE CA  HA   sing N N 242 
PHE C   O    doub N N 243 
PHE C   OXT  sing N N 244 
PHE CB  CG   sing N N 245 
PHE CB  HB2  sing N N 246 
PHE CB  HB3  sing N N 247 
PHE CG  CD1  doub Y N 248 
PHE CG  CD2  sing Y N 249 
PHE CD1 CE1  sing Y N 250 
PHE CD1 HD1  sing N N 251 
PHE CD2 CE2  doub Y N 252 
PHE CD2 HD2  sing N N 253 
PHE CE1 CZ   doub Y N 254 
PHE CE1 HE1  sing N N 255 
PHE CE2 CZ   sing Y N 256 
PHE CE2 HE2  sing N N 257 
PHE CZ  HZ   sing N N 258 
PHE OXT HXT  sing N N 259 
PRO N   CA   sing N N 260 
PRO N   CD   sing N N 261 
PRO N   H    sing N N 262 
PRO CA  C    sing N N 263 
PRO CA  CB   sing N N 264 
PRO CA  HA   sing N N 265 
PRO C   O    doub N N 266 
PRO C   OXT  sing N N 267 
PRO CB  CG   sing N N 268 
PRO CB  HB2  sing N N 269 
PRO CB  HB3  sing N N 270 
PRO CG  CD   sing N N 271 
PRO CG  HG2  sing N N 272 
PRO CG  HG3  sing N N 273 
PRO CD  HD2  sing N N 274 
PRO CD  HD3  sing N N 275 
PRO OXT HXT  sing N N 276 
SER N   CA   sing N N 277 
SER N   H    sing N N 278 
SER N   H2   sing N N 279 
SER CA  C    sing N N 280 
SER CA  CB   sing N N 281 
SER CA  HA   sing N N 282 
SER C   O    doub N N 283 
SER C   OXT  sing N N 284 
SER CB  OG   sing N N 285 
SER CB  HB2  sing N N 286 
SER CB  HB3  sing N N 287 
SER OG  HG   sing N N 288 
SER OXT HXT  sing N N 289 
THR N   CA   sing N N 290 
THR N   H    sing N N 291 
THR N   H2   sing N N 292 
THR CA  C    sing N N 293 
THR CA  CB   sing N N 294 
THR CA  HA   sing N N 295 
THR C   O    doub N N 296 
THR C   OXT  sing N N 297 
THR CB  OG1  sing N N 298 
THR CB  CG2  sing N N 299 
THR CB  HB   sing N N 300 
THR OG1 HG1  sing N N 301 
THR CG2 HG21 sing N N 302 
THR CG2 HG22 sing N N 303 
THR CG2 HG23 sing N N 304 
THR OXT HXT  sing N N 305 
TRP N   CA   sing N N 306 
TRP N   H    sing N N 307 
TRP N   H2   sing N N 308 
TRP CA  C    sing N N 309 
TRP CA  CB   sing N N 310 
TRP CA  HA   sing N N 311 
TRP C   O    doub N N 312 
TRP C   OXT  sing N N 313 
TRP CB  CG   sing N N 314 
TRP CB  HB2  sing N N 315 
TRP CB  HB3  sing N N 316 
TRP CG  CD1  doub Y N 317 
TRP CG  CD2  sing Y N 318 
TRP CD1 NE1  sing Y N 319 
TRP CD1 HD1  sing N N 320 
TRP CD2 CE2  doub Y N 321 
TRP CD2 CE3  sing Y N 322 
TRP NE1 CE2  sing Y N 323 
TRP NE1 HE1  sing N N 324 
TRP CE2 CZ2  sing Y N 325 
TRP CE3 CZ3  doub Y N 326 
TRP CE3 HE3  sing N N 327 
TRP CZ2 CH2  doub Y N 328 
TRP CZ2 HZ2  sing N N 329 
TRP CZ3 CH2  sing Y N 330 
TRP CZ3 HZ3  sing N N 331 
TRP CH2 HH2  sing N N 332 
TRP OXT HXT  sing N N 333 
TYR N   CA   sing N N 334 
TYR N   H    sing N N 335 
TYR N   H2   sing N N 336 
TYR CA  C    sing N N 337 
TYR CA  CB   sing N N 338 
TYR CA  HA   sing N N 339 
TYR C   O    doub N N 340 
TYR C   OXT  sing N N 341 
TYR CB  CG   sing N N 342 
TYR CB  HB2  sing N N 343 
TYR CB  HB3  sing N N 344 
TYR CG  CD1  doub Y N 345 
TYR CG  CD2  sing Y N 346 
TYR CD1 CE1  sing Y N 347 
TYR CD1 HD1  sing N N 348 
TYR CD2 CE2  doub Y N 349 
TYR CD2 HD2  sing N N 350 
TYR CE1 CZ   doub Y N 351 
TYR CE1 HE1  sing N N 352 
TYR CE2 CZ   sing Y N 353 
TYR CE2 HE2  sing N N 354 
TYR CZ  OH   sing N N 355 
TYR OH  HH   sing N N 356 
TYR OXT HXT  sing N N 357 
VAL N   CA   sing N N 358 
VAL N   H    sing N N 359 
VAL N   H2   sing N N 360 
VAL CA  C    sing N N 361 
VAL CA  CB   sing N N 362 
VAL CA  HA   sing N N 363 
VAL C   O    doub N N 364 
VAL C   OXT  sing N N 365 
VAL CB  CG1  sing N N 366 
VAL CB  CG2  sing N N 367 
VAL CB  HB   sing N N 368 
VAL CG1 HG11 sing N N 369 
VAL CG1 HG12 sing N N 370 
VAL CG1 HG13 sing N N 371 
VAL CG2 HG21 sing N N 372 
VAL CG2 HG22 sing N N 373 
VAL CG2 HG23 sing N N 374 
VAL OXT HXT  sing N N 375 
# 
_pdbx_initial_refinement_model.id               1 
_pdbx_initial_refinement_model.entity_id_list   ? 
_pdbx_initial_refinement_model.type             'experimental model' 
_pdbx_initial_refinement_model.source_name      PDB 
_pdbx_initial_refinement_model.accession_code   1SV2 
_pdbx_initial_refinement_model.details          ? 
# 
_atom_sites.entry_id                    5E5D 
_atom_sites.fract_transf_matrix[1][1]   0.00806774 
_atom_sites.fract_transf_matrix[1][2]   -0.01339880 
_atom_sites.fract_transf_matrix[1][3]   -0.01178224 
_atom_sites.fract_transf_matrix[2][1]   0.01057379 
_atom_sites.fract_transf_matrix[2][2]   0.00566705 
_atom_sites.fract_transf_matrix[2][3]   -0.01547689 
_atom_sites.fract_transf_matrix[3][1]   0.00309995 
_atom_sites.fract_transf_matrix[3][2]   0.00000317 
_atom_sites.fract_transf_matrix[3][3]   0.00211904 
_atom_sites.fract_transf_vector[1]      -0.038487 
_atom_sites.fract_transf_vector[2]      -0.336764 
_atom_sites.fract_transf_vector[3]      0.013835 
# 
loop_
_atom_type.symbol 
C  
CD 
N  
O  
S  
# 
loop_
_atom_site.group_PDB 
_atom_site.id 
_atom_site.type_symbol 
_atom_site.label_atom_id 
_atom_site.label_alt_id 
_atom_site.label_comp_id 
_atom_site.label_asym_id 
_atom_site.label_entity_id 
_atom_site.label_seq_id 
_atom_site.pdbx_PDB_ins_code 
_atom_site.Cartn_x 
_atom_site.Cartn_y 
_atom_site.Cartn_z 
_atom_site.occupancy 
_atom_site.B_iso_or_equiv 
_atom_site.pdbx_formal_charge 
_atom_site.auth_seq_id 
_atom_site.auth_comp_id 
_atom_site.auth_asym_id 
_atom_site.auth_atom_id 
_atom_site.pdbx_PDB_model_num 
ATOM   1    N  N   . MET A 1 42  ? 2.350   14.734  12.412  1.00 46.08 ? 1   MET A N   1 
ATOM   2    C  CA  . MET A 1 42  ? 3.251   15.526  11.546  1.00 41.08 ? 1   MET A CA  1 
ATOM   3    C  C   . MET A 1 42  ? 3.235   14.825  10.193  1.00 42.54 ? 1   MET A C   1 
ATOM   4    O  O   . MET A 1 42  ? 3.499   13.614  10.107  1.00 42.56 ? 1   MET A O   1 
ATOM   5    C  CB  . MET A 1 42  ? 4.658   15.556  12.126  1.00 42.69 ? 1   MET A CB  1 
ATOM   6    C  CG  . MET A 1 42  ? 5.662   16.432  11.356  1.00 50.59 ? 1   MET A CG  1 
ATOM   7    S  SD  . MET A 1 42  ? 7.406   15.894  11.474  1.00 62.87 ? 1   MET A SD  1 
ATOM   8    C  CE  . MET A 1 42  ? 7.576   15.527  13.249  1.00 61.05 ? 1   MET A CE  1 
ATOM   9    N  N   . ILE A 1 43  ? 2.891   15.581  9.154   1.00 36.25 ? 2   ILE A N   1 
ATOM   10   C  CA  . ILE A 1 43  ? 2.917   15.112  7.785   1.00 32.64 ? 2   ILE A CA  1 
ATOM   11   C  C   . ILE A 1 43  ? 4.372   14.908  7.315   1.00 33.65 ? 2   ILE A C   1 
ATOM   12   O  O   . ILE A 1 43  ? 5.186   15.795  7.412   1.00 32.56 ? 2   ILE A O   1 
ATOM   13   C  CB  . ILE A 1 43  ? 2.135   16.079  6.856   1.00 33.67 ? 2   ILE A CB  1 
ATOM   14   C  CG1 . ILE A 1 43  ? 0.632   16.062  7.204   1.00 33.27 ? 2   ILE A CG1 1 
ATOM   15   C  CG2 . ILE A 1 43  ? 2.265   15.661  5.397   1.00 36.03 ? 2   ILE A CG2 1 
ATOM   16   C  CD1 . ILE A 1 43  ? -0.131  17.219  6.623   1.00 30.86 ? 2   ILE A CD1 1 
ATOM   17   N  N   . ARG A 1 44  ? 4.690   13.725  6.794   1.00 35.12 ? 3   ARG A N   1 
ATOM   18   C  CA  . ARG A 1 44  ? 6.001   13.463  6.249   1.00 33.92 ? 3   ARG A CA  1 
ATOM   19   C  C   . ARG A 1 44  ? 6.002   13.696  4.741   1.00 32.92 ? 3   ARG A C   1 
ATOM   20   O  O   . ARG A 1 44  ? 4.975   13.514  4.086   1.00 31.12 ? 3   ARG A O   1 
ATOM   21   C  CB  . ARG A 1 44  ? 6.374   12.022  6.532   1.00 34.14 ? 3   ARG A CB  1 
ATOM   22   C  CG  . ARG A 1 44  ? 6.226   11.649  7.981   1.00 38.38 ? 3   ARG A CG  1 
ATOM   23   C  CD  . ARG A 1 44  ? 7.405   12.101  8.841   1.00 38.74 ? 3   ARG A CD  1 
ATOM   24   N  NE  . ARG A 1 44  ? 7.313   11.456  10.166  1.00 42.12 ? 3   ARG A NE  1 
ATOM   25   C  CZ  . ARG A 1 44  ? 8.099   10.470  10.624  1.00 36.37 ? 3   ARG A CZ  1 
ATOM   26   N  NH1 . ARG A 1 44  ? 9.095   9.990   9.876   1.00 32.50 ? 3   ARG A NH1 1 
ATOM   27   N  NH2 . ARG A 1 44  ? 7.882   9.971   11.849  1.00 30.83 ? 3   ARG A NH2 1 
ATOM   28   N  N   . ASP A 1 45  ? 7.156   14.076  4.200   1.00 31.85 ? 4   ASP A N   1 
ATOM   29   C  CA  . ASP A 1 45  ? 7.356   14.039  2.765   1.00 31.89 ? 4   ASP A CA  1 
ATOM   30   C  C   . ASP A 1 45  ? 7.294   12.605  2.269   1.00 30.07 ? 4   ASP A C   1 
ATOM   31   O  O   . ASP A 1 45  ? 7.925   11.708  2.823   1.00 27.96 ? 4   ASP A O   1 
ATOM   32   C  CB  . ASP A 1 45  ? 8.698   14.676  2.380   1.00 34.00 ? 4   ASP A CB  1 
ATOM   33   C  CG  . ASP A 1 45  ? 8.712   16.173  2.623   1.00 39.49 ? 4   ASP A CG  1 
ATOM   34   O  OD1 . ASP A 1 45  ? 7.755   16.868  2.197   1.00 42.94 ? 4   ASP A OD1 1 
ATOM   35   O  OD2 . ASP A 1 45  ? 9.676   16.679  3.231   1.00 39.91 ? 4   ASP A OD2 1 
ATOM   36   N  N   . ILE A 1 46  ? 6.486   12.407  1.236   1.00 28.84 ? 5   ILE A N   1 
ATOM   37   C  CA  . ILE A 1 46  ? 6.412   11.161  0.487   1.00 24.42 ? 5   ILE A CA  1 
ATOM   38   C  C   . ILE A 1 46  ? 7.535   11.215  -0.533  1.00 24.93 ? 5   ILE A C   1 
ATOM   39   O  O   . ILE A 1 46  ? 7.595   12.153  -1.323  1.00 25.79 ? 5   ILE A O   1 
ATOM   40   C  CB  . ILE A 1 46  ? 5.049   11.086  -0.206  1.00 22.85 ? 5   ILE A CB  1 
ATOM   41   C  CG1 . ILE A 1 46  ? 3.976   10.883  0.856   1.00 23.92 ? 5   ILE A CG1 1 
ATOM   42   C  CG2 . ILE A 1 46  ? 5.009   9.948   -1.203  1.00 24.46 ? 5   ILE A CG2 1 
ATOM   43   C  CD1 . ILE A 1 46  ? 2.591   11.401  0.524   1.00 24.04 ? 5   ILE A CD1 1 
ATOM   44   N  N   . ILE A 1 47  ? 8.462   10.262  -0.509  1.00 26.27 ? 6   ILE A N   1 
ATOM   45   C  CA  . ILE A 1 47  ? 9.581   10.253  -1.512  1.00 25.14 ? 6   ILE A CA  1 
ATOM   46   C  C   . ILE A 1 47  ? 9.089   9.653   -2.830  1.00 27.08 ? 6   ILE A C   1 
ATOM   47   O  O   . ILE A 1 47  ? 8.273   8.744   -2.824  1.00 30.63 ? 6   ILE A O   1 
ATOM   48   C  CB  . ILE A 1 47  ? 10.859  9.528   -0.996  1.00 22.89 ? 6   ILE A CB  1 
ATOM   49   C  CG1 . ILE A 1 47  ? 10.554  8.032   -0.672  1.00 21.36 ? 6   ILE A CG1 1 
ATOM   50   C  CG2 . ILE A 1 47  ? 11.408  10.303  0.195   1.00 20.99 ? 6   ILE A CG2 1 
ATOM   51   C  CD1 . ILE A 1 47  ? 11.731  7.212   -0.168  1.00 19.73 ? 6   ILE A CD1 1 
ATOM   52   N  N   . ARG A 1 48  ? 9.570   10.171  -3.954  1.00 30.20 ? 7   ARG A N   1 
ATOM   53   C  CA  . ARG A 1 48  ? 9.104   9.736   -5.274  1.00 31.34 ? 7   ARG A CA  1 
ATOM   54   C  C   . ARG A 1 48  ? 9.994   8.706   -5.953  1.00 32.21 ? 7   ARG A C   1 
ATOM   55   O  O   . ARG A 1 48  ? 11.209  8.612   -5.693  1.00 33.64 ? 7   ARG A O   1 
ATOM   56   C  CB  . ARG A 1 48  ? 8.887   10.934  -6.198  1.00 31.89 ? 7   ARG A CB  1 
ATOM   57   C  CG  . ARG A 1 48  ? 7.804   11.861  -5.699  1.00 34.39 ? 7   ARG A CG  1 
ATOM   58   C  CD  . ARG A 1 48  ? 7.684   13.102  -6.578  1.00 39.56 ? 7   ARG A CD  1 
ATOM   59   N  NE  . ARG A 1 48  ? 8.934   13.871  -6.586  1.00 39.08 ? 7   ARG A NE  1 
ATOM   60   C  CZ  . ARG A 1 48  ? 9.448   14.457  -7.660  1.00 38.72 ? 7   ARG A CZ  1 
ATOM   61   N  NH1 . ARG A 1 48  ? 8.832   14.391  -8.863  1.00 33.25 ? 7   ARG A NH1 1 
ATOM   62   N  NH2 . ARG A 1 48  ? 10.585  15.122  -7.510  1.00 39.25 ? 7   ARG A NH2 1 
ATOM   63   N  N   . MET A 1 49  ? 9.357   7.962   -6.855  1.00 33.95 ? 8   MET A N   1 
ATOM   64   C  CA  . MET A 1 49  ? 9.969   6.883   -7.633  1.00 32.87 ? 8   MET A CA  1 
ATOM   65   C  C   . MET A 1 49  ? 11.219  7.384   -8.280  1.00 31.07 ? 8   MET A C   1 
ATOM   66   O  O   . MET A 1 49  ? 11.210  8.454   -8.907  1.00 31.35 ? 8   MET A O   1 
ATOM   67   C  CB  . MET A 1 49  ? 9.024   6.369   -8.719  1.00 31.73 ? 8   MET A CB  1 
ATOM   68   C  CG  . MET A 1 49  ? 9.640   5.192   -9.458  1.00 35.85 ? 8   MET A CG  1 
ATOM   69   S  SD  . MET A 1 49  ? 8.692   4.405   -10.781 1.00 36.79 ? 8   MET A SD  1 
ATOM   70   C  CE  . MET A 1 49  ? 8.485   5.794   -11.902 1.00 33.99 ? 8   MET A CE  1 
ATOM   71   N  N   . GLY A 1 50  ? 12.269  6.592   -8.118  1.00 30.74 ? 9   GLY A N   1 
ATOM   72   C  CA  . GLY A 1 50  ? 13.629  6.962   -8.473  1.00 29.93 ? 9   GLY A CA  1 
ATOM   73   C  C   . GLY A 1 50  ? 14.484  7.069   -7.233  1.00 31.48 ? 9   GLY A C   1 
ATOM   74   O  O   . GLY A 1 50  ? 15.715  7.081   -7.311  1.00 30.36 ? 9   GLY A O   1 
ATOM   75   N  N   . ASP A 1 51  ? 13.841  7.203   -6.071  1.00 32.76 ? 10  ASP A N   1 
ATOM   76   C  CA  . ASP A 1 51  ? 14.615  7.332   -4.848  1.00 31.48 ? 10  ASP A CA  1 
ATOM   77   C  C   . ASP A 1 51  ? 15.067  5.953   -4.408  1.00 28.74 ? 10  ASP A C   1 
ATOM   78   O  O   . ASP A 1 51  ? 14.248  5.086   -4.186  1.00 25.79 ? 10  ASP A O   1 
ATOM   79   C  CB  . ASP A 1 51  ? 13.813  7.994   -3.749  1.00 31.09 ? 10  ASP A CB  1 
ATOM   80   C  CG  . ASP A 1 51  ? 14.686  8.402   -2.579  1.00 31.74 ? 10  ASP A CG  1 
ATOM   81   O  OD1 . ASP A 1 51  ? 15.481  7.572   -2.040  1.00 32.42 ? 10  ASP A OD1 1 
ATOM   82   O  OD2 . ASP A 1 51  ? 14.569  9.571   -2.209  1.00 30.28 ? 10  ASP A OD2 1 
ATOM   83   N  N   . LYS A 1 52  ? 16.374  5.766   -4.313  1.00 28.84 ? 11  LYS A N   1 
ATOM   84   C  CA  . LYS A 1 52  ? 16.935  4.455   -3.985  1.00 32.83 ? 11  LYS A CA  1 
ATOM   85   C  C   . LYS A 1 52  ? 16.249  3.848   -2.773  1.00 28.25 ? 11  LYS A C   1 
ATOM   86   O  O   . LYS A 1 52  ? 16.207  2.635   -2.621  1.00 30.27 ? 11  LYS A O   1 
ATOM   87   C  CB  . LYS A 1 52  ? 18.457  4.526   -3.731  1.00 34.20 ? 11  LYS A CB  1 
ATOM   88   C  CG  . LYS A 1 52  ? 19.272  3.965   -4.868  1.00 39.23 ? 11  LYS A CG  1 
ATOM   89   C  CD  . LYS A 1 52  ? 20.750  4.306   -4.740  1.00 43.76 ? 11  LYS A CD  1 
ATOM   90   C  CE  . LYS A 1 52  ? 21.226  4.833   -6.083  1.00 43.15 ? 11  LYS A CE  1 
ATOM   91   N  NZ  . LYS A 1 52  ? 22.626  4.473   -6.410  1.00 45.20 ? 11  LYS A NZ  1 
ATOM   92   N  N   . ARG A 1 53  ? 15.735  4.703   -1.916  1.00 24.52 ? 12  ARG A N   1 
ATOM   93   C  CA  . ARG A 1 53  ? 15.241  4.240   -0.646  1.00 26.72 ? 12  ARG A CA  1 
ATOM   94   C  C   . ARG A 1 53  ? 13.992  3.385   -0.734  1.00 26.06 ? 12  ARG A C   1 
ATOM   95   O  O   . ARG A 1 53  ? 13.690  2.642   0.182   1.00 32.11 ? 12  ARG A O   1 
ATOM   96   C  CB  . ARG A 1 53  ? 15.060  5.414   0.329   1.00 26.47 ? 12  ARG A CB  1 
ATOM   97   C  CG  . ARG A 1 53  ? 16.394  5.933   0.850   1.00 26.64 ? 12  ARG A CG  1 
ATOM   98   C  CD  . ARG A 1 53  ? 16.171  7.124   1.730   1.00 27.35 ? 12  ARG A CD  1 
ATOM   99   N  NE  . ARG A 1 53  ? 15.648  8.249   0.961   1.00 26.85 ? 12  ARG A NE  1 
ATOM   100  C  CZ  . ARG A 1 53  ? 15.619  9.488   1.426   1.00 27.03 ? 12  ARG A CZ  1 
ATOM   101  N  NH1 . ARG A 1 53  ? 16.054  9.736   2.669   1.00 26.88 ? 12  ARG A NH1 1 
ATOM   102  N  NH2 . ARG A 1 53  ? 15.112  10.464  0.683   1.00 24.33 ? 12  ARG A NH2 1 
ATOM   103  N  N   . LEU A 1 54  ? 13.261  3.534   -1.825  1.00 25.57 ? 13  LEU A N   1 
ATOM   104  C  CA  . LEU A 1 54  ? 12.125  2.693   -2.169  1.00 24.14 ? 13  LEU A CA  1 
ATOM   105  C  C   . LEU A 1 54  ? 12.564  1.333   -2.782  1.00 23.45 ? 13  LEU A C   1 
ATOM   106  O  O   . LEU A 1 54  ? 11.733  0.436   -2.997  1.00 23.11 ? 13  LEU A O   1 
ATOM   107  C  CB  . LEU A 1 54  ? 11.243  3.429   -3.169  1.00 23.86 ? 13  LEU A CB  1 
ATOM   108  C  CG  . LEU A 1 54  ? 10.581  4.772   -2.898  1.00 24.40 ? 13  LEU A CG  1 
ATOM   109  C  CD1 . LEU A 1 54  ? 10.023  5.182   -4.244  1.00 23.90 ? 13  LEU A CD1 1 
ATOM   110  C  CD2 . LEU A 1 54  ? 9.452   4.690   -1.876  1.00 24.73 ? 13  LEU A CD2 1 
ATOM   111  N  N   . LEU A 1 55  ? 13.855  1.169   -3.036  1.00 22.40 ? 14  LEU A N   1 
ATOM   112  C  CA  . LEU A 1 55  ? 14.358  -0.077  -3.626  1.00 23.35 ? 14  LEU A CA  1 
ATOM   113  C  C   . LEU A 1 55  ? 14.838  -1.089  -2.593  1.00 22.96 ? 14  LEU A C   1 
ATOM   114  O  O   . LEU A 1 55  ? 15.301  -2.151  -2.937  1.00 21.12 ? 14  LEU A O   1 
ATOM   115  C  CB  . LEU A 1 55  ? 15.441  0.218   -4.669  1.00 22.52 ? 14  LEU A CB  1 
ATOM   116  C  CG  . LEU A 1 55  ? 14.830  1.145   -5.750  1.00 26.49 ? 14  LEU A CG  1 
ATOM   117  C  CD1 . LEU A 1 55  ? 15.868  1.443   -6.827  1.00 24.84 ? 14  LEU A CD1 1 
ATOM   118  C  CD2 . LEU A 1 55  ? 13.484  0.634   -6.353  1.00 23.17 ? 14  LEU A CD2 1 
ATOM   119  N  N   . ARG A 1 56  ? 14.682  -0.759  -1.321  1.00 25.45 ? 15  ARG A N   1 
ATOM   120  C  CA  . ARG A 1 56  ? 15.261  -1.553  -0.237  1.00 25.73 ? 15  ARG A CA  1 
ATOM   121  C  C   . ARG A 1 56  ? 14.349  -2.647  0.211   1.00 26.47 ? 15  ARG A C   1 
ATOM   122  O  O   . ARG A 1 56  ? 13.146  -2.514  0.120   1.00 28.06 ? 15  ARG A O   1 
ATOM   123  C  CB  . ARG A 1 56  ? 15.480  -0.668  0.965   1.00 24.79 ? 15  ARG A CB  1 
ATOM   124  C  CG  . ARG A 1 56  ? 16.531  0.385   0.789   1.00 25.29 ? 15  ARG A CG  1 
ATOM   125  C  CD  . ARG A 1 56  ? 16.795  0.873   2.189   1.00 30.67 ? 15  ARG A CD  1 
ATOM   126  N  NE  . ARG A 1 56  ? 15.856  1.922   2.619   1.00 30.21 ? 15  ARG A NE  1 
ATOM   127  C  CZ  . ARG A 1 56  ? 16.258  2.990   3.320   1.00 27.58 ? 15  ARG A CZ  1 
ATOM   128  N  NH1 . ARG A 1 56  ? 17.554  3.104   3.636   1.00 22.67 ? 15  ARG A NH1 1 
ATOM   129  N  NH2 . ARG A 1 56  ? 15.390  3.931   3.685   1.00 24.55 ? 15  ARG A NH2 1 
ATOM   130  N  N   . VAL A 1 57  ? 14.917  -3.728  0.716   1.00 28.46 ? 16  VAL A N   1 
ATOM   131  C  CA  . VAL A 1 57  ? 14.128  -4.686  1.436   1.00 32.33 ? 16  VAL A CA  1 
ATOM   132  C  C   . VAL A 1 57  ? 14.191  -4.285  2.937   1.00 33.24 ? 16  VAL A C   1 
ATOM   133  O  O   . VAL A 1 57  ? 15.254  -4.351  3.552   1.00 34.35 ? 16  VAL A O   1 
ATOM   134  C  CB  . VAL A 1 57  ? 14.539  -6.155  1.085   1.00 37.41 ? 16  VAL A CB  1 
ATOM   135  C  CG1 . VAL A 1 57  ? 16.002  -6.243  0.639   1.00 40.58 ? 16  VAL A CG1 1 
ATOM   136  C  CG2 . VAL A 1 57  ? 14.188  -7.123  2.223   1.00 32.36 ? 16  VAL A CG2 1 
ATOM   137  N  N   . ALA A 1 58  ? 13.054  -3.817  3.482   1.00 28.61 ? 17  ALA A N   1 
ATOM   138  C  CA  . ALA A 1 58  ? 12.929  -3.270  4.835   1.00 26.35 ? 17  ALA A CA  1 
ATOM   139  C  C   . ALA A 1 58  ? 13.010  -4.368  5.889   1.00 27.83 ? 17  ALA A C   1 
ATOM   140  O  O   . ALA A 1 58  ? 12.413  -5.438  5.713   1.00 27.44 ? 17  ALA A O   1 
ATOM   141  C  CB  . ALA A 1 58  ? 11.589  -2.553  4.992   1.00 23.29 ? 17  ALA A CB  1 
ATOM   142  N  N   . PRO A 1 59  ? 13.706  -4.101  7.010   1.00 27.47 ? 18  PRO A N   1 
ATOM   143  C  CA  . PRO A 1 59  ? 13.756  -5.076  8.118   1.00 28.37 ? 18  PRO A CA  1 
ATOM   144  C  C   . PRO A 1 59  ? 12.463  -5.063  8.925   1.00 27.12 ? 18  PRO A C   1 
ATOM   145  O  O   . PRO A 1 59  ? 11.672  -4.147  8.778   1.00 29.07 ? 18  PRO A O   1 
ATOM   146  C  CB  . PRO A 1 59  ? 14.912  -4.562  8.980   1.00 25.04 ? 18  PRO A CB  1 
ATOM   147  C  CG  . PRO A 1 59  ? 14.907  -3.111  8.753   1.00 25.72 ? 18  PRO A CG  1 
ATOM   148  C  CD  . PRO A 1 59  ? 14.513  -2.906  7.306   1.00 27.12 ? 18  PRO A CD  1 
ATOM   149  N  N   . GLN A 1 60  ? 12.256  -6.069  9.765   1.00 27.69 ? 19  GLN A N   1 
ATOM   150  C  CA  . GLN A 1 60  ? 11.059  -6.153  10.588  1.00 26.84 ? 19  GLN A CA  1 
ATOM   151  C  C   . GLN A 1 60  ? 10.910  -5.023  11.588  1.00 24.45 ? 19  GLN A C   1 
ATOM   152  O  O   . GLN A 1 60  ? 11.881  -4.393  11.985  1.00 22.45 ? 19  GLN A O   1 
ATOM   153  C  CB  . GLN A 1 60  ? 11.062  -7.452  11.324  1.00 29.27 ? 19  GLN A CB  1 
ATOM   154  C  CG  . GLN A 1 60  ? 10.599  -8.581  10.440  1.00 36.93 ? 19  GLN A CG  1 
ATOM   155  C  CD  . GLN A 1 60  ? 10.628  -9.881  11.199  1.00 39.89 ? 19  GLN A CD  1 
ATOM   156  O  OE1 . GLN A 1 60  ? 11.658  -10.247 11.766  1.00 44.97 ? 19  GLN A OE1 1 
ATOM   157  N  NE2 . GLN A 1 60  ? 9.505   -10.567 11.243  1.00 38.10 ? 19  GLN A NE2 1 
ATOM   158  N  N   . VAL A 1 61  ? 9.672   -4.754  11.970  1.00 22.97 ? 20  VAL A N   1 
ATOM   159  C  CA  . VAL A 1 61  ? 9.417   -3.846  13.081  1.00 22.14 ? 20  VAL A CA  1 
ATOM   160  C  C   . VAL A 1 61  ? 9.674   -4.628  14.359  1.00 22.57 ? 20  VAL A C   1 
ATOM   161  O  O   . VAL A 1 61  ? 9.136   -5.720  14.525  1.00 22.97 ? 20  VAL A O   1 
ATOM   162  C  CB  . VAL A 1 61  ? 7.958   -3.317  13.101  1.00 20.90 ? 20  VAL A CB  1 
ATOM   163  C  CG1 . VAL A 1 61  ? 7.695   -2.505  14.382  1.00 19.86 ? 20  VAL A CG1 1 
ATOM   164  C  CG2 . VAL A 1 61  ? 7.654   -2.489  11.865  1.00 18.94 ? 20  VAL A CG2 1 
ATOM   165  N  N   . THR A 1 62  ? 10.486  -4.083  15.259  1.00 21.87 ? 21  THR A N   1 
ATOM   166  C  CA  . THR A 1 62  ? 10.782  -4.799  16.506  1.00 20.92 ? 21  THR A CA  1 
ATOM   167  C  C   . THR A 1 62  ? 10.420  -3.948  17.741  1.00 20.46 ? 21  THR A C   1 
ATOM   168  O  O   . THR A 1 62  ? 10.739  -4.303  18.862  1.00 28.64 ? 21  THR A O   1 
ATOM   169  C  CB  . THR A 1 62  ? 12.268  -5.154  16.590  1.00 19.26 ? 21  THR A CB  1 
ATOM   170  O  OG1 . THR A 1 62  ? 12.979  -3.952  16.508  1.00 18.81 ? 21  THR A OG1 1 
ATOM   171  C  CG2 . THR A 1 62  ? 12.725  -5.992  15.410  1.00 20.26 ? 21  THR A CG2 1 
ATOM   172  N  N   . ASN A 1 63  ? 9.731   -2.836  17.553  1.00 19.55 ? 22  ASN A N   1 
ATOM   173  C  CA  . ASN A 1 63  ? 9.263   -2.072  18.699  1.00 17.84 ? 22  ASN A CA  1 
ATOM   174  C  C   . ASN A 1 63  ? 7.743   -1.931  18.891  1.00 17.21 ? 22  ASN A C   1 
ATOM   175  O  O   . ASN A 1 63  ? 7.247   -0.855  19.260  1.00 17.62 ? 22  ASN A O   1 
ATOM   176  C  CB  . ASN A 1 63  ? 9.924   -0.720  18.697  1.00 18.42 ? 22  ASN A CB  1 
ATOM   177  C  CG  . ASN A 1 63  ? 9.500   0.149   17.534  1.00 19.06 ? 22  ASN A CG  1 
ATOM   178  O  OD1 . ASN A 1 63  ? 9.739   1.323   17.592  1.00 22.27 ? 22  ASN A OD1 1 
ATOM   179  N  ND2 . ASN A 1 63  ? 8.886   -0.405  16.496  1.00 18.11 ? 22  ASN A ND2 1 
ATOM   180  N  N   . LEU A 1 64  ? 7.013   -3.018  18.650  1.00 16.07 ? 23  LEU A N   1 
ATOM   181  C  CA  . LEU A 1 64  ? 5.600   -3.080  18.945  1.00 16.44 ? 23  LEU A CA  1 
ATOM   182  C  C   . LEU A 1 64  ? 5.269   -2.521  20.327  1.00 17.84 ? 23  LEU A C   1 
ATOM   183  O  O   . LEU A 1 64  ? 6.091   -2.570  21.248  1.00 19.47 ? 23  LEU A O   1 
ATOM   184  C  CB  . LEU A 1 64  ? 5.128   -4.524  18.809  1.00 16.62 ? 23  LEU A CB  1 
ATOM   185  C  CG  . LEU A 1 64  ? 5.333   -5.078  17.376  1.00 17.04 ? 23  LEU A CG  1 
ATOM   186  C  CD1 . LEU A 1 64  ? 4.970   -6.543  17.331  1.00 16.68 ? 23  LEU A CD1 1 
ATOM   187  C  CD2 . LEU A 1 64  ? 4.548   -4.334  16.305  1.00 16.89 ? 23  LEU A CD2 1 
ATOM   188  N  N   . GLY A 1 65  ? 4.075   -1.958  20.481  1.00 19.16 ? 24  GLY A N   1 
ATOM   189  C  CA  . GLY A 1 65  ? 3.677   -1.340  21.759  1.00 19.69 ? 24  GLY A CA  1 
ATOM   190  C  C   . GLY A 1 65  ? 4.435   -0.074  22.133  1.00 21.33 ? 24  GLY A C   1 
ATOM   191  O  O   . GLY A 1 65  ? 4.084   0.570   23.132  1.00 22.68 ? 24  GLY A O   1 
ATOM   192  N  N   . SER A 1 66  ? 5.471   0.300   21.364  1.00 20.37 ? 25  SER A N   1 
ATOM   193  C  CA  . SER A 1 66  ? 6.271   1.442   21.761  1.00 21.26 ? 25  SER A CA  1 
ATOM   194  C  C   . SER A 1 66  ? 5.603   2.783   21.434  1.00 23.16 ? 25  SER A C   1 
ATOM   195  O  O   . SER A 1 66  ? 4.828   2.890   20.471  1.00 25.36 ? 25  SER A O   1 
ATOM   196  C  CB  . SER A 1 66  ? 7.659   1.367   21.155  1.00 20.06 ? 25  SER A CB  1 
ATOM   197  O  OG  . SER A 1 66  ? 7.650   1.782   19.805  1.00 18.98 ? 25  SER A OG  1 
ATOM   198  N  N   . ALA A 1 67  ? 5.925   3.811   22.215  1.00 23.46 ? 26  ALA A N   1 
ATOM   199  C  CA  . ALA A 1 67  ? 5.394   5.162   21.973  1.00 22.67 ? 26  ALA A CA  1 
ATOM   200  C  C   . ALA A 1 67  ? 5.933   5.685   20.626  1.00 24.57 ? 26  ALA A C   1 
ATOM   201  O  O   . ALA A 1 67  ? 5.189   6.358   19.899  1.00 22.87 ? 26  ALA A O   1 
ATOM   202  C  CB  . ALA A 1 67  ? 5.759   6.109   23.112  1.00 18.78 ? 26  ALA A CB  1 
ATOM   203  N  N   . GLU A 1 68  ? 7.214   5.373   20.330  1.00 24.88 ? 27  GLU A N   1 
ATOM   204  C  CA  . GLU A 1 68  ? 7.881   5.693   19.070  1.00 25.25 ? 27  GLU A CA  1 
ATOM   205  C  C   . GLU A 1 68  ? 7.088   5.099   17.886  1.00 23.92 ? 27  GLU A C   1 
ATOM   206  O  O   . GLU A 1 68  ? 6.842   5.760   16.905  1.00 24.36 ? 27  GLU A O   1 
ATOM   207  C  CB  . GLU A 1 68  ? 9.299   5.103   19.040  1.00 28.82 ? 27  GLU A CB  1 
ATOM   208  C  CG  . GLU A 1 68  ? 10.330  5.697   20.021  1.00 37.81 ? 27  GLU A CG  1 
ATOM   209  C  CD  . GLU A 1 68  ? 10.127  5.344   21.529  1.00 43.75 ? 27  GLU A CD  1 
ATOM   210  O  OE1 . GLU A 1 68  ? 9.823   4.173   21.904  1.00 39.46 ? 27  GLU A OE1 1 
ATOM   211  O  OE2 . GLU A 1 68  ? 10.295  6.271   22.366  1.00 45.02 ? 27  GLU A OE2 1 
ATOM   212  N  N   . LEU A 1 69  ? 6.704   3.842   17.973  1.00 22.24 ? 28  LEU A N   1 
ATOM   213  C  CA  . LEU A 1 69  ? 6.018   3.205   16.870  1.00 21.75 ? 28  LEU A CA  1 
ATOM   214  C  C   . LEU A 1 69  ? 4.648   3.837   16.631  1.00 23.55 ? 28  LEU A C   1 
ATOM   215  O  O   . LEU A 1 69  ? 4.290   4.085   15.460  1.00 20.22 ? 28  LEU A O   1 
ATOM   216  C  CB  . LEU A 1 69  ? 5.864   1.714   17.104  1.00 20.10 ? 28  LEU A CB  1 
ATOM   217  C  CG  . LEU A 1 69  ? 4.974   1.001   16.095  1.00 20.50 ? 28  LEU A CG  1 
ATOM   218  C  CD1 . LEU A 1 69  ? 5.645   1.002   14.717  1.00 20.28 ? 28  LEU A CD1 1 
ATOM   219  C  CD2 . LEU A 1 69  ? 4.727   -0.433  16.532  1.00 19.27 ? 28  LEU A CD2 1 
ATOM   220  N  N   . HIS A 1 70  ? 3.897   4.066   17.733  1.00 25.35 ? 29  HIS A N   1 
ATOM   221  C  CA  . HIS A 1 70  ? 2.610   4.802   17.705  1.00 25.99 ? 29  HIS A CA  1 
ATOM   222  C  C   . HIS A 1 70  ? 2.789   6.210   17.083  1.00 24.40 ? 29  HIS A C   1 
ATOM   223  O  O   . HIS A 1 70  ? 1.992   6.647   16.263  1.00 25.51 ? 29  HIS A O   1 
ATOM   224  C  CB  . HIS A 1 70  ? 1.884   4.850   19.082  1.00 28.10 ? 29  HIS A CB  1 
ATOM   225  C  CG  . HIS A 1 70  ? 1.339   3.508   19.558  1.00 38.47 ? 29  HIS A CG  1 
ATOM   226  N  ND1 . HIS A 1 70  ? 0.135   2.974   19.120  1.00 44.74 ? 29  HIS A ND1 1 
ATOM   227  C  CD2 . HIS A 1 70  ? 1.833   2.603   20.455  1.00 38.92 ? 29  HIS A CD2 1 
ATOM   228  C  CE1 . HIS A 1 70  ? -0.073  1.798   19.707  1.00 45.57 ? 29  HIS A CE1 1 
ATOM   229  N  NE2 . HIS A 1 70  ? 0.946   1.549   20.517  1.00 37.88 ? 29  HIS A NE2 1 
ATOM   230  N  N   . ALA A 1 71  ? 3.848   6.911   17.409  1.00 21.78 ? 30  ALA A N   1 
ATOM   231  C  CA  . ALA A 1 71  ? 3.967   8.232   16.834  1.00 22.62 ? 30  ALA A CA  1 
ATOM   232  C  C   . ALA A 1 71  ? 4.134   8.080   15.303  1.00 23.75 ? 30  ALA A C   1 
ATOM   233  O  O   . ALA A 1 71  ? 3.406   8.711   14.533  1.00 25.14 ? 30  ALA A O   1 
ATOM   234  C  CB  . ALA A 1 71  ? 5.115   9.012   17.464  1.00 18.36 ? 30  ALA A CB  1 
ATOM   235  N  N   . LEU A 1 72  ? 5.069   7.219   14.884  1.00 23.63 ? 31  LEU A N   1 
ATOM   236  C  CA  . LEU A 1 72  ? 5.268   6.880   13.475  1.00 23.90 ? 31  LEU A CA  1 
ATOM   237  C  C   . LEU A 1 72  ? 3.967   6.468   12.741  1.00 25.25 ? 31  LEU A C   1 
ATOM   238  O  O   . LEU A 1 72  ? 3.701   6.983   11.650  1.00 24.69 ? 31  LEU A O   1 
ATOM   239  C  CB  . LEU A 1 72  ? 6.352   5.832   13.304  1.00 22.18 ? 31  LEU A CB  1 
ATOM   240  C  CG  . LEU A 1 72  ? 6.551   5.205   11.912  1.00 22.40 ? 31  LEU A CG  1 
ATOM   241  C  CD1 . LEU A 1 72  ? 6.965   6.239   10.870  1.00 20.07 ? 31  LEU A CD1 1 
ATOM   242  C  CD2 . LEU A 1 72  ? 7.611   4.093   11.970  1.00 22.63 ? 31  LEU A CD2 1 
ATOM   243  N  N   . VAL A 1 73  ? 3.139   5.594   13.314  1.00 25.08 ? 32  VAL A N   1 
ATOM   244  C  CA  . VAL A 1 73  ? 1.938   5.219   12.544  1.00 26.93 ? 32  VAL A CA  1 
ATOM   245  C  C   . VAL A 1 73  ? 0.967   6.379   12.402  1.00 27.36 ? 32  VAL A C   1 
ATOM   246  O  O   . VAL A 1 73  ? 0.363   6.572   11.328  1.00 27.05 ? 32  VAL A O   1 
ATOM   247  C  CB  . VAL A 1 73  ? 1.286   3.854   12.931  1.00 25.95 ? 32  VAL A CB  1 
ATOM   248  C  CG1 . VAL A 1 73  ? 2.220   3.126   13.830  1.00 26.09 ? 32  VAL A CG1 1 
ATOM   249  C  CG2 . VAL A 1 73  ? -0.116  3.973   13.519  1.00 23.28 ? 32  VAL A CG2 1 
ATOM   250  N  N   . SER A 1 74  ? 0.864   7.147   13.489  1.00 25.28 ? 33  SER A N   1 
ATOM   251  C  CA  . SER A 1 74  ? -0.006  8.297   13.575  1.00 23.39 ? 33  SER A CA  1 
ATOM   252  C  C   . SER A 1 74  ? 0.376   9.287   12.463  1.00 24.23 ? 33  SER A C   1 
ATOM   253  O  O   . SER A 1 74  ? -0.507  9.809   11.764  1.00 25.49 ? 33  SER A O   1 
ATOM   254  C  CB  . SER A 1 74  ? 0.086   8.908   14.979  1.00 21.73 ? 33  SER A CB  1 
ATOM   255  O  OG  . SER A 1 74  ? -0.512  10.185  15.065  1.00 21.75 ? 33  SER A OG  1 
ATOM   256  N  N   . ASP A 1 75  ? 1.682   9.506   12.277  1.00 25.25 ? 34  ASP A N   1 
ATOM   257  C  CA  . ASP A 1 75  ? 2.202   10.332  11.176  1.00 25.91 ? 34  ASP A CA  1 
ATOM   258  C  C   . ASP A 1 75  ? 1.844   9.745   9.811   1.00 28.97 ? 34  ASP A C   1 
ATOM   259  O  O   . ASP A 1 75  ? 1.627   10.501  8.816   1.00 30.51 ? 34  ASP A O   1 
ATOM   260  C  CB  . ASP A 1 75  ? 3.698   10.363  11.212  1.00 26.58 ? 34  ASP A CB  1 
ATOM   261  C  CG  . ASP A 1 75  ? 4.257   11.327  12.236  1.00 28.59 ? 34  ASP A CG  1 
ATOM   262  O  OD1 . ASP A 1 75  ? 3.526   11.970  13.009  1.00 30.07 ? 34  ASP A OD1 1 
ATOM   263  O  OD2 . ASP A 1 75  ? 5.488   11.454  12.247  1.00 29.41 ? 34  ASP A OD2 1 
ATOM   264  N  N   . MET A 1 76  ? 1.785   8.411   9.760   1.00 24.95 ? 35  MET A N   1 
ATOM   265  C  CA  . MET A 1 76  ? 1.539   7.689   8.519   1.00 23.99 ? 35  MET A CA  1 
ATOM   266  C  C   . MET A 1 76  ? 0.122   7.856   7.990   1.00 24.57 ? 35  MET A C   1 
ATOM   267  O  O   . MET A 1 76  ? -0.092  8.178   6.802   1.00 23.99 ? 35  MET A O   1 
ATOM   268  C  CB  . MET A 1 76  ? 1.943   6.226   8.651   1.00 22.89 ? 35  MET A CB  1 
ATOM   269  C  CG  . MET A 1 76  ? 3.461   6.019   8.597   1.00 20.91 ? 35  MET A CG  1 
ATOM   270  S  SD  . MET A 1 76  ? 3.946   4.284   8.499   1.00 21.99 ? 35  MET A SD  1 
ATOM   271  C  CE  . MET A 1 76  ? 3.305   3.701   6.937   1.00 21.46 ? 35  MET A CE  1 
ATOM   272  N  N   . PHE A 1 77  ? -0.828  7.669   8.884   1.00 24.24 ? 36  PHE A N   1 
ATOM   273  C  CA  . PHE A 1 77  ? -2.232  7.980   8.627   1.00 24.31 ? 36  PHE A CA  1 
ATOM   274  C  C   . PHE A 1 77  ? -2.457  9.465   8.273   1.00 24.46 ? 36  PHE A C   1 
ATOM   275  O  O   . PHE A 1 77  ? -3.281  9.833   7.432   1.00 22.17 ? 36  PHE A O   1 
ATOM   276  C  CB  . PHE A 1 77  ? -3.023  7.695   9.886   1.00 22.88 ? 36  PHE A CB  1 
ATOM   277  C  CG  . PHE A 1 77  ? -3.423  6.261   10.065  1.00 22.68 ? 36  PHE A CG  1 
ATOM   278  C  CD1 . PHE A 1 77  ? -4.095  5.554   9.042   1.00 21.38 ? 36  PHE A CD1 1 
ATOM   279  C  CD2 . PHE A 1 77  ? -3.202  5.616   11.288  1.00 22.40 ? 36  PHE A CD2 1 
ATOM   280  C  CE1 . PHE A 1 77  ? -4.504  4.233   9.229   1.00 20.34 ? 36  PHE A CE1 1 
ATOM   281  C  CE2 . PHE A 1 77  ? -3.623  4.282   11.480  1.00 21.74 ? 36  PHE A CE2 1 
ATOM   282  C  CZ  . PHE A 1 77  ? -4.279  3.597   10.451  1.00 20.75 ? 36  PHE A CZ  1 
ATOM   283  N  N   . GLU A 1 78  ? -1.714  10.332  8.926   1.00 26.38 ? 37  GLU A N   1 
ATOM   284  C  CA  . GLU A 1 78  ? -1.881  11.754  8.680   1.00 26.20 ? 37  GLU A CA  1 
ATOM   285  C  C   . GLU A 1 78  ? -1.396  12.102  7.283   1.00 25.54 ? 37  GLU A C   1 
ATOM   286  O  O   . GLU A 1 78  ? -2.076  12.802  6.531   1.00 28.07 ? 37  GLU A O   1 
ATOM   287  C  CB  . GLU A 1 78  ? -1.082  12.508  9.707   1.00 29.12 ? 37  GLU A CB  1 
ATOM   288  C  CG  . GLU A 1 78  ? -1.682  13.840  10.083  1.00 34.45 ? 37  GLU A CG  1 
ATOM   289  C  CD  . GLU A 1 78  ? -0.784  14.629  11.001  1.00 38.13 ? 37  GLU A CD  1 
ATOM   290  O  OE1 . GLU A 1 78  ? -0.176  14.036  11.954  1.00 38.03 ? 37  GLU A OE1 1 
ATOM   291  O  OE2 . GLU A 1 78  ? -0.706  15.857  10.761  1.00 38.39 ? 37  GLU A OE2 1 
ATOM   292  N  N   . THR A 1 79  ? -0.213  11.592  6.945   1.00 24.85 ? 38  THR A N   1 
ATOM   293  C  CA  . THR A 1 79  ? 0.379   11.746  5.629   1.00 23.40 ? 38  THR A CA  1 
ATOM   294  C  C   . THR A 1 79  ? -0.466  11.131  4.550   1.00 23.95 ? 38  THR A C   1 
ATOM   295  O  O   . THR A 1 79  ? -0.655  11.754  3.519   1.00 26.77 ? 38  THR A O   1 
ATOM   296  C  CB  . THR A 1 79  ? 1.772   11.124  5.595   1.00 23.27 ? 38  THR A CB  1 
ATOM   297  O  OG1 . THR A 1 79  ? 2.539   11.785  6.588   1.00 24.39 ? 38  THR A OG1 1 
ATOM   298  C  CG2 . THR A 1 79  ? 2.459   11.311  4.243   1.00 22.00 ? 38  THR A CG2 1 
ATOM   299  N  N   . MET A 1 80  ? -0.981  9.925   4.781   1.00 22.88 ? 39  MET A N   1 
ATOM   300  C  CA  . MET A 1 80  ? -1.782  9.239   3.782   1.00 21.65 ? 39  MET A CA  1 
ATOM   301  C  C   . MET A 1 80  ? -3.052  10.069  3.517   1.00 22.47 ? 39  MET A C   1 
ATOM   302  O  O   . MET A 1 80  ? -3.472  10.245  2.339   1.00 22.05 ? 39  MET A O   1 
ATOM   303  C  CB  . MET A 1 80  ? -2.155  7.829   4.276   1.00 22.66 ? 39  MET A CB  1 
ATOM   304  C  CG  . MET A 1 80  ? -2.911  6.981   3.263   1.00 21.33 ? 39  MET A CG  1 
ATOM   305  S  SD  . MET A 1 80  ? -3.496  5.405   3.899   1.00 22.36 ? 39  MET A SD  1 
ATOM   306  C  CE  . MET A 1 80  ? -4.950  5.781   4.864   1.00 20.42 ? 39  MET A CE  1 
ATOM   307  N  N   . GLY A 1 81  ? -3.645  10.579  4.609   1.00 21.84 ? 40  GLY A N   1 
ATOM   308  C  CA  . GLY A 1 81  ? -4.888  11.356  4.568   1.00 20.18 ? 40  GLY A CA  1 
ATOM   309  C  C   . GLY A 1 81  ? -4.730  12.674  3.806   1.00 21.25 ? 40  GLY A C   1 
ATOM   310  O  O   . GLY A 1 81  ? -5.590  13.002  2.998   1.00 20.86 ? 40  GLY A O   1 
ATOM   311  N  N   . ALA A 1 82  ? -3.626  13.398  4.038   1.00 20.71 ? 41  ALA A N   1 
ATOM   312  C  CA  . ALA A 1 82  ? -3.420  14.695  3.443   1.00 22.38 ? 41  ALA A CA  1 
ATOM   313  C  C   . ALA A 1 82  ? -3.258  14.500  1.924   1.00 26.31 ? 41  ALA A C   1 
ATOM   314  O  O   . ALA A 1 82  ? -3.756  15.323  1.122   1.00 25.52 ? 41  ALA A O   1 
ATOM   315  C  CB  . ALA A 1 82  ? -2.182  15.365  4.029   1.00 21.55 ? 41  ALA A CB  1 
ATOM   316  N  N   . ALA A 1 83  ? -2.579  13.412  1.541   1.00 26.18 ? 42  ALA A N   1 
ATOM   317  C  CA  . ALA A 1 83  ? -2.392  13.068  0.137   1.00 26.54 ? 42  ALA A CA  1 
ATOM   318  C  C   . ALA A 1 83  ? -3.523  12.245  -0.456  1.00 27.81 ? 42  ALA A C   1 
ATOM   319  O  O   . ALA A 1 83  ? -3.424  11.827  -1.586  1.00 27.86 ? 42  ALA A O   1 
ATOM   320  C  CB  . ALA A 1 83  ? -1.078  12.343  -0.059  1.00 26.64 ? 42  ALA A CB  1 
ATOM   321  N  N   . HIS A 1 84  ? -4.593  12.015  0.305   1.00 28.97 ? 43  HIS A N   1 
ATOM   322  C  CA  . HIS A 1 84  ? -5.746  11.220  -0.171  1.00 28.71 ? 43  HIS A CA  1 
ATOM   323  C  C   . HIS A 1 84  ? -5.382  9.787   -0.625  1.00 29.27 ? 43  HIS A C   1 
ATOM   324  O  O   . HIS A 1 84  ? -5.956  9.255   -1.578  1.00 29.50 ? 43  HIS A O   1 
ATOM   325  C  CB  . HIS A 1 84  ? -6.531  11.993  -1.243  1.00 27.49 ? 43  HIS A CB  1 
ATOM   326  C  CG  . HIS A 1 84  ? -7.097  13.283  -0.735  1.00 28.66 ? 43  HIS A CG  1 
ATOM   327  N  ND1 . HIS A 1 84  ? -8.416  13.415  -0.356  1.00 27.66 ? 43  HIS A ND1 1 
ATOM   328  C  CD2 . HIS A 1 84  ? -6.503  14.474  -0.462  1.00 27.77 ? 43  HIS A CD2 1 
ATOM   329  C  CE1 . HIS A 1 84  ? -8.615  14.638  0.108   1.00 27.79 ? 43  HIS A CE1 1 
ATOM   330  N  NE2 . HIS A 1 84  ? -7.474  15.304  0.040   1.00 28.04 ? 43  HIS A NE2 1 
ATOM   331  N  N   . GLY A 1 85  ? -4.447  9.146   0.078   1.00 28.40 ? 44  GLY A N   1 
ATOM   332  C  CA  . GLY A 1 85  ? -4.004  7.798   -0.315  1.00 25.24 ? 44  GLY A CA  1 
ATOM   333  C  C   . GLY A 1 85  ? -4.985  6.761   0.176   1.00 24.97 ? 44  GLY A C   1 
ATOM   334  O  O   . GLY A 1 85  ? -5.827  7.044   1.026   1.00 24.28 ? 44  GLY A O   1 
ATOM   335  N  N   . VAL A 1 86  ? -4.897  5.555   -0.353  1.00 25.13 ? 45  VAL A N   1 
ATOM   336  C  CA  . VAL A 1 86  ? -5.660  4.452   0.233   1.00 26.28 ? 45  VAL A CA  1 
ATOM   337  C  C   . VAL A 1 86  ? -4.754  3.564   1.110   1.00 26.60 ? 45  VAL A C   1 
ATOM   338  O  O   . VAL A 1 86  ? -5.224  2.799   1.966   1.00 29.63 ? 45  VAL A O   1 
ATOM   339  C  CB  . VAL A 1 86  ? -6.433  3.636   -0.839  1.00 25.54 ? 45  VAL A CB  1 
ATOM   340  C  CG1 . VAL A 1 86  ? -7.566  4.463   -1.432  1.00 22.37 ? 45  VAL A CG1 1 
ATOM   341  C  CG2 . VAL A 1 86  ? -5.505  3.112   -1.936  1.00 25.56 ? 45  VAL A CG2 1 
ATOM   342  N  N   . GLY A 1 87  ? -3.448  3.705   0.909   1.00 24.89 ? 46  GLY A N   1 
ATOM   343  C  CA  . GLY A 1 87  ? -2.432  2.930   1.636   1.00 25.25 ? 46  GLY A CA  1 
ATOM   344  C  C   . GLY A 1 87  ? -1.128  3.696   1.635   1.00 26.51 ? 46  GLY A C   1 
ATOM   345  O  O   . GLY A 1 87  ? -0.893  4.567   0.767   1.00 27.20 ? 46  GLY A O   1 
ATOM   346  N  N   . LEU A 1 88  ? -0.261  3.414   2.602   1.00 25.45 ? 47  LEU A N   1 
ATOM   347  C  CA  . LEU A 1 88  ? 1.055   4.072   2.601   1.00 23.23 ? 47  LEU A CA  1 
ATOM   348  C  C   . LEU A 1 88  ? 2.041   3.166   3.271   1.00 23.22 ? 47  LEU A C   1 
ATOM   349  O  O   . LEU A 1 88  ? 1.746   2.665   4.358   1.00 27.60 ? 47  LEU A O   1 
ATOM   350  C  CB  . LEU A 1 88  ? 0.987   5.407   3.342   1.00 21.92 ? 47  LEU A CB  1 
ATOM   351  C  CG  . LEU A 1 88  ? 2.225   6.289   3.247   1.00 21.78 ? 47  LEU A CG  1 
ATOM   352  C  CD1 . LEU A 1 88  ? 2.377   6.934   1.863   1.00 20.48 ? 47  LEU A CD1 1 
ATOM   353  C  CD2 . LEU A 1 88  ? 2.221   7.319   4.361   1.00 21.86 ? 47  LEU A CD2 1 
ATOM   354  N  N   . ALA A 1 89  ? 3.179   2.923   2.636   1.00 19.47 ? 48  ALA A N   1 
ATOM   355  C  CA  . ALA A 1 89  ? 4.151   2.020   3.194   1.00 19.51 ? 48  ALA A CA  1 
ATOM   356  C  C   . ALA A 1 89  ? 5.248   2.840   3.839   1.00 21.84 ? 48  ALA A C   1 
ATOM   357  O  O   . ALA A 1 89  ? 5.627   3.900   3.332   1.00 24.12 ? 48  ALA A O   1 
ATOM   358  C  CB  . ALA A 1 89  ? 4.728   1.129   2.097   1.00 19.47 ? 48  ALA A CB  1 
ATOM   359  N  N   . ALA A 1 90  ? 5.816   2.365   4.929   1.00 21.57 ? 49  ALA A N   1 
ATOM   360  C  CA  . ALA A 1 90  ? 6.784   3.189   5.609   1.00 21.44 ? 49  ALA A CA  1 
ATOM   361  C  C   . ALA A 1 90  ? 7.944   3.643   4.720   1.00 22.91 ? 49  ALA A C   1 
ATOM   362  O  O   . ALA A 1 90  ? 8.423   4.771   4.873   1.00 25.97 ? 49  ALA A O   1 
ATOM   363  C  CB  . ALA A 1 90  ? 7.296   2.494   6.862   1.00 23.14 ? 49  ALA A CB  1 
ATOM   364  N  N   . PRO A 1 91  ? 8.445   2.781   3.807   1.00 22.90 ? 50  PRO A N   1 
ATOM   365  C  CA  . PRO A 1 91  ? 9.589   3.236   2.967   1.00 21.75 ? 50  PRO A CA  1 
ATOM   366  C  C   . PRO A 1 91  ? 9.285   4.470   2.099   1.00 24.32 ? 50  PRO A C   1 
ATOM   367  O  O   . PRO A 1 91  ? 10.189  5.204   1.715   1.00 27.44 ? 50  PRO A O   1 
ATOM   368  C  CB  . PRO A 1 91  ? 9.834   2.043   2.065   1.00 21.91 ? 50  PRO A CB  1 
ATOM   369  C  CG  . PRO A 1 91  ? 9.382   0.854   2.869   1.00 20.68 ? 50  PRO A CG  1 
ATOM   370  C  CD  . PRO A 1 91  ? 8.195   1.333   3.652   1.00 21.64 ? 50  PRO A CD  1 
ATOM   371  N  N   . GLN A 1 92  ? 8.010   4.679   1.784   1.00 24.66 ? 51  GLN A N   1 
ATOM   372  C  CA  . GLN A 1 92  ? 7.527   5.838   1.043   1.00 22.78 ? 51  GLN A CA  1 
ATOM   373  C  C   . GLN A 1 92  ? 7.682   7.177   1.745   1.00 24.06 ? 51  GLN A C   1 
ATOM   374  O  O   . GLN A 1 92  ? 7.626   8.220   1.082   1.00 24.36 ? 51  GLN A O   1 
ATOM   375  C  CB  . GLN A 1 92  ? 6.055   5.676   0.714   1.00 21.41 ? 51  GLN A CB  1 
ATOM   376  C  CG  . GLN A 1 92  ? 5.745   4.602   -0.291  1.00 20.53 ? 51  GLN A CG  1 
ATOM   377  C  CD  . GLN A 1 92  ? 4.298   4.668   -0.685  1.00 22.43 ? 51  GLN A CD  1 
ATOM   378  O  OE1 . GLN A 1 92  ? 3.449   3.979   -0.096  1.00 24.25 ? 51  GLN A OE1 1 
ATOM   379  N  NE2 . GLN A 1 92  ? 3.988   5.520   -1.664  1.00 22.06 ? 51  GLN A NE2 1 
ATOM   380  N  N   . ILE A 1 93  ? 7.806   7.147   3.074   1.00 23.48 ? 52  ILE A N   1 
ATOM   381  C  CA  . ILE A 1 93  ? 8.224   8.299   3.845   1.00 21.96 ? 52  ILE A CA  1 
ATOM   382  C  C   . ILE A 1 93  ? 9.654   8.065   4.356   1.00 22.85 ? 52  ILE A C   1 
ATOM   383  O  O   . ILE A 1 93  ? 10.077  8.658   5.357   1.00 19.74 ? 52  ILE A O   1 
ATOM   384  C  CB  . ILE A 1 93  ? 7.261   8.597   5.006   1.00 22.94 ? 52  ILE A CB  1 
ATOM   385  C  CG1 . ILE A 1 93  ? 7.241   7.456   6.049   1.00 23.04 ? 52  ILE A CG1 1 
ATOM   386  C  CG2 . ILE A 1 93  ? 5.877   8.882   4.461   1.00 22.26 ? 52  ILE A CG2 1 
ATOM   387  C  CD1 . ILE A 1 93  ? 6.366   7.756   7.254   1.00 23.07 ? 52  ILE A CD1 1 
ATOM   388  N  N   . ALA A 1 94  ? 10.401  7.188   3.665   1.00 22.36 ? 53  ALA A N   1 
ATOM   389  C  CA  . ALA A 1 94  ? 11.847  7.019   3.965   1.00 22.75 ? 53  ALA A CA  1 
ATOM   390  C  C   . ALA A 1 94  ? 12.037  6.401   5.376   1.00 23.87 ? 53  ALA A C   1 
ATOM   391  O  O   . ALA A 1 94  ? 13.033  6.666   6.078   1.00 24.52 ? 53  ALA A O   1 
ATOM   392  C  CB  . ALA A 1 94  ? 12.600  8.377   3.832   1.00 19.44 ? 53  ALA A CB  1 
ATOM   393  N  N   . VAL A 1 95  ? 11.065  5.631   5.851   1.00 24.27 ? 54  VAL A N   1 
ATOM   394  C  CA  . VAL A 1 95  ? 11.406  4.839   7.000   1.00 24.40 ? 54  VAL A CA  1 
ATOM   395  C  C   . VAL A 1 95  ? 11.449  3.362   6.651   1.00 24.92 ? 54  VAL A C   1 
ATOM   396  O  O   . VAL A 1 95  ? 10.499  2.785   6.149   1.00 24.22 ? 54  VAL A O   1 
ATOM   397  C  CB  . VAL A 1 95  ? 10.772  5.266   8.361   1.00 24.13 ? 54  VAL A CB  1 
ATOM   398  C  CG1 . VAL A 1 95  ? 9.905   6.505   8.230   1.00 25.67 ? 54  VAL A CG1 1 
ATOM   399  C  CG2 . VAL A 1 95  ? 10.085  4.089   9.026   1.00 25.70 ? 54  VAL A CG2 1 
ATOM   400  N  N   . ASP A 1 96  ? 12.635  2.809   6.862   1.00 24.71 ? 55  ASP A N   1 
ATOM   401  C  CA  . ASP A 1 96  ? 12.980  1.511   6.400   1.00 22.57 ? 55  ASP A CA  1 
ATOM   402  C  C   . ASP A 1 96  ? 12.436  0.523   7.423   1.00 22.74 ? 55  ASP A C   1 
ATOM   403  O  O   . ASP A 1 96  ? 13.202  -0.024  8.224   1.00 21.93 ? 55  ASP A O   1 
ATOM   404  C  CB  . ASP A 1 96  ? 14.485  1.431   6.325   1.00 22.28 ? 55  ASP A CB  1 
ATOM   405  C  CG  . ASP A 1 96  ? 14.963  0.270   5.505   1.00 25.87 ? 55  ASP A CG  1 
ATOM   406  O  OD1 . ASP A 1 96  ? 14.139  -0.362  4.785   1.00 25.99 ? 55  ASP A OD1 1 
ATOM   407  O  OD2 . ASP A 1 96  ? 16.188  0.001   5.564   1.00 26.73 ? 55  ASP A OD2 1 
ATOM   408  N  N   . LEU A 1 97  ? 11.110  0.306   7.390   1.00 21.10 ? 56  LEU A N   1 
ATOM   409  C  CA  . LEU A 1 97  ? 10.445  -0.662  8.254   1.00 19.61 ? 56  LEU A CA  1 
ATOM   410  C  C   . LEU A 1 97  ? 9.302   -1.374  7.537   1.00 20.73 ? 56  LEU A C   1 
ATOM   411  O  O   . LEU A 1 97  ? 8.647   -0.787  6.641   1.00 20.11 ? 56  LEU A O   1 
ATOM   412  C  CB  . LEU A 1 97  ? 9.896   0.020   9.510   1.00 19.11 ? 56  LEU A CB  1 
ATOM   413  C  CG  . LEU A 1 97  ? 10.945  0.558   10.521  1.00 20.55 ? 56  LEU A CG  1 
ATOM   414  C  CD1 . LEU A 1 97  ? 10.235  1.362   11.634  1.00 19.68 ? 56  LEU A CD1 1 
ATOM   415  C  CD2 . LEU A 1 97  ? 11.871  -0.535  11.107  1.00 16.92 ? 56  LEU A CD2 1 
ATOM   416  N  N   . GLN A 1 98  ? 9.033   -2.618  7.979   1.00 18.94 ? 57  GLN A N   1 
ATOM   417  C  CA  . GLN A 1 98  ? 7.915   -3.419  7.478   1.00 17.46 ? 57  GLN A CA  1 
ATOM   418  C  C   . GLN A 1 98  ? 6.629   -2.958  8.114   1.00 17.71 ? 57  GLN A C   1 
ATOM   419  O  O   . GLN A 1 98  ? 6.073   -3.607  9.003   1.00 18.01 ? 57  GLN A O   1 
ATOM   420  C  CB  . GLN A 1 98  ? 8.132   -4.932  7.742   1.00 16.87 ? 57  GLN A CB  1 
ATOM   421  C  CG  . GLN A 1 98  ? 9.199   -5.526  6.874   1.00 15.19 ? 57  GLN A CG  1 
ATOM   422  C  CD  . GLN A 1 98  ? 9.526   -6.962  7.214   1.00 16.75 ? 57  GLN A CD  1 
ATOM   423  O  OE1 . GLN A 1 98  ? 8.696   -7.758  7.700   1.00 17.59 ? 57  GLN A OE1 1 
ATOM   424  N  NE2 . GLN A 1 98  ? 10.756  -7.321  6.936   1.00 16.49 ? 57  GLN A NE2 1 
ATOM   425  N  N   . LEU A 1 99  ? 6.137   -1.830  7.642   1.00 18.56 ? 58  LEU A N   1 
ATOM   426  C  CA  . LEU A 1 99  ? 4.963   -1.230  8.239   1.00 17.48 ? 58  LEU A CA  1 
ATOM   427  C  C   . LEU A 1 99  ? 4.150   -0.531  7.148   1.00 18.64 ? 58  LEU A C   1 
ATOM   428  O  O   . LEU A 1 99  ? 4.702   0.113   6.229   1.00 18.49 ? 58  LEU A O   1 
ATOM   429  C  CB  . LEU A 1 99  ? 5.413   -0.240  9.303   1.00 15.80 ? 58  LEU A CB  1 
ATOM   430  C  CG  . LEU A 1 99  ? 4.364   0.557   10.084  1.00 14.99 ? 58  LEU A CG  1 
ATOM   431  C  CD1 . LEU A 1 99  ? 3.497   -0.347  10.937  1.00 14.56 ? 58  LEU A CD1 1 
ATOM   432  C  CD2 . LEU A 1 99  ? 5.113   1.620   10.886  1.00 14.40 ? 58  LEU A CD2 1 
ATOM   433  N  N   . MET A 1 100 ? 2.836   -0.661  7.238   1.00 18.97 ? 59  MET A N   1 
ATOM   434  C  CA  . MET A 1 100 ? 1.989   -0.020  6.246   1.00 19.72 ? 59  MET A CA  1 
ATOM   435  C  C   . MET A 1 100 ? 0.732   0.453   6.945   1.00 19.05 ? 59  MET A C   1 
ATOM   436  O  O   . MET A 1 100 ? 0.363   -0.123  7.964   1.00 20.29 ? 59  MET A O   1 
ATOM   437  C  CB  . MET A 1 100 ? 1.630   -1.019  5.153   1.00 19.83 ? 59  MET A CB  1 
ATOM   438  C  CG  . MET A 1 100 ? 0.695   -2.139  5.613   1.00 20.31 ? 59  MET A CG  1 
ATOM   439  S  SD  . MET A 1 100 ? 0.232   -3.251  4.250   1.00 22.87 ? 59  MET A SD  1 
ATOM   440  C  CE  . MET A 1 100 ? 1.770   -4.046  3.844   1.00 17.84 ? 59  MET A CE  1 
ATOM   441  N  N   . VAL A 1 101 ? 0.125   1.529   6.452   1.00 17.64 ? 60  VAL A N   1 
ATOM   442  C  CA  . VAL A 1 101 ? -1.233  1.875   6.860   1.00 17.82 ? 60  VAL A CA  1 
ATOM   443  C  C   . VAL A 1 101 ? -2.109  1.870   5.644   1.00 19.60 ? 60  VAL A C   1 
ATOM   444  O  O   . VAL A 1 101 ? -1.608  2.024   4.512   1.00 20.91 ? 60  VAL A O   1 
ATOM   445  C  CB  . VAL A 1 101 ? -1.338  3.232   7.554   1.00 16.47 ? 60  VAL A CB  1 
ATOM   446  C  CG1 . VAL A 1 101 ? -0.560  3.193   8.863   1.00 15.00 ? 60  VAL A CG1 1 
ATOM   447  C  CG2 . VAL A 1 101 ? -0.837  4.353   6.644   1.00 16.17 ? 60  VAL A CG2 1 
ATOM   448  N  N   . PHE A 1 102 ? -3.402  1.655   5.851   1.00 20.37 ? 61  PHE A N   1 
ATOM   449  C  CA  . PHE A 1 102 ? -4.331  1.745   4.749   1.00 21.68 ? 61  PHE A CA  1 
ATOM   450  C  C   . PHE A 1 102 ? -5.748  1.787   5.269   1.00 23.36 ? 61  PHE A C   1 
ATOM   451  O  O   . PHE A 1 102 ? -5.968  1.625   6.476   1.00 21.90 ? 61  PHE A O   1 
ATOM   452  C  CB  . PHE A 1 102 ? -4.174  0.537   3.833   1.00 22.74 ? 61  PHE A CB  1 
ATOM   453  C  CG  . PHE A 1 102 ? -4.350  -0.794  4.535   1.00 20.88 ? 61  PHE A CG  1 
ATOM   454  C  CD1 . PHE A 1 102 ? -3.231  -1.480  5.049   1.00 19.48 ? 61  PHE A CD1 1 
ATOM   455  C  CD2 . PHE A 1 102 ? -5.630  -1.356  4.677   1.00 18.96 ? 61  PHE A CD2 1 
ATOM   456  C  CE1 . PHE A 1 102 ? -3.390  -2.715  5.675   1.00 18.76 ? 61  PHE A CE1 1 
ATOM   457  C  CE2 . PHE A 1 102 ? -5.805  -2.578  5.307   1.00 19.26 ? 61  PHE A CE2 1 
ATOM   458  C  CZ  . PHE A 1 102 ? -4.670  -3.265  5.795   1.00 19.98 ? 61  PHE A CZ  1 
ATOM   459  N  N   . GLY A 1 103 ? -6.687  2.020   4.346   1.00 23.25 ? 62  GLY A N   1 
ATOM   460  C  CA  . GLY A 1 103 ? -8.105  2.005   4.659   1.00 27.00 ? 62  GLY A CA  1 
ATOM   461  C  C   . GLY A 1 103 ? -8.749  3.350   4.400   1.00 29.21 ? 62  GLY A C   1 
ATOM   462  O  O   . GLY A 1 103 ? -8.048  4.382   4.327   1.00 28.98 ? 62  GLY A O   1 
ATOM   463  N  N   . PHE A 1 104 ? -10.072 3.341   4.256   1.00 28.70 ? 63  PHE A N   1 
ATOM   464  C  CA  . PHE A 1 104 ? -10.826 4.582   4.004   1.00 36.90 ? 63  PHE A CA  1 
ATOM   465  C  C   . PHE A 1 104 ? -12.298 4.226   3.963   1.00 37.00 ? 63  PHE A C   1 
ATOM   466  O  O   . PHE A 1 104 ? -12.659 3.069   3.663   1.00 37.88 ? 63  PHE A O   1 
ATOM   467  C  CB  . PHE A 1 104 ? -10.444 5.177   2.647   1.00 36.94 ? 63  PHE A CB  1 
ATOM   468  C  CG  . PHE A 1 104 ? -10.730 4.231   1.522   1.00 42.04 ? 63  PHE A CG  1 
ATOM   469  C  CD1 . PHE A 1 104 ? -11.960 4.297   0.826   1.00 42.10 ? 63  PHE A CD1 1 
ATOM   470  C  CD2 . PHE A 1 104 ? -9.830  3.199   1.223   1.00 40.84 ? 63  PHE A CD2 1 
ATOM   471  C  CE1 . PHE A 1 104 ? -12.252 3.398   -0.181  1.00 41.16 ? 63  PHE A CE1 1 
ATOM   472  C  CE2 . PHE A 1 104 ? -10.121 2.291   0.232   1.00 42.02 ? 63  PHE A CE2 1 
ATOM   473  C  CZ  . PHE A 1 104 ? -11.330 2.401   -0.479  1.00 45.51 ? 63  PHE A CZ  1 
ATOM   474  N  N   . GLU A 1 105 ? -13.132 5.219   4.250   1.00 37.93 ? 64  GLU A N   1 
ATOM   475  C  CA  . GLU A 1 105 ? -14.583 5.104   4.096   1.00 44.78 ? 64  GLU A CA  1 
ATOM   476  C  C   . GLU A 1 105 ? -14.878 5.451   2.631   1.00 45.80 ? 64  GLU A C   1 
ATOM   477  O  O   . GLU A 1 105 ? -15.342 4.585   1.883   1.00 41.99 ? 64  GLU A O   1 
ATOM   478  C  CB  . GLU A 1 105 ? -15.278 6.095   5.025   1.00 46.72 ? 64  GLU A CB  1 
ATOM   479  C  CG  . GLU A 1 105 ? -16.404 5.567   5.891   1.00 56.35 ? 64  GLU A CG  1 
ATOM   480  C  CD  . GLU A 1 105 ? -16.573 6.433   7.154   1.00 64.52 ? 64  GLU A CD  1 
ATOM   481  O  OE1 . GLU A 1 105 ? -17.038 7.595   7.043   1.00 67.36 ? 64  GLU A OE1 1 
ATOM   482  O  OE2 . GLU A 1 105 ? -16.210 5.971   8.274   1.00 61.70 ? 64  GLU A OE2 1 
ATOM   483  N  N   . ALA A 1 106 ? -14.569 6.714   2.259   1.00 50.21 ? 65  ALA A N   1 
ATOM   484  C  CA  . ALA A 1 106 ? -14.698 7.334   0.890   1.00 52.41 ? 65  ALA A CA  1 
ATOM   485  C  C   . ALA A 1 106 ? -13.341 7.760   0.264   1.00 53.14 ? 65  ALA A C   1 
ATOM   486  O  O   . ALA A 1 106 ? -12.586 8.533   0.869   1.00 46.28 ? 65  ALA A O   1 
ATOM   487  C  CB  . ALA A 1 106 ? -15.626 8.560   0.924   1.00 43.71 ? 65  ALA A CB  1 
ATOM   488  N  N   . SER A 1 107 ? -13.065 7.281   -0.952  1.00 55.26 ? 66  SER A N   1 
ATOM   489  C  CA  . SER A 1 107 ? -11.875 7.695   -1.700  1.00 59.14 ? 66  SER A CA  1 
ATOM   490  C  C   . SER A 1 107 ? -12.227 8.782   -2.734  1.00 64.19 ? 66  SER A C   1 
ATOM   491  O  O   . SER A 1 107 ? -13.185 8.613   -3.503  1.00 71.47 ? 66  SER A O   1 
ATOM   492  C  CB  . SER A 1 107 ? -11.226 6.491   -2.396  1.00 52.23 ? 66  SER A CB  1 
ATOM   493  O  OG  . SER A 1 107 ? -9.918  6.822   -2.843  1.00 41.88 ? 66  SER A OG  1 
ATOM   494  N  N   . GLU A 1 108 ? -11.479 9.894   -2.736  1.00 61.87 ? 67  GLU A N   1 
ATOM   495  C  CA  . GLU A 1 108 ? -11.596 10.927  -3.799  1.00 68.25 ? 67  GLU A CA  1 
ATOM   496  C  C   . GLU A 1 108 ? -11.021 10.325  -5.094  1.00 68.37 ? 67  GLU A C   1 
ATOM   497  O  O   . GLU A 1 108 ? -11.473 10.590  -6.217  1.00 56.74 ? 67  GLU A O   1 
ATOM   498  C  CB  . GLU A 1 108 ? -10.782 12.167  -3.413  1.00 69.51 ? 67  GLU A CB  1 
ATOM   499  C  CG  . GLU A 1 108 ? -11.296 13.519  -3.892  1.00 70.21 ? 67  GLU A CG  1 
ATOM   500  C  CD  . GLU A 1 108 ? -10.350 14.671  -3.530  1.00 70.03 ? 67  GLU A CD  1 
ATOM   501  O  OE1 . GLU A 1 108 ? -9.116  14.439  -3.512  1.00 65.02 ? 67  GLU A OE1 1 
ATOM   502  O  OE2 . GLU A 1 108 ? -10.831 15.811  -3.274  1.00 65.03 ? 67  GLU A OE2 1 
ATOM   503  N  N   . ARG A 1 109 ? -10.043 9.452   -4.870  1.00 73.29 ? 68  ARG A N   1 
ATOM   504  C  CA  . ARG A 1 109 ? -9.210  8.830   -5.874  1.00 66.96 ? 68  ARG A CA  1 
ATOM   505  C  C   . ARG A 1 109 ? -9.832  7.634   -6.606  1.00 68.87 ? 68  ARG A C   1 
ATOM   506  O  O   . ARG A 1 109 ? -9.421  7.336   -7.725  1.00 70.97 ? 68  ARG A O   1 
ATOM   507  C  CB  . ARG A 1 109 ? -7.948  8.368   -5.168  1.00 63.34 ? 68  ARG A CB  1 
ATOM   508  C  CG  . ARG A 1 109 ? -6.652  8.671   -5.872  1.00 64.40 ? 68  ARG A CG  1 
ATOM   509  C  CD  . ARG A 1 109 ? -5.532  8.612   -4.841  1.00 64.90 ? 68  ARG A CD  1 
ATOM   510  N  NE  . ARG A 1 109 ? -5.133  9.940   -4.402  1.00 60.31 ? 68  ARG A NE  1 
ATOM   511  C  CZ  . ARG A 1 109 ? -4.073  10.579  -4.886  1.00 64.30 ? 68  ARG A CZ  1 
ATOM   512  N  NH1 . ARG A 1 109 ? -3.317  9.984   -5.808  1.00 73.83 ? 68  ARG A NH1 1 
ATOM   513  N  NH2 . ARG A 1 109 ? -3.753  11.795  -4.451  1.00 54.69 ? 68  ARG A NH2 1 
ATOM   514  N  N   . TYR A 1 110 ? -10.800 6.936   -6.010  1.00 72.50 ? 69  TYR A N   1 
ATOM   515  C  CA  . TYR A 1 110 ? -11.205 5.666   -6.616  1.00 71.86 ? 69  TYR A CA  1 
ATOM   516  C  C   . TYR A 1 110 ? -12.476 5.547   -7.475  1.00 83.64 ? 69  TYR A C   1 
ATOM   517  O  O   . TYR A 1 110 ? -12.646 4.553   -8.199  1.00 77.42 ? 69  TYR A O   1 
ATOM   518  C  CB  . TYR A 1 110 ? -10.843 4.472   -5.752  1.00 66.21 ? 69  TYR A CB  1 
ATOM   519  C  CG  . TYR A 1 110 ? -9.369  4.225   -5.964  1.00 69.62 ? 69  TYR A CG  1 
ATOM   520  C  CD1 . TYR A 1 110 ? -8.408  4.818   -5.137  1.00 71.41 ? 69  TYR A CD1 1 
ATOM   521  C  CD2 . TYR A 1 110 ? -8.913  3.482   -7.067  1.00 75.27 ? 69  TYR A CD2 1 
ATOM   522  C  CE1 . TYR A 1 110 ? -7.041  4.630   -5.367  1.00 77.33 ? 69  TYR A CE1 1 
ATOM   523  C  CE2 . TYR A 1 110 ? -7.548  3.279   -7.304  1.00 77.53 ? 69  TYR A CE2 1 
ATOM   524  C  CZ  . TYR A 1 110 ? -6.609  3.852   -6.455  1.00 80.06 ? 69  TYR A CZ  1 
ATOM   525  O  OH  . TYR A 1 110 ? -5.253  3.644   -6.679  1.00 84.50 ? 69  TYR A OH  1 
ATOM   526  N  N   . PRO A 1 111 ? -13.421 6.487   -7.312  1.00 85.04 ? 70  PRO A N   1 
ATOM   527  C  CA  . PRO A 1 111 ? -13.807 6.867   -5.980  1.00 86.88 ? 70  PRO A CA  1 
ATOM   528  C  C   . PRO A 1 111 ? -14.441 5.603   -5.421  1.00 96.57 ? 70  PRO A C   1 
ATOM   529  O  O   . PRO A 1 111 ? -13.919 5.041   -4.443  1.00 94.63 ? 70  PRO A O   1 
ATOM   530  C  CB  . PRO A 1 111 ? -14.858 7.951   -6.229  1.00 85.31 ? 70  PRO A CB  1 
ATOM   531  C  CG  . PRO A 1 111 ? -14.363 8.627   -7.467  1.00 79.91 ? 70  PRO A CG  1 
ATOM   532  C  CD  . PRO A 1 111 ? -13.728 7.543   -8.298  1.00 79.64 ? 70  PRO A CD  1 
ATOM   533  N  N   . GLU A 1 112 ? -15.484 5.135   -6.134  1.00 90.64 ? 71  GLU A N   1 
ATOM   534  C  CA  . GLU A 1 112 ? -16.369 3.998   -5.789  1.00 87.77 ? 71  GLU A CA  1 
ATOM   535  C  C   . GLU A 1 112 ? -15.726 2.604   -5.612  1.00 82.26 ? 71  GLU A C   1 
ATOM   536  O  O   . GLU A 1 112 ? -16.287 1.591   -6.043  1.00 78.17 ? 71  GLU A O   1 
ATOM   537  C  CB  . GLU A 1 112 ? -17.555 3.902   -6.785  1.00 98.65 ? 71  GLU A CB  1 
ATOM   538  C  CG  . GLU A 1 112 ? -17.221 4.033   -8.277  1.00 97.73 ? 71  GLU A CG  1 
ATOM   539  C  CD  . GLU A 1 112 ? -16.071 3.138   -8.728  1.00 99.60 ? 71  GLU A CD  1 
ATOM   540  O  OE1 . GLU A 1 112 ? -16.266 2.357   -9.684  1.00 97.40 ? 71  GLU A OE1 1 
ATOM   541  O  OE2 . GLU A 1 112 ? -14.967 3.208   -8.133  1.00 98.36 ? 71  GLU A OE2 1 
ATOM   542  N  N   . ALA A 1 113 ? -14.547 2.567   -4.996  1.00 73.31 ? 72  ALA A N   1 
ATOM   543  C  CA  . ALA A 1 113 ? -14.033 1.374   -4.329  1.00 59.89 ? 72  ALA A CA  1 
ATOM   544  C  C   . ALA A 1 113 ? -14.873 1.197   -3.048  1.00 56.61 ? 72  ALA A C   1 
ATOM   545  O  O   . ALA A 1 113 ? -15.326 2.222   -2.494  1.00 52.11 ? 72  ALA A O   1 
ATOM   546  C  CB  . ALA A 1 113 ? -12.577 1.619   -3.966  1.00 57.08 ? 72  ALA A CB  1 
ATOM   547  N  N   . PRO A 1 114 ? -15.101 -0.070  -2.569  1.00 55.09 ? 73  PRO A N   1 
ATOM   548  C  CA  . PRO A 1 114 ? -15.837 -0.202  -1.280  1.00 53.04 ? 73  PRO A CA  1 
ATOM   549  C  C   . PRO A 1 114 ? -14.940 0.228   -0.097  1.00 54.76 ? 73  PRO A C   1 
ATOM   550  O  O   . PRO A 1 114 ? -13.711 0.292   -0.258  1.00 49.35 ? 73  PRO A O   1 
ATOM   551  C  CB  . PRO A 1 114 ? -16.187 -1.700  -1.198  1.00 49.79 ? 73  PRO A CB  1 
ATOM   552  C  CG  . PRO A 1 114 ? -15.241 -2.392  -2.142  1.00 51.17 ? 73  PRO A CG  1 
ATOM   553  C  CD  . PRO A 1 114 ? -14.629 -1.383  -3.076  1.00 55.11 ? 73  PRO A CD  1 
ATOM   554  N  N   . ALA A 1 115 ? -15.546 0.538   1.056   1.00 52.09 ? 74  ALA A N   1 
ATOM   555  C  CA  . ALA A 1 115 ? -14.786 0.899   2.263   1.00 46.65 ? 74  ALA A CA  1 
ATOM   556  C  C   . ALA A 1 115 ? -13.866 -0.236  2.656   1.00 45.53 ? 74  ALA A C   1 
ATOM   557  O  O   . ALA A 1 115 ? -14.253 -1.403  2.586   1.00 48.93 ? 74  ALA A O   1 
ATOM   558  C  CB  . ALA A 1 115 ? -15.706 1.243   3.423   1.00 40.32 ? 74  ALA A CB  1 
ATOM   559  N  N   . VAL A 1 116 ? -12.644 0.132   3.038   1.00 39.42 ? 75  VAL A N   1 
ATOM   560  C  CA  . VAL A 1 116 ? -11.632 -0.774  3.601   1.00 38.65 ? 75  VAL A CA  1 
ATOM   561  C  C   . VAL A 1 116 ? -11.316 -0.263  5.052   1.00 37.32 ? 75  VAL A C   1 
ATOM   562  O  O   . VAL A 1 116 ? -11.056 0.946   5.231   1.00 36.35 ? 75  VAL A O   1 
ATOM   563  C  CB  . VAL A 1 116 ? -10.340 -0.720  2.724   1.00 37.24 ? 75  VAL A CB  1 
ATOM   564  C  CG1 . VAL A 1 116 ? -9.182  -1.405  3.426   1.00 34.83 ? 75  VAL A CG1 1 
ATOM   565  C  CG2 . VAL A 1 116 ? -10.562 -1.271  1.303   1.00 31.95 ? 75  VAL A CG2 1 
ATOM   566  N  N   . PRO A 1 117 ? -11.330 -1.146  6.085   1.00 35.41 ? 76  PRO A N   1 
ATOM   567  C  CA  . PRO A 1 117 ? -11.135 -0.557  7.444   1.00 35.04 ? 76  PRO A CA  1 
ATOM   568  C  C   . PRO A 1 117 ? -9.742  0.075   7.677   1.00 31.92 ? 76  PRO A C   1 
ATOM   569  O  O   . PRO A 1 117 ? -8.742  -0.362  7.083   1.00 29.76 ? 76  PRO A O   1 
ATOM   570  C  CB  . PRO A 1 117 ? -11.391 -1.737  8.414   1.00 34.70 ? 76  PRO A CB  1 
ATOM   571  C  CG  . PRO A 1 117 ? -11.514 -2.967  7.559   1.00 35.23 ? 76  PRO A CG  1 
ATOM   572  C  CD  . PRO A 1 117 ? -11.203 -2.615  6.115   1.00 37.32 ? 76  PRO A CD  1 
ATOM   573  N  N   . LEU A 1 118 ? -9.703  1.137   8.482   1.00 28.51 ? 77  LEU A N   1 
ATOM   574  C  CA  . LEU A 1 118 ? -8.438  1.789   8.793   1.00 26.44 ? 77  LEU A CA  1 
ATOM   575  C  C   . LEU A 1 118 ? -7.546  0.784   9.526   1.00 25.07 ? 77  LEU A C   1 
ATOM   576  O  O   . LEU A 1 118 ? -7.914  0.315   10.576  1.00 25.26 ? 77  LEU A O   1 
ATOM   577  C  CB  . LEU A 1 118 ? -8.657  3.059   9.615   1.00 24.83 ? 77  LEU A CB  1 
ATOM   578  C  CG  . LEU A 1 118 ? -9.104  4.279   8.806   1.00 27.35 ? 77  LEU A CG  1 
ATOM   579  C  CD1 . LEU A 1 118 ? -9.440  5.466   9.695   1.00 27.30 ? 77  LEU A CD1 1 
ATOM   580  C  CD2 . LEU A 1 118 ? -8.065  4.689   7.740   1.00 26.37 ? 77  LEU A CD2 1 
ATOM   581  N  N   . THR A 1 119 ? -6.423  0.407   8.927   1.00 24.02 ? 78  THR A N   1 
ATOM   582  C  CA  . THR A 1 119 ? -5.553  -0.612  9.481   1.00 23.72 ? 78  THR A CA  1 
ATOM   583  C  C   . THR A 1 119 ? -4.091  -0.182  9.468   1.00 24.97 ? 78  THR A C   1 
ATOM   584  O  O   . THR A 1 119 ? -3.545  0.332   8.432   1.00 23.12 ? 78  THR A O   1 
ATOM   585  C  CB  . THR A 1 119 ? -5.706  -1.930  8.698   1.00 24.56 ? 78  THR A CB  1 
ATOM   586  O  OG1 . THR A 1 119 ? -7.095  -2.235  8.580   1.00 24.96 ? 78  THR A OG1 1 
ATOM   587  C  CG2 . THR A 1 119 ? -5.027  -3.115  9.434   1.00 24.50 ? 78  THR A CG2 1 
ATOM   588  N  N   . ALA A 1 120 ? -3.433  -0.378  10.612  1.00 23.20 ? 79  ALA A N   1 
ATOM   589  C  CA  . ALA A 1 120 ? -1.966  -0.283  10.596  1.00 21.48 ? 79  ALA A CA  1 
ATOM   590  C  C   . ALA A 1 120 ? -1.405  -1.700  10.866  1.00 22.65 ? 79  ALA A C   1 
ATOM   591  O  O   . ALA A 1 120 ? -1.847  -2.424  11.788  1.00 24.27 ? 79  ALA A O   1 
ATOM   592  C  CB  . ALA A 1 120 ? -1.506  0.727   11.586  1.00 19.86 ? 79  ALA A CB  1 
ATOM   593  N  N   . LEU A 1 121 ? -0.507  -2.146  10.011  1.00 21.92 ? 80  LEU A N   1 
ATOM   594  C  CA  . LEU A 1 121 ? -0.088  -3.539  10.057  1.00 22.61 ? 80  LEU A CA  1 
ATOM   595  C  C   . LEU A 1 121 ? 1.416   -3.595  9.913   1.00 22.40 ? 80  LEU A C   1 
ATOM   596  O  O   . LEU A 1 121 ? 1.960   -3.065  8.915   1.00 21.52 ? 80  LEU A O   1 
ATOM   597  C  CB  . LEU A 1 121 ? -0.759  -4.325  8.925   1.00 23.19 ? 80  LEU A CB  1 
ATOM   598  C  CG  . LEU A 1 121 ? -0.340  -5.774  8.614   1.00 22.08 ? 80  LEU A CG  1 
ATOM   599  C  CD1 . LEU A 1 121 ? -0.884  -6.744  9.667   1.00 23.50 ? 80  LEU A CD1 1 
ATOM   600  C  CD2 . LEU A 1 121 ? -0.807  -6.175  7.247   1.00 19.04 ? 80  LEU A CD2 1 
ATOM   601  N  N   . ALA A 1 122 ? 2.066   -4.195  10.923  1.00 21.91 ? 81  ALA A N   1 
ATOM   602  C  CA  . ALA A 1 122 ? 3.506   -4.437  10.914  1.00 23.00 ? 81  ALA A CA  1 
ATOM   603  C  C   . ALA A 1 122 ? 3.818   -5.881  10.522  1.00 24.05 ? 81  ALA A C   1 
ATOM   604  O  O   . ALA A 1 122 ? 2.975   -6.775  10.699  1.00 24.23 ? 81  ALA A O   1 
ATOM   605  C  CB  . ALA A 1 122 ? 4.122   -4.109  12.258  1.00 23.86 ? 81  ALA A CB  1 
ATOM   606  N  N   . ASN A 1 123 ? 5.022   -6.092  9.969   1.00 24.63 ? 82  ASN A N   1 
ATOM   607  C  CA  . ASN A 1 123 ? 5.514   -7.428  9.600   1.00 23.69 ? 82  ASN A CA  1 
ATOM   608  C  C   . ASN A 1 123 ? 4.507   -8.252  8.789   1.00 22.66 ? 82  ASN A C   1 
ATOM   609  O  O   . ASN A 1 123 ? 4.345   -9.474  8.992   1.00 21.97 ? 82  ASN A O   1 
ATOM   610  C  CB  . ASN A 1 123 ? 6.033   -8.182  10.824  1.00 22.69 ? 82  ASN A CB  1 
ATOM   611  C  CG  . ASN A 1 123 ? 6.998   -7.332  11.668  1.00 25.21 ? 82  ASN A CG  1 
ATOM   612  O  OD1 . ASN A 1 123 ? 7.613   -6.382  11.184  1.00 25.23 ? 82  ASN A OD1 1 
ATOM   613  N  ND2 . ASN A 1 123 ? 7.146   -7.689  12.928  1.00 24.92 ? 82  ASN A ND2 1 
ATOM   614  N  N   . ALA A 1 124 ? 3.856   -7.564  7.850   1.00 20.96 ? 83  ALA A N   1 
ATOM   615  C  CA  . ALA A 1 124 ? 2.961   -8.191  6.860   1.00 22.00 ? 83  ALA A CA  1 
ATOM   616  C  C   . ALA A 1 124 ? 3.544   -9.394  6.140   1.00 24.31 ? 83  ALA A C   1 
ATOM   617  O  O   . ALA A 1 124 ? 4.654   -9.362  5.572   1.00 24.91 ? 83  ALA A O   1 
ATOM   618  C  CB  . ALA A 1 124 ? 2.506   -7.168  5.815   1.00 19.27 ? 83  ALA A CB  1 
ATOM   619  N  N   . GLN A 1 125 ? 2.787   -10.469 6.138   1.00 27.91 ? 84  GLN A N   1 
ATOM   620  C  CA  . GLN A 1 125 ? 3.110   -11.561 5.254   1.00 30.72 ? 84  GLN A CA  1 
ATOM   621  C  C   . GLN A 1 125 ? 1.826   -12.028 4.644   1.00 30.25 ? 84  GLN A C   1 
ATOM   622  O  O   . GLN A 1 125 ? 0.770   -12.058 5.288   1.00 28.21 ? 84  GLN A O   1 
ATOM   623  C  CB  . GLN A 1 125 ? 3.972   -12.666 5.888   1.00 35.26 ? 84  GLN A CB  1 
ATOM   624  C  CG  . GLN A 1 125 ? 3.656   -13.027 7.320   1.00 44.58 ? 84  GLN A CG  1 
ATOM   625  C  CD  . GLN A 1 125 ? 4.283   -14.355 7.734   1.00 53.66 ? 84  GLN A CD  1 
ATOM   626  O  OE1 . GLN A 1 125 ? 5.458   -14.412 8.091   1.00 49.37 ? 84  GLN A OE1 1 
ATOM   627  N  NE2 . GLN A 1 125 ? 3.481   -15.440 7.690   1.00 57.42 ? 84  GLN A NE2 1 
ATOM   628  N  N   . ILE A 1 126 ? 1.938   -12.340 3.364   1.00 29.61 ? 85  ILE A N   1 
ATOM   629  C  CA  . ILE A 1 126 ? 0.804   -12.500 2.485   1.00 29.03 ? 85  ILE A CA  1 
ATOM   630  C  C   . ILE A 1 126 ? 0.857   -13.866 1.810   1.00 26.96 ? 85  ILE A C   1 
ATOM   631  O  O   . ILE A 1 126 ? 1.928   -14.304 1.396   1.00 25.47 ? 85  ILE A O   1 
ATOM   632  C  CB  . ILE A 1 126 ? 0.845   -11.371 1.438   1.00 29.55 ? 85  ILE A CB  1 
ATOM   633  C  CG1 . ILE A 1 126 ? 0.237   -10.124 2.048   1.00 33.23 ? 85  ILE A CG1 1 
ATOM   634  C  CG2 . ILE A 1 126 ? 0.040   -11.707 0.203   1.00 32.71 ? 85  ILE A CG2 1 
ATOM   635  C  CD1 . ILE A 1 126 ? 0.507   -8.873  1.244   1.00 40.07 ? 85  ILE A CD1 1 
ATOM   636  N  N   . GLU A 1 127 ? -0.310  -14.501 1.712   1.00 27.88 ? 86  GLU A N   1 
ATOM   637  C  CA  . GLU A 1 127 ? -0.538  -15.768 1.020   1.00 29.85 ? 86  GLU A CA  1 
ATOM   638  C  C   . GLU A 1 127 ? -1.780  -15.622 0.181   1.00 30.86 ? 86  GLU A C   1 
ATOM   639  O  O   . GLU A 1 127 ? -2.799  -15.113 0.662   1.00 33.29 ? 86  GLU A O   1 
ATOM   640  C  CB  . GLU A 1 127 ? -0.869  -16.860 2.023   1.00 31.59 ? 86  GLU A CB  1 
ATOM   641  C  CG  . GLU A 1 127 ? -0.670  -18.275 1.500   1.00 36.34 ? 86  GLU A CG  1 
ATOM   642  C  CD  . GLU A 1 127 ? -0.834  -19.335 2.595   1.00 37.38 ? 86  GLU A CD  1 
ATOM   643  O  OE1 . GLU A 1 127 ? -0.445  -19.056 3.757   1.00 35.73 ? 86  GLU A OE1 1 
ATOM   644  O  OE2 . GLU A 1 127 ? -1.346  -20.448 2.286   1.00 41.01 ? 86  GLU A OE2 1 
ATOM   645  N  N   . PRO A 1 128 ? -1.719  -16.085 -1.069  1.00 28.84 ? 87  PRO A N   1 
ATOM   646  C  CA  . PRO A 1 128 ? -2.919  -16.107 -1.880  1.00 28.33 ? 87  PRO A CA  1 
ATOM   647  C  C   . PRO A 1 128 ? -3.770  -17.304 -1.486  1.00 27.36 ? 87  PRO A C   1 
ATOM   648  O  O   . PRO A 1 128 ? -3.213  -18.329 -1.069  1.00 26.81 ? 87  PRO A O   1 
ATOM   649  C  CB  . PRO A 1 128 ? -2.378  -16.296 -3.304  1.00 28.56 ? 87  PRO A CB  1 
ATOM   650  C  CG  . PRO A 1 128 ? -1.060  -16.978 -3.140  1.00 28.91 ? 87  PRO A CG  1 
ATOM   651  C  CD  . PRO A 1 128 ? -0.547  -16.657 -1.763  1.00 29.97 ? 87  PRO A CD  1 
ATOM   652  N  N   . LEU A 1 129 ? -5.091  -17.168 -1.613  1.00 25.90 ? 88  LEU A N   1 
ATOM   653  C  CA  . LEU A 1 129 ? -6.036  -18.248 -1.273  1.00 28.59 ? 88  LEU A CA  1 
ATOM   654  C  C   . LEU A 1 129 ? -6.634  -18.922 -2.500  1.00 32.15 ? 88  LEU A C   1 
ATOM   655  O  O   . LEU A 1 129 ? -7.427  -19.853 -2.367  1.00 32.68 ? 88  LEU A O   1 
ATOM   656  C  CB  . LEU A 1 129 ? -7.182  -17.734 -0.420  1.00 28.06 ? 88  LEU A CB  1 
ATOM   657  C  CG  . LEU A 1 129 ? -6.752  -17.030 0.859   1.00 27.42 ? 88  LEU A CG  1 
ATOM   658  C  CD1 . LEU A 1 129 ? -8.025  -16.659 1.586   1.00 28.19 ? 88  LEU A CD1 1 
ATOM   659  C  CD2 . LEU A 1 129 ? -5.844  -17.944 1.676   1.00 26.11 ? 88  LEU A CD2 1 
ATOM   660  N  N   . SER A 1 130 ? -6.272  -18.421 -3.685  1.00 31.71 ? 89  SER A N   1 
ATOM   661  C  CA  . SER A 1 130 ? -6.662  -19.028 -4.930  1.00 32.72 ? 89  SER A CA  1 
ATOM   662  C  C   . SER A 1 130 ? -5.671  -18.555 -5.986  1.00 34.66 ? 89  SER A C   1 
ATOM   663  O  O   . SER A 1 130 ? -4.802  -17.749 -5.670  1.00 36.77 ? 89  SER A O   1 
ATOM   664  C  CB  . SER A 1 130 ? -8.130  -18.707 -5.230  1.00 31.25 ? 89  SER A CB  1 
ATOM   665  O  OG  . SER A 1 130 ? -8.335  -18.209 -6.509  1.00 28.87 ? 89  SER A OG  1 
ATOM   666  N  N   . ASP A 1 131 ? -5.776  -19.070 -7.210  1.00 34.28 ? 90  ASP A N   1 
ATOM   667  C  CA  . ASP A 1 131 ? -4.873  -18.667 -8.290  1.00 36.05 ? 90  ASP A CA  1 
ATOM   668  C  C   . ASP A 1 131 ? -5.459  -17.494 -9.087  1.00 33.38 ? 90  ASP A C   1 
ATOM   669  O  O   . ASP A 1 131 ? -4.731  -16.757 -9.735  1.00 31.85 ? 90  ASP A O   1 
ATOM   670  C  CB  . ASP A 1 131 ? -4.570  -19.873 -9.203  1.00 42.78 ? 90  ASP A CB  1 
ATOM   671  C  CG  . ASP A 1 131 ? -3.520  -20.850 -8.587  1.00 52.87 ? 90  ASP A CG  1 
ATOM   672  O  OD1 . ASP A 1 131 ? -2.516  -20.396 -7.980  1.00 50.51 ? 90  ASP A OD1 1 
ATOM   673  O  OD2 . ASP A 1 131 ? -3.697  -22.085 -8.709  1.00 61.87 ? 90  ASP A OD2 1 
ATOM   674  N  N   . GLU A 1 132 ? -6.777  -17.324 -9.012  1.00 31.11 ? 91  GLU A N   1 
ATOM   675  C  CA  . GLU A 1 132 ? -7.476  -16.237 -9.677  1.00 32.01 ? 91  GLU A CA  1 
ATOM   676  C  C   . GLU A 1 132 ? -6.780  -14.872 -9.500  1.00 33.48 ? 91  GLU A C   1 
ATOM   677  O  O   . GLU A 1 132 ? -6.505  -14.431 -8.371  1.00 31.92 ? 91  GLU A O   1 
ATOM   678  C  CB  . GLU A 1 132 ? -8.937  -16.191 -9.232  1.00 34.61 ? 91  GLU A CB  1 
ATOM   679  C  CG  . GLU A 1 132 ? -9.858  -15.293 -10.054 1.00 37.10 ? 91  GLU A CG  1 
ATOM   680  C  CD  . GLU A 1 132 ? -11.299 -15.475 -9.651  1.00 42.75 ? 91  GLU A CD  1 
ATOM   681  O  OE1 . GLU A 1 132 ? -12.196 -15.092 -10.437 1.00 45.82 ? 91  GLU A OE1 1 
ATOM   682  O  OE2 . GLU A 1 132 ? -11.539 -16.032 -8.547  1.00 45.16 ? 91  GLU A OE2 1 
ATOM   683  N  N   . MET A 1 133 ? -6.471  -14.252 -10.650 1.00 32.78 ? 92  MET A N   1 
ATOM   684  C  CA  . MET A 1 133 ? -5.874  -12.933 -10.746 1.00 28.80 ? 92  MET A CA  1 
ATOM   685  C  C   . MET A 1 133 ? -6.956  -11.982 -11.246 1.00 29.59 ? 92  MET A C   1 
ATOM   686  O  O   . MET A 1 133 ? -7.928  -12.405 -11.906 1.00 27.61 ? 92  MET A O   1 
ATOM   687  C  CB  . MET A 1 133 ? -4.699  -12.939 -11.723 1.00 28.57 ? 92  MET A CB  1 
ATOM   688  C  CG  . MET A 1 133 ? -3.561  -13.890 -11.378 1.00 27.75 ? 92  MET A CG  1 
ATOM   689  S  SD  . MET A 1 133 ? -2.663  -13.493 -9.864  1.00 30.18 ? 92  MET A SD  1 
ATOM   690  C  CE  . MET A 1 133 ? -1.803  -11.979 -10.317 1.00 24.29 ? 92  MET A CE  1 
ATOM   691  N  N   . GLU A 1 134 ? -6.813  -10.701 -10.910 1.00 27.62 ? 93  GLU A N   1 
ATOM   692  C  CA  . GLU A 1 134 ? -7.747  -9.720  -11.388 1.00 28.12 ? 93  GLU A CA  1 
ATOM   693  C  C   . GLU A 1 134 ? -7.031  -8.409  -11.678 1.00 29.03 ? 93  GLU A C   1 
ATOM   694  O  O   . GLU A 1 134 ? -6.143  -7.965  -10.920 1.00 26.81 ? 93  GLU A O   1 
ATOM   695  C  CB  . GLU A 1 134 ? -8.835  -9.507  -10.354 1.00 32.34 ? 93  GLU A CB  1 
ATOM   696  C  CG  . GLU A 1 134 ? -9.895  -8.504  -10.760 1.00 34.59 ? 93  GLU A CG  1 
ATOM   697  C  CD  . GLU A 1 134 ? -11.053 -8.522  -9.792  1.00 38.96 ? 93  GLU A CD  1 
ATOM   698  O  OE1 . GLU A 1 134 ? -10.854 -8.344  -8.579  1.00 39.73 ? 93  GLU A OE1 1 
ATOM   699  O  OE2 . GLU A 1 134 ? -12.180 -8.725  -10.243 1.00 45.41 ? 93  GLU A OE2 1 
ATOM   700  N  N   . ASN A 1 135 ? -7.446  -7.790  -12.775 1.00 26.98 ? 94  ASN A N   1 
ATOM   701  C  CA  . ASN A 1 135 ? -6.884  -6.523  -13.207 1.00 25.93 ? 94  ASN A CA  1 
ATOM   702  C  C   . ASN A 1 135 ? -7.637  -5.350  -12.582 1.00 23.85 ? 94  ASN A C   1 
ATOM   703  O  O   . ASN A 1 135 ? -8.847  -5.364  -12.511 1.00 22.74 ? 94  ASN A O   1 
ATOM   704  C  CB  . ASN A 1 135 ? -6.896  -6.458  -14.747 1.00 25.15 ? 94  ASN A CB  1 
ATOM   705  C  CG  . ASN A 1 135 ? -5.947  -7.481  -15.389 1.00 25.72 ? 94  ASN A CG  1 
ATOM   706  O  OD1 . ASN A 1 135 ? -4.835  -7.705  -14.907 1.00 26.66 ? 94  ASN A OD1 1 
ATOM   707  N  ND2 . ASN A 1 135 ? -6.379  -8.090  -16.483 1.00 22.60 ? 94  ASN A ND2 1 
ATOM   708  N  N   . GLY A 1 136 ? -6.907  -4.365  -12.089 1.00 22.80 ? 95  GLY A N   1 
ATOM   709  C  CA  . GLY A 1 136 ? -7.489  -3.125  -11.587 1.00 22.17 ? 95  GLY A CA  1 
ATOM   710  C  C   . GLY A 1 136 ? -6.486  -1.970  -11.696 1.00 24.88 ? 95  GLY A C   1 
ATOM   711  O  O   . GLY A 1 136 ? -5.263  -2.178  -11.954 1.00 23.47 ? 95  GLY A O   1 
ATOM   712  N  N   . TRP A 1 137 ? -6.996  -0.746  -11.545 1.00 25.02 ? 96  TRP A N   1 
ATOM   713  C  CA  . TRP A 1 137 ? -6.135  0.438   -11.631 1.00 25.40 ? 96  TRP A CA  1 
ATOM   714  C  C   . TRP A 1 137 ? -5.315  0.551   -10.365 1.00 26.09 ? 96  TRP A C   1 
ATOM   715  O  O   . TRP A 1 137 ? -5.855  0.463   -9.262  1.00 28.09 ? 96  TRP A O   1 
ATOM   716  C  CB  . TRP A 1 137 ? -6.963  1.731   -11.838 1.00 25.29 ? 96  TRP A CB  1 
ATOM   717  C  CG  . TRP A 1 137 ? -7.571  1.787   -13.180 1.00 29.21 ? 96  TRP A CG  1 
ATOM   718  C  CD1 . TRP A 1 137 ? -8.886  1.560   -13.506 1.00 29.22 ? 96  TRP A CD1 1 
ATOM   719  C  CD2 . TRP A 1 137 ? -6.876  1.995   -14.425 1.00 30.19 ? 96  TRP A CD2 1 
ATOM   720  N  NE1 . TRP A 1 137 ? -9.060  1.661   -14.874 1.00 29.99 ? 96  TRP A NE1 1 
ATOM   721  C  CE2 . TRP A 1 137 ? -7.844  1.923   -15.461 1.00 29.54 ? 96  TRP A CE2 1 
ATOM   722  C  CE3 . TRP A 1 137 ? -5.537  2.255   -14.760 1.00 29.09 ? 96  TRP A CE3 1 
ATOM   723  C  CZ2 . TRP A 1 137 ? -7.511  2.109   -16.806 1.00 27.48 ? 96  TRP A CZ2 1 
ATOM   724  C  CZ3 . TRP A 1 137 ? -5.208  2.420   -16.079 1.00 28.76 ? 96  TRP A CZ3 1 
ATOM   725  C  CH2 . TRP A 1 137 ? -6.188  2.349   -17.095 1.00 28.31 ? 96  TRP A CH2 1 
ATOM   726  N  N   . GLU A 1 138 ? -4.017  0.768   -10.507 1.00 24.86 ? 97  GLU A N   1 
ATOM   727  C  CA  . GLU A 1 138 ? -3.233  1.177   -9.369  1.00 24.95 ? 97  GLU A CA  1 
ATOM   728  C  C   . GLU A 1 138 ? -2.572  2.503   -9.642  1.00 28.40 ? 97  GLU A C   1 
ATOM   729  O  O   . GLU A 1 138 ? -2.339  2.845   -10.814 1.00 29.14 ? 97  GLU A O   1 
ATOM   730  C  CB  . GLU A 1 138 ? -2.240  0.094   -8.983  1.00 24.07 ? 97  GLU A CB  1 
ATOM   731  C  CG  . GLU A 1 138 ? -2.952  -1.032  -8.248  1.00 24.99 ? 97  GLU A CG  1 
ATOM   732  C  CD  . GLU A 1 138 ? -2.041  -2.178  -7.950  1.00 28.24 ? 97  GLU A CD  1 
ATOM   733  O  OE1 . GLU A 1 138 ? -0.881  -1.899  -7.519  1.00 29.56 ? 97  GLU A OE1 1 
ATOM   734  O  OE2 . GLU A 1 138 ? -2.479  -3.346  -8.148  1.00 29.13 ? 97  GLU A OE2 1 
ATOM   735  N  N   . GLY A 1 139 ? -2.302  3.252   -8.567  1.00 29.80 ? 98  GLY A N   1 
ATOM   736  C  CA  . GLY A 1 139 ? -1.489  4.474   -8.621  1.00 31.58 ? 98  GLY A CA  1 
ATOM   737  C  C   . GLY A 1 139 ? -0.603  4.518   -7.392  1.00 36.59 ? 98  GLY A C   1 
ATOM   738  O  O   . GLY A 1 139 ? -0.712  3.679   -6.500  1.00 41.15 ? 98  GLY A O   1 
ATOM   739  N  N   . CYS A 1 140 ? 0.283   5.490   -7.322  1.00 38.28 ? 99  CYS A N   1 
ATOM   740  C  CA  . CYS A 1 140 ? 1.193   5.559   -6.194  1.00 41.13 ? 99  CYS A CA  1 
ATOM   741  C  C   . CYS A 1 140 ? 1.477   7.035   -5.975  1.00 41.78 ? 99  CYS A C   1 
ATOM   742  O  O   . CYS A 1 140 ? 1.646   7.785   -6.925  1.00 42.81 ? 99  CYS A O   1 
ATOM   743  C  CB  . CYS A 1 140 ? 2.484   4.791   -6.541  1.00 41.83 ? 99  CYS A CB  1 
ATOM   744  S  SG  . CYS A 1 140 ? 3.652   4.386   -5.210  1.00 35.54 ? 99  CYS A SG  1 
ATOM   745  N  N   . LEU A 1 141 ? 1.515   7.439   -4.713  1.00 41.37 ? 100 LEU A N   1 
ATOM   746  C  CA  . LEU A 1 141 ? 1.871   8.812   -4.328  1.00 40.69 ? 100 LEU A CA  1 
ATOM   747  C  C   . LEU A 1 141 ? 3.393   9.028   -4.447  1.00 37.23 ? 100 LEU A C   1 
ATOM   748  O  O   . LEU A 1 141 ? 3.893   10.155  -4.456  1.00 40.27 ? 100 LEU A O   1 
ATOM   749  C  CB  . LEU A 1 141 ? 1.358   9.092   -2.895  1.00 39.61 ? 100 LEU A CB  1 
ATOM   750  C  CG  . LEU A 1 141 ? 0.018   8.427   -2.591  1.00 40.84 ? 100 LEU A CG  1 
ATOM   751  C  CD1 . LEU A 1 141 ? -0.135  8.096   -1.115  1.00 44.40 ? 100 LEU A CD1 1 
ATOM   752  C  CD2 . LEU A 1 141 ? -1.136  9.275   -3.109  1.00 37.40 ? 100 LEU A CD2 1 
ATOM   753  N  N   . SER A 1 142 ? 4.139   7.936   -4.509  1.00 36.14 ? 101 SER A N   1 
ATOM   754  C  CA  . SER A 1 142 ? 5.527   8.013   -4.936  1.00 36.08 ? 101 SER A CA  1 
ATOM   755  C  C   . SER A 1 142 ? 5.632   8.165   -6.508  1.00 40.07 ? 101 SER A C   1 
ATOM   756  O  O   . SER A 1 142 ? 6.736   8.327   -7.081  1.00 37.49 ? 101 SER A O   1 
ATOM   757  C  CB  . SER A 1 142 ? 6.308   6.814   -4.385  1.00 32.35 ? 101 SER A CB  1 
ATOM   758  O  OG  . SER A 1 142 ? 6.467   6.946   -2.976  1.00 29.52 ? 101 SER A OG  1 
ATOM   759  N  N   . ILE A 1 143 ? 4.476   8.151   -7.189  1.00 38.07 ? 102 ILE A N   1 
ATOM   760  C  CA  . ILE A 1 143 ? 4.434   8.237   -8.633  1.00 34.81 ? 102 ILE A CA  1 
ATOM   761  C  C   . ILE A 1 143 ? 3.307   9.164   -9.054  1.00 33.94 ? 102 ILE A C   1 
ATOM   762  O  O   . ILE A 1 143 ? 2.383   8.671   -9.709  1.00 32.06 ? 102 ILE A O   1 
ATOM   763  C  CB  . ILE A 1 143 ? 4.133   6.834   -9.178  1.00 33.95 ? 102 ILE A CB  1 
ATOM   764  C  CG1 . ILE A 1 143 ? 5.430   6.019   -9.374  1.00 40.27 ? 102 ILE A CG1 1 
ATOM   765  C  CG2 . ILE A 1 143 ? 3.470   6.933   -10.511 1.00 34.42 ? 102 ILE A CG2 1 
ATOM   766  C  CD1 . ILE A 1 143 ? 5.239   4.526   -9.641  1.00 40.40 ? 102 ILE A CD1 1 
ATOM   767  N  N   . PRO A 1 144 ? 3.334   10.484  -8.668  1.00 32.88 ? 103 PRO A N   1 
ATOM   768  C  CA  . PRO A 1 144 ? 2.053   11.186  -8.872  1.00 33.55 ? 103 PRO A CA  1 
ATOM   769  C  C   . PRO A 1 144 ? 1.747   11.472  -10.375 1.00 33.62 ? 103 PRO A C   1 
ATOM   770  O  O   . PRO A 1 144 ? 2.665   11.786  -11.170 1.00 32.73 ? 103 PRO A O   1 
ATOM   771  C  CB  . PRO A 1 144 ? 2.225   12.493  -8.062  1.00 30.10 ? 103 PRO A CB  1 
ATOM   772  C  CG  . PRO A 1 144 ? 3.681   12.771  -8.185  1.00 27.45 ? 103 PRO A CG  1 
ATOM   773  C  CD  . PRO A 1 144 ? 4.353   11.413  -8.119  1.00 31.67 ? 103 PRO A CD  1 
ATOM   774  N  N   . GLY A 1 145 ? 0.463   11.372  -10.722 1.00 28.92 ? 104 GLY A N   1 
ATOM   775  C  CA  . GLY A 1 145 ? -0.018  11.725  -12.019 1.00 28.86 ? 104 GLY A CA  1 
ATOM   776  C  C   . GLY A 1 145 ? -0.292  10.450  -12.779 1.00 30.72 ? 104 GLY A C   1 
ATOM   777  O  O   . GLY A 1 145 ? -1.047  10.446  -13.748 1.00 36.10 ? 104 GLY A O   1 
ATOM   778  N  N   . LEU A 1 146 ? 0.337   9.359   -12.380 1.00 28.73 ? 105 LEU A N   1 
ATOM   779  C  CA  . LEU A 1 146 ? 0.231   8.148   -13.199 1.00 28.79 ? 105 LEU A CA  1 
ATOM   780  C  C   . LEU A 1 146 ? -0.654  7.068   -12.623 1.00 28.91 ? 105 LEU A C   1 
ATOM   781  O  O   . LEU A 1 146 ? -1.151  7.154   -11.492 1.00 30.81 ? 105 LEU A O   1 
ATOM   782  C  CB  . LEU A 1 146 ? 1.600   7.599   -13.557 1.00 27.80 ? 105 LEU A CB  1 
ATOM   783  C  CG  . LEU A 1 146 ? 2.426   8.645   -14.305 1.00 30.92 ? 105 LEU A CG  1 
ATOM   784  C  CD1 . LEU A 1 146 ? 3.789   8.849   -13.667 1.00 32.47 ? 105 LEU A CD1 1 
ATOM   785  C  CD2 . LEU A 1 146 ? 2.552   8.383   -15.795 1.00 29.25 ? 105 LEU A CD2 1 
ATOM   786  N  N   . ARG A 1 147 ? -0.896  6.072   -13.456 1.00 28.30 ? 106 ARG A N   1 
ATOM   787  C  CA  . ARG A 1 147 ? -1.669  4.892   -13.122 1.00 24.78 ? 106 ARG A CA  1 
ATOM   788  C  C   . ARG A 1 147 ? -1.505  3.894   -14.257 1.00 24.45 ? 106 ARG A C   1 
ATOM   789  O  O   . ARG A 1 147 ? -1.007  4.236   -15.352 1.00 23.76 ? 106 ARG A O   1 
ATOM   790  C  CB  . ARG A 1 147 ? -3.153  5.183   -12.803 1.00 23.50 ? 106 ARG A CB  1 
ATOM   791  C  CG  . ARG A 1 147 ? -3.956  6.019   -13.773 1.00 25.07 ? 106 ARG A CG  1 
ATOM   792  C  CD  . ARG A 1 147 ? -5.423  6.219   -13.313 1.00 24.17 ? 106 ARG A CD  1 
ATOM   793  N  NE  . ARG A 1 147 ? -6.371  5.855   -14.376 1.00 28.84 ? 106 ARG A NE  1 
ATOM   794  C  CZ  . ARG A 1 147 ? -7.070  6.713   -15.133 1.00 32.51 ? 106 ARG A CZ  1 
ATOM   795  N  NH1 . ARG A 1 147 ? -6.985  8.033   -14.963 1.00 32.89 ? 106 ARG A NH1 1 
ATOM   796  N  NH2 . ARG A 1 147 ? -7.881  6.248   -16.066 1.00 33.66 ? 106 ARG A NH2 1 
ATOM   797  N  N   . ALA A 1 148 ? -1.881  2.649   -13.972 1.00 22.16 ? 107 ALA A N   1 
ATOM   798  C  CA  . ALA A 1 148 ? -1.737  1.573   -14.895 1.00 19.31 ? 107 ALA A CA  1 
ATOM   799  C  C   . ALA A 1 148 ? -2.675  0.521   -14.372 1.00 20.67 ? 107 ALA A C   1 
ATOM   800  O  O   . ALA A 1 148 ? -3.170  0.642   -13.249 1.00 22.23 ? 107 ALA A O   1 
ATOM   801  C  CB  . ALA A 1 148 ? -0.305  1.084   -14.899 1.00 16.89 ? 107 ALA A CB  1 
ATOM   802  N  N   . VAL A 1 149 ? -2.950  -0.495  -15.186 1.00 21.12 ? 108 VAL A N   1 
ATOM   803  C  CA  . VAL A 1 149 ? -3.727  -1.650  -14.758 1.00 20.94 ? 108 VAL A CA  1 
ATOM   804  C  C   . VAL A 1 149 ? -2.756  -2.756  -14.414 1.00 21.57 ? 108 VAL A C   1 
ATOM   805  O  O   . VAL A 1 149 ? -1.838  -3.035  -15.191 1.00 21.25 ? 108 VAL A O   1 
ATOM   806  C  CB  . VAL A 1 149 ? -4.689  -2.112  -15.865 1.00 20.87 ? 108 VAL A CB  1 
ATOM   807  C  CG1 . VAL A 1 149 ? -5.259  -3.489  -15.567 1.00 19.22 ? 108 VAL A CG1 1 
ATOM   808  C  CG2 . VAL A 1 149 ? -5.778  -1.058  -16.076 1.00 20.00 ? 108 VAL A CG2 1 
ATOM   809  N  N   . ILE A 1 150 ? -2.993  -3.394  -13.258 1.00 21.61 ? 109 ILE A N   1 
ATOM   810  C  CA  . ILE A 1 150 ? -2.084  -4.369  -12.654 1.00 21.64 ? 109 ILE A CA  1 
ATOM   811  C  C   . ILE A 1 150 ? -2.870  -5.626  -12.251 1.00 23.75 ? 109 ILE A C   1 
ATOM   812  O  O   . ILE A 1 150 ? -3.946  -5.527  -11.612 1.00 27.32 ? 109 ILE A O   1 
ATOM   813  C  CB  . ILE A 1 150 ? -1.459  -3.767  -11.369 1.00 21.25 ? 109 ILE A CB  1 
ATOM   814  C  CG1 . ILE A 1 150 ? -0.787  -2.414  -11.662 1.00 21.58 ? 109 ILE A CG1 1 
ATOM   815  C  CG2 . ILE A 1 150 ? -0.560  -4.752  -10.668 1.00 19.92 ? 109 ILE A CG2 1 
ATOM   816  C  CD1 . ILE A 1 150 ? 0.363   -2.516  -12.622 1.00 21.28 ? 109 ILE A CD1 1 
ATOM   817  N  N   . PRO A 1 151 ? -2.356  -6.809  -12.630 1.00 22.69 ? 110 PRO A N   1 
ATOM   818  C  CA  . PRO A 1 151 ? -2.949  -8.034  -12.122 1.00 21.29 ? 110 PRO A CA  1 
ATOM   819  C  C   . PRO A 1 151 ? -2.458  -8.251  -10.715 1.00 22.08 ? 110 PRO A C   1 
ATOM   820  O  O   . PRO A 1 151 ? -1.245  -8.125  -10.475 1.00 23.36 ? 110 PRO A O   1 
ATOM   821  C  CB  . PRO A 1 151 ? -2.344  -9.119  -13.044 1.00 19.77 ? 110 PRO A CB  1 
ATOM   822  C  CG  . PRO A 1 151 ? -1.002  -8.584  -13.373 1.00 20.47 ? 110 PRO A CG  1 
ATOM   823  C  CD  . PRO A 1 151 ? -1.199  -7.080  -13.520 1.00 21.44 ? 110 PRO A CD  1 
ATOM   824  N  N   . ARG A 1 152 ? -3.385  -8.602  -9.815  1.00 23.03 ? 111 ARG A N   1 
ATOM   825  C  CA  . ARG A 1 152 ? -3.108  -9.025  -8.436  1.00 21.57 ? 111 ARG A CA  1 
ATOM   826  C  C   . ARG A 1 152 ? -3.932  -10.273 -8.170  1.00 22.24 ? 111 ARG A C   1 
ATOM   827  O  O   . ARG A 1 152 ? -4.893  -10.551 -8.917  1.00 21.40 ? 111 ARG A O   1 
ATOM   828  C  CB  . ARG A 1 152 ? -3.587  -7.956  -7.471  1.00 21.19 ? 111 ARG A CB  1 
ATOM   829  C  CG  . ARG A 1 152 ? -2.896  -6.607  -7.600  1.00 21.40 ? 111 ARG A CG  1 
ATOM   830  C  CD  . ARG A 1 152 ? -1.413  -6.727  -7.271  1.00 21.35 ? 111 ARG A CD  1 
ATOM   831  N  NE  . ARG A 1 152 ? -0.788  -5.400  -7.218  1.00 21.29 ? 111 ARG A NE  1 
ATOM   832  C  CZ  . ARG A 1 152 ? 0.482   -5.181  -6.858  1.00 20.75 ? 111 ARG A CZ  1 
ATOM   833  N  NH1 . ARG A 1 152 ? 1.265   -6.214  -6.493  1.00 17.55 ? 111 ARG A NH1 1 
ATOM   834  N  NH2 . ARG A 1 152 ? 0.972   -3.925  -6.871  1.00 18.92 ? 111 ARG A NH2 1 
ATOM   835  N  N   . TYR A 1 153 ? -3.595  -11.006 -7.103  1.00 22.56 ? 112 TYR A N   1 
ATOM   836  C  CA  . TYR A 1 153 ? -4.478  -12.089 -6.617  1.00 23.07 ? 112 TYR A CA  1 
ATOM   837  C  C   . TYR A 1 153 ? -5.805  -11.496 -6.151  1.00 25.50 ? 112 TYR A C   1 
ATOM   838  O  O   . TYR A 1 153 ? -5.813  -10.528 -5.404  1.00 29.61 ? 112 TYR A O   1 
ATOM   839  C  CB  . TYR A 1 153 ? -3.841  -12.859 -5.458  1.00 21.13 ? 112 TYR A CB  1 
ATOM   840  C  CG  . TYR A 1 153 ? -2.629  -13.684 -5.841  1.00 22.69 ? 112 TYR A CG  1 
ATOM   841  C  CD1 . TYR A 1 153 ? -2.769  -14.867 -6.602  1.00 23.67 ? 112 TYR A CD1 1 
ATOM   842  C  CD2 . TYR A 1 153 ? -1.340  -13.305 -5.440  1.00 22.28 ? 112 TYR A CD2 1 
ATOM   843  C  CE1 . TYR A 1 153 ? -1.666  -15.622 -6.965  1.00 24.77 ? 112 TYR A CE1 1 
ATOM   844  C  CE2 . TYR A 1 153 ? -0.224  -14.065 -5.782  1.00 23.72 ? 112 TYR A CE2 1 
ATOM   845  C  CZ  . TYR A 1 153 ? -0.383  -15.212 -6.551  1.00 27.77 ? 112 TYR A CZ  1 
ATOM   846  O  OH  . TYR A 1 153 ? 0.736   -15.969 -6.931  1.00 33.35 ? 112 TYR A OH  1 
ATOM   847  N  N   . ARG A 1 154 ? -6.927  -12.066 -6.569  1.00 26.12 ? 113 ARG A N   1 
ATOM   848  C  CA  . ARG A 1 154 ? -8.222  -11.633 -6.063  1.00 26.58 ? 113 ARG A CA  1 
ATOM   849  C  C   . ARG A 1 154 ? -8.413  -11.979 -4.568  1.00 25.90 ? 113 ARG A C   1 
ATOM   850  O  O   . ARG A 1 154 ? -9.092  -11.226 -3.846  1.00 24.50 ? 113 ARG A O   1 
ATOM   851  C  CB  . ARG A 1 154 ? -9.376  -12.172 -6.959  1.00 31.04 ? 113 ARG A CB  1 
ATOM   852  C  CG  . ARG A 1 154 ? -10.769 -12.012 -6.361  1.00 39.20 ? 113 ARG A CG  1 
ATOM   853  C  CD  . ARG A 1 154 ? -11.885 -11.728 -7.362  1.00 49.70 ? 113 ARG A CD  1 
ATOM   854  N  NE  . ARG A 1 154 ? -12.326 -10.301 -7.400  1.00 59.15 ? 113 ARG A NE  1 
ATOM   855  C  CZ  . ARG A 1 154 ? -13.148 -9.691  -6.518  1.00 61.82 ? 113 ARG A CZ  1 
ATOM   856  N  NH1 . ARG A 1 154 ? -13.625 -10.371 -5.477  1.00 60.24 ? 113 ARG A NH1 1 
ATOM   857  N  NH2 . ARG A 1 154 ? -13.500 -8.393  -6.673  1.00 51.65 ? 113 ARG A NH2 1 
ATOM   858  N  N   . TYR A 1 155 ? -7.827  -13.101 -4.107  1.00 24.90 ? 114 TYR A N   1 
ATOM   859  C  CA  . TYR A 1 155 ? -8.044  -13.611 -2.717  1.00 25.63 ? 114 TYR A CA  1 
ATOM   860  C  C   . TYR A 1 155 ? -6.758  -13.881 -1.937  1.00 24.71 ? 114 TYR A C   1 
ATOM   861  O  O   . TYR A 1 155 ? -5.927  -14.686 -2.376  1.00 22.28 ? 114 TYR A O   1 
ATOM   862  C  CB  . TYR A 1 155 ? -8.897  -14.893 -2.699  1.00 28.25 ? 114 TYR A CB  1 
ATOM   863  C  CG  . TYR A 1 155 ? -10.244 -14.720 -3.371  1.00 29.05 ? 114 TYR A CG  1 
ATOM   864  C  CD1 . TYR A 1 155 ? -10.464 -15.121 -4.710  1.00 31.15 ? 114 TYR A CD1 1 
ATOM   865  C  CD2 . TYR A 1 155 ? -11.277 -14.128 -2.693  1.00 29.39 ? 114 TYR A CD2 1 
ATOM   866  C  CE1 . TYR A 1 155 ? -11.703 -14.920 -5.333  1.00 31.26 ? 114 TYR A CE1 1 
ATOM   867  C  CE2 . TYR A 1 155 ? -12.514 -13.931 -3.293  1.00 33.74 ? 114 TYR A CE2 1 
ATOM   868  C  CZ  . TYR A 1 155 ? -12.726 -14.326 -4.606  1.00 33.45 ? 114 TYR A CZ  1 
ATOM   869  O  OH  . TYR A 1 155 ? -13.975 -14.094 -5.139  1.00 36.25 ? 114 TYR A OH  1 
ATOM   870  N  N   . ILE A 1 156 ? -6.591  -13.194 -0.794  1.00 21.31 ? 115 ILE A N   1 
ATOM   871  C  CA  . ILE A 1 156 ? -5.421  -13.409 0.036   1.00 20.38 ? 115 ILE A CA  1 
ATOM   872  C  C   . ILE A 1 156 ? -5.764  -13.532 1.539   1.00 22.28 ? 115 ILE A C   1 
ATOM   873  O  O   . ILE A 1 156 ? -6.827  -13.051 2.039   1.00 21.02 ? 115 ILE A O   1 
ATOM   874  C  CB  . ILE A 1 156 ? -4.366  -12.273 -0.113  1.00 20.06 ? 115 ILE A CB  1 
ATOM   875  C  CG1 . ILE A 1 156 ? -4.850  -10.988 0.579   1.00 17.42 ? 115 ILE A CG1 1 
ATOM   876  C  CG2 . ILE A 1 156 ? -3.895  -12.069 -1.571  1.00 19.97 ? 115 ILE A CG2 1 
ATOM   877  C  CD1 . ILE A 1 156 ? -3.920  -9.804  0.479   1.00 15.75 ? 115 ILE A CD1 1 
ATOM   878  N  N   . ARG A 1 157 ? -4.850  -14.171 2.259   1.00 20.71 ? 116 ARG A N   1 
ATOM   879  C  CA  . ARG A 1 157 ? -4.780  -13.957 3.673   1.00 22.47 ? 116 ARG A CA  1 
ATOM   880  C  C   . ARG A 1 157 ? -3.533  -13.184 3.954   1.00 23.40 ? 116 ARG A C   1 
ATOM   881  O  O   . ARG A 1 157 ? -2.434  -13.557 3.494   1.00 23.57 ? 116 ARG A O   1 
ATOM   882  C  CB  . ARG A 1 157 ? -4.732  -15.245 4.510   1.00 23.34 ? 116 ARG A CB  1 
ATOM   883  C  CG  . ARG A 1 157 ? -4.780  -14.917 6.017   1.00 23.15 ? 116 ARG A CG  1 
ATOM   884  C  CD  . ARG A 1 157 ? -5.326  -16.098 6.765   1.00 25.36 ? 116 ARG A CD  1 
ATOM   885  N  NE  . ARG A 1 157 ? -4.620  -17.220 6.205   1.00 29.51 ? 116 ARG A NE  1 
ATOM   886  C  CZ  . ARG A 1 157 ? -5.161  -18.328 5.723   1.00 27.74 ? 116 ARG A CZ  1 
ATOM   887  N  NH1 . ARG A 1 157 ? -6.483  -18.590 5.770   1.00 23.56 ? 116 ARG A NH1 1 
ATOM   888  N  NH2 . ARG A 1 157 ? -4.308  -19.199 5.234   1.00 27.87 ? 116 ARG A NH2 1 
ATOM   889  N  N   . TYR A 1 158 ? -3.692  -12.119 4.736   1.00 23.50 ? 117 TYR A N   1 
ATOM   890  C  CA  . TYR A 1 158 ? -2.526  -11.468 5.297   1.00 23.59 ? 117 TYR A CA  1 
ATOM   891  C  C   . TYR A 1 158 ? -2.453  -11.557 6.835   1.00 23.86 ? 117 TYR A C   1 
ATOM   892  O  O   . TYR A 1 158 ? -3.515  -11.646 7.513   1.00 21.46 ? 117 TYR A O   1 
ATOM   893  C  CB  . TYR A 1 158 ? -2.454  -10.057 4.797   1.00 22.82 ? 117 TYR A CB  1 
ATOM   894  C  CG  . TYR A 1 158 ? -3.582  -9.161  5.198   1.00 23.43 ? 117 TYR A CG  1 
ATOM   895  C  CD1 . TYR A 1 158 ? -4.674  -8.973  4.355   1.00 23.05 ? 117 TYR A CD1 1 
ATOM   896  C  CD2 . TYR A 1 158 ? -3.521  -8.422  6.424   1.00 24.10 ? 117 TYR A CD2 1 
ATOM   897  C  CE1 . TYR A 1 158 ? -5.687  -8.062  4.697   1.00 26.41 ? 117 TYR A CE1 1 
ATOM   898  C  CE2 . TYR A 1 158 ? -4.522  -7.520  6.788   1.00 25.48 ? 117 TYR A CE2 1 
ATOM   899  C  CZ  . TYR A 1 158 ? -5.607  -7.333  5.921   1.00 27.98 ? 117 TYR A CZ  1 
ATOM   900  O  OH  . TYR A 1 158 ? -6.619  -6.470  6.287   1.00 31.90 ? 117 TYR A OH  1 
ATOM   901  N  N   . ARG A 1 159 ? -1.209  -11.543 7.343   1.00 25.27 ? 118 ARG A N   1 
ATOM   902  C  CA  . ARG A 1 159 ? -0.862  -11.738 8.767   1.00 29.13 ? 118 ARG A CA  1 
ATOM   903  C  C   . ARG A 1 159 ? 0.201   -10.741 9.168   1.00 29.10 ? 118 ARG A C   1 
ATOM   904  O  O   . ARG A 1 159 ? 1.057   -10.391 8.348   1.00 30.17 ? 118 ARG A O   1 
ATOM   905  C  CB  . ARG A 1 159 ? -0.230  -13.102 8.987   1.00 34.21 ? 118 ARG A CB  1 
ATOM   906  C  CG  . ARG A 1 159 ? -1.198  -14.249 9.108   1.00 40.95 ? 118 ARG A CG  1 
ATOM   907  C  CD  . ARG A 1 159 ? -0.546  -15.380 9.875   1.00 47.59 ? 118 ARG A CD  1 
ATOM   908  N  NE  . ARG A 1 159 ? -0.760  -16.639 9.180   1.00 60.83 ? 118 ARG A NE  1 
ATOM   909  C  CZ  . ARG A 1 159 ? -1.766  -17.482 9.418   1.00 63.90 ? 118 ARG A CZ  1 
ATOM   910  N  NH1 . ARG A 1 159 ? -2.672  -17.208 10.369  1.00 59.06 ? 118 ARG A NH1 1 
ATOM   911  N  NH2 . ARG A 1 159 ? -1.848  -18.611 8.704   1.00 58.91 ? 118 ARG A NH2 1 
ATOM   912  N  N   . GLY A 1 160 ? 0.168   -10.308 10.435  1.00 24.75 ? 119 GLY A N   1 
ATOM   913  C  CA  . GLY A 1 160 ? 1.166   -9.401  10.972  1.00 20.45 ? 119 GLY A CA  1 
ATOM   914  C  C   . GLY A 1 160 ? 0.691   -8.898  12.324  1.00 22.11 ? 119 GLY A C   1 
ATOM   915  O  O   . GLY A 1 160 ? -0.043  -9.631  13.079  1.00 19.90 ? 119 GLY A O   1 
ATOM   916  N  N   . PHE A 1 161 ? 1.074   -7.648  12.639  1.00 19.57 ? 120 PHE A N   1 
ATOM   917  C  CA  . PHE A 1 161 ? 0.813   -7.114  13.971  1.00 19.49 ? 120 PHE A CA  1 
ATOM   918  C  C   . PHE A 1 161 ? 0.211   -5.726  13.962  1.00 19.87 ? 120 PHE A C   1 
ATOM   919  O  O   . PHE A 1 161 ? 0.561   -4.896  13.148  1.00 22.15 ? 120 PHE A O   1 
ATOM   920  C  CB  . PHE A 1 161 ? 2.072   -7.231  14.853  1.00 18.48 ? 120 PHE A CB  1 
ATOM   921  C  CG  . PHE A 1 161 ? 2.523   -8.665  15.026  1.00 17.70 ? 120 PHE A CG  1 
ATOM   922  C  CD1 . PHE A 1 161 ? 1.942   -9.487  16.034  1.00 16.92 ? 120 PHE A CD1 1 
ATOM   923  C  CD2 . PHE A 1 161 ? 3.445   -9.254  14.110  1.00 16.83 ? 120 PHE A CD2 1 
ATOM   924  C  CE1 . PHE A 1 161 ? 2.305   -10.846 16.166  1.00 16.35 ? 120 PHE A CE1 1 
ATOM   925  C  CE2 . PHE A 1 161 ? 3.790   -10.618 14.232  1.00 16.85 ? 120 PHE A CE2 1 
ATOM   926  C  CZ  . PHE A 1 161 ? 3.226   -11.417 15.273  1.00 15.80 ? 120 PHE A CZ  1 
ATOM   927  N  N   . ALA A 1 162 ? -0.760  -5.503  14.822  1.00 19.03 ? 121 ALA A N   1 
ATOM   928  C  CA  . ALA A 1 162 ? -1.175  -4.152  15.087  1.00 20.61 ? 121 ALA A CA  1 
ATOM   929  C  C   . ALA A 1 162 ? -0.023  -3.447  15.866  1.00 20.84 ? 121 ALA A C   1 
ATOM   930  O  O   . ALA A 1 162 ? 0.818   -4.115  16.477  1.00 23.15 ? 121 ALA A O   1 
ATOM   931  C  CB  . ALA A 1 162 ? -2.509  -4.137  15.852  1.00 18.49 ? 121 ALA A CB  1 
ATOM   932  N  N   . PRO A 1 163 ? 0.023   -2.107  15.848  1.00 22.01 ? 122 PRO A N   1 
ATOM   933  C  CA  . PRO A 1 163 ? 1.118   -1.407  16.545  1.00 22.42 ? 122 PRO A CA  1 
ATOM   934  C  C   . PRO A 1 163 ? 1.178   -1.676  18.057  1.00 23.19 ? 122 PRO A C   1 
ATOM   935  O  O   . PRO A 1 163 ? 2.236   -1.481  18.673  1.00 22.07 ? 122 PRO A O   1 
ATOM   936  C  CB  . PRO A 1 163 ? 0.806   0.082   16.293  1.00 21.65 ? 122 PRO A CB  1 
ATOM   937  C  CG  . PRO A 1 163 ? -0.140  0.083   15.137  1.00 21.96 ? 122 PRO A CG  1 
ATOM   938  C  CD  . PRO A 1 163 ? -0.958  -1.148  15.295  1.00 21.57 ? 122 PRO A CD  1 
ATOM   939  N  N   . ASP A 1 164 ? 0.065   -2.090  18.658  1.00 23.13 ? 123 ASP A N   1 
ATOM   940  C  CA  . ASP A 1 164 ? 0.097   -2.409  20.076  1.00 25.71 ? 123 ASP A CA  1 
ATOM   941  C  C   . ASP A 1 164 ? 0.674   -3.806  20.280  1.00 27.11 ? 123 ASP A C   1 
ATOM   942  O  O   . ASP A 1 164 ? 0.765   -4.247  21.389  1.00 28.81 ? 123 ASP A O   1 
ATOM   943  C  CB  . ASP A 1 164 ? -1.302  -2.330  20.711  1.00 26.41 ? 123 ASP A CB  1 
ATOM   944  C  CG  . ASP A 1 164 ? -2.286  -3.377  20.147  1.00 30.07 ? 123 ASP A CG  1 
ATOM   945  O  OD1 . ASP A 1 164 ? -3.459  -3.314  20.541  1.00 31.74 ? 123 ASP A OD1 1 
ATOM   946  O  OD2 . ASP A 1 164 ? -1.928  -4.262  19.327  1.00 31.94 ? 123 ASP A OD2 1 
ATOM   947  N  N   . GLY A 1 165 ? 0.959   -4.531  19.205  1.00 25.54 ? 124 GLY A N   1 
ATOM   948  C  CA  . GLY A 1 165 ? 1.540   -5.853  19.335  1.00 25.40 ? 124 GLY A CA  1 
ATOM   949  C  C   . GLY A 1 165 ? 0.556   -6.997  19.176  1.00 27.02 ? 124 GLY A C   1 
ATOM   950  O  O   . GLY A 1 165 ? 0.957   -8.142  19.032  1.00 25.44 ? 124 GLY A O   1 
ATOM   951  N  N   . SER A 1 166 ? -0.736  -6.724  19.181  1.00 26.80 ? 125 SER A N   1 
ATOM   952  C  CA  . SER A 1 166 ? -1.655  -7.829  19.048  1.00 27.65 ? 125 SER A CA  1 
ATOM   953  C  C   . SER A 1 166 ? -1.642  -8.331  17.593  1.00 30.38 ? 125 SER A C   1 
ATOM   954  O  O   . SER A 1 166 ? -1.354  -7.548  16.652  1.00 27.70 ? 125 SER A O   1 
ATOM   955  C  CB  . SER A 1 166 ? -3.061  -7.449  19.531  1.00 26.24 ? 125 SER A CB  1 
ATOM   956  O  OG  . SER A 1 166 ? -3.444  -6.213  18.975  1.00 27.33 ? 125 SER A OG  1 
ATOM   957  N  N   . PRO A 1 167 ? -1.910  -9.645  17.407  1.00 30.88 ? 126 PRO A N   1 
ATOM   958  C  CA  . PRO A 1 167 ? -1.783  -10.164 16.048  1.00 32.70 ? 126 PRO A CA  1 
ATOM   959  C  C   . PRO A 1 167 ? -3.006  -9.837  15.189  1.00 32.31 ? 126 PRO A C   1 
ATOM   960  O  O   . PRO A 1 167 ? -4.095  -9.738  15.694  1.00 31.13 ? 126 PRO A O   1 
ATOM   961  C  CB  . PRO A 1 167 ? -1.588  -11.684 16.255  1.00 30.56 ? 126 PRO A CB  1 
ATOM   962  C  CG  . PRO A 1 167 ? -2.289  -11.954 17.555  1.00 32.68 ? 126 PRO A CG  1 
ATOM   963  C  CD  . PRO A 1 167 ? -2.110  -10.719 18.405  1.00 29.89 ? 126 PRO A CD  1 
ATOM   964  N  N   . ILE A 1 168 ? -2.788  -9.636  13.898  1.00 32.69 ? 127 ILE A N   1 
ATOM   965  C  CA  . ILE A 1 168 ? -3.855  -9.384  12.949  1.00 29.24 ? 127 ILE A CA  1 
ATOM   966  C  C   . ILE A 1 168 ? -3.704  -10.532 11.970  1.00 30.55 ? 127 ILE A C   1 
ATOM   967  O  O   . ILE A 1 168 ? -2.568  -10.831 11.543  1.00 35.34 ? 127 ILE A O   1 
ATOM   968  C  CB  . ILE A 1 168 ? -3.622  -8.046  12.175  1.00 26.36 ? 127 ILE A CB  1 
ATOM   969  C  CG1 . ILE A 1 168 ? -4.008  -6.858  13.044  1.00 25.01 ? 127 ILE A CG1 1 
ATOM   970  C  CG2 . ILE A 1 168 ? -4.445  -8.004  10.903  1.00 23.83 ? 127 ILE A CG2 1 
ATOM   971  C  CD1 . ILE A 1 168 ? -3.517  -5.500  12.590  1.00 23.09 ? 127 ILE A CD1 1 
ATOM   972  N  N   . GLU A 1 169 ? -4.812  -11.216 11.671  1.00 29.27 ? 128 GLU A N   1 
ATOM   973  C  CA  . GLU A 1 169 ? -4.897  -12.014 10.446  1.00 30.70 ? 128 GLU A CA  1 
ATOM   974  C  C   . GLU A 1 169 ? -6.264  -11.934 9.847   1.00 28.99 ? 128 GLU A C   1 
ATOM   975  O  O   . GLU A 1 169 ? -7.266  -12.146 10.533  1.00 29.92 ? 128 GLU A O   1 
ATOM   976  C  CB  . GLU A 1 169 ? -4.392  -13.463 10.549  1.00 31.01 ? 128 GLU A CB  1 
ATOM   977  C  CG  . GLU A 1 169 ? -5.171  -14.401 11.445  1.00 33.54 ? 128 GLU A CG  1 
ATOM   978  C  CD  . GLU A 1 169 ? -6.484  -14.913 10.855  1.00 33.25 ? 128 GLU A CD  1 
ATOM   979  O  OE1 . GLU A 1 169 ? -6.611  -15.264 9.653   1.00 28.99 ? 128 GLU A OE1 1 
ATOM   980  O  OE2 . GLU A 1 169 ? -7.443  -14.944 11.654  1.00 35.48 ? 128 GLU A OE2 1 
ATOM   981  N  N   . ARG A 1 170 ? -6.291  -11.602 8.564   1.00 26.34 ? 129 ARG A N   1 
ATOM   982  C  CA  . ARG A 1 170 ? -7.554  -11.422 7.870   1.00 27.66 ? 129 ARG A CA  1 
ATOM   983  C  C   . ARG A 1 170 ? -7.543  -12.075 6.505   1.00 27.78 ? 129 ARG A C   1 
ATOM   984  O  O   . ARG A 1 170 ? -6.487  -12.158 5.849   1.00 29.14 ? 129 ARG A O   1 
ATOM   985  C  CB  . ARG A 1 170 ? -7.824  -9.935  7.676   1.00 28.00 ? 129 ARG A CB  1 
ATOM   986  C  CG  . ARG A 1 170 ? -8.206  -9.135  8.921   1.00 26.31 ? 129 ARG A CG  1 
ATOM   987  C  CD  . ARG A 1 170 ? -8.258  -7.665  8.505   1.00 27.73 ? 129 ARG A CD  1 
ATOM   988  N  NE  . ARG A 1 170 ? -8.277  -6.797  9.667   1.00 29.35 ? 129 ARG A NE  1 
ATOM   989  C  CZ  . ARG A 1 170 ? -8.104  -5.478  9.656   1.00 29.10 ? 129 ARG A CZ  1 
ATOM   990  N  NH1 . ARG A 1 170 ? -7.881  -4.791  8.541   1.00 27.45 ? 129 ARG A NH1 1 
ATOM   991  N  NH2 . ARG A 1 170 ? -8.111  -4.848  10.804  1.00 29.24 ? 129 ARG A NH2 1 
ATOM   992  N  N   . GLU A 1 171 ? -8.702  -12.517 6.041   1.00 26.39 ? 130 GLU A N   1 
ATOM   993  C  CA  . GLU A 1 171 ? -8.745  -12.824 4.628   1.00 26.98 ? 130 GLU A CA  1 
ATOM   994  C  C   . GLU A 1 171 ? -9.310  -11.608 3.879   1.00 28.31 ? 130 GLU A C   1 
ATOM   995  O  O   . GLU A 1 171 ? -10.164 -10.901 4.411   1.00 27.91 ? 130 GLU A O   1 
ATOM   996  C  CB  . GLU A 1 171 ? -9.315  -14.215 4.243   1.00 24.56 ? 130 GLU A CB  1 
ATOM   997  C  CG  . GLU A 1 171 ? -10.144 -14.971 5.245   1.00 26.31 ? 130 GLU A CG  1 
ATOM   998  C  CD  . GLU A 1 171 ? -9.439  -15.414 6.531   1.00 27.15 ? 130 GLU A CD  1 
ATOM   999  O  OE1 . GLU A 1 171 ? -8.247  -15.806 6.526   1.00 26.60 ? 130 GLU A OE1 1 
ATOM   1000 O  OE2 . GLU A 1 171 ? -10.110 -15.367 7.593   1.00 28.21 ? 130 GLU A OE2 1 
ATOM   1001 N  N   . ALA A 1 172 ? -8.772  -11.295 2.696   1.00 26.68 ? 131 ALA A N   1 
ATOM   1002 C  CA  . ALA A 1 172 ? -9.299  -10.158 1.964   1.00 24.36 ? 131 ALA A CA  1 
ATOM   1003 C  C   . ALA A 1 172 ? -9.486  -10.447 0.489   1.00 24.20 ? 131 ALA A C   1 
ATOM   1004 O  O   . ALA A 1 172 ? -8.898  -11.359 -0.081  1.00 24.47 ? 131 ALA A O   1 
ATOM   1005 C  CB  . ALA A 1 172 ? -8.417  -8.936  2.181   1.00 23.48 ? 131 ALA A CB  1 
ATOM   1006 N  N   . GLU A 1 173 ? -10.275 -9.623  -0.160  1.00 26.60 ? 132 GLU A N   1 
ATOM   1007 C  CA  . GLU A 1 173 ? -10.494 -9.821  -1.573  1.00 29.06 ? 132 GLU A CA  1 
ATOM   1008 C  C   . GLU A 1 173 ? -10.620 -8.525  -2.339  1.00 30.16 ? 132 GLU A C   1 
ATOM   1009 O  O   . GLU A 1 173 ? -10.863 -7.453  -1.768  1.00 30.89 ? 132 GLU A O   1 
ATOM   1010 C  CB  . GLU A 1 173 ? -11.713 -10.683 -1.778  1.00 32.92 ? 132 GLU A CB  1 
ATOM   1011 C  CG  . GLU A 1 173 ? -13.011 -10.066 -1.355  1.00 40.46 ? 132 GLU A CG  1 
ATOM   1012 C  CD  . GLU A 1 173 ? -14.086 -10.560 -2.259  1.00 55.36 ? 132 GLU A CD  1 
ATOM   1013 O  OE1 . GLU A 1 173 ? -14.988 -11.254 -1.760  1.00 70.96 ? 132 GLU A OE1 1 
ATOM   1014 O  OE2 . GLU A 1 173 ? -13.981 -10.308 -3.482  1.00 57.63 ? 132 GLU A OE2 1 
ATOM   1015 N  N   . GLY A 1 174 ? -10.427 -8.615  -3.643  1.00 31.84 ? 133 GLY A N   1 
ATOM   1016 C  CA  . GLY A 1 174 ? -10.612 -7.464  -4.499  1.00 29.18 ? 133 GLY A CA  1 
ATOM   1017 C  C   . GLY A 1 174 ? -9.747  -6.293  -4.049  1.00 31.44 ? 133 GLY A C   1 
ATOM   1018 O  O   . GLY A 1 174 ? -8.511  -6.430  -3.850  1.00 27.99 ? 133 GLY A O   1 
ATOM   1019 N  N   . PHE A 1 175 ? -10.406 -5.135  -3.893  1.00 30.15 ? 134 PHE A N   1 
ATOM   1020 C  CA  . PHE A 1 175 ? -9.694  -3.878  -3.748  1.00 24.45 ? 134 PHE A CA  1 
ATOM   1021 C  C   . PHE A 1 175 ? -8.895  -3.917  -2.464  1.00 24.65 ? 134 PHE A C   1 
ATOM   1022 O  O   . PHE A 1 175 ? -7.668  -3.726  -2.487  1.00 25.82 ? 134 PHE A O   1 
ATOM   1023 C  CB  . PHE A 1 175 ? -10.632 -2.675  -3.836  1.00 21.98 ? 134 PHE A CB  1 
ATOM   1024 C  CG  . PHE A 1 175 ? -9.904  -1.377  -3.893  1.00 20.75 ? 134 PHE A CG  1 
ATOM   1025 C  CD1 . PHE A 1 175 ? -9.229  -0.991  -5.051  1.00 20.35 ? 134 PHE A CD1 1 
ATOM   1026 C  CD2 . PHE A 1 175 ? -9.833  -0.562  -2.778  1.00 20.66 ? 134 PHE A CD2 1 
ATOM   1027 C  CE1 . PHE A 1 175 ? -8.514  0.196   -5.113  1.00 19.71 ? 134 PHE A CE1 1 
ATOM   1028 C  CE2 . PHE A 1 175 ? -9.123  0.634   -2.822  1.00 20.58 ? 134 PHE A CE2 1 
ATOM   1029 C  CZ  . PHE A 1 175 ? -8.459  1.015   -3.995  1.00 20.50 ? 134 PHE A CZ  1 
ATOM   1030 N  N   . HIS A 1 176 ? -9.568  -4.236  -1.357  1.00 24.42 ? 135 HIS A N   1 
ATOM   1031 C  CA  . HIS A 1 176 ? -8.876  -4.609  -0.092  1.00 22.89 ? 135 HIS A CA  1 
ATOM   1032 C  C   . HIS A 1 176 ? -7.584  -5.427  -0.318  1.00 22.35 ? 135 HIS A C   1 
ATOM   1033 O  O   . HIS A 1 176 ? -6.479  -4.969  0.014   1.00 23.64 ? 135 HIS A O   1 
ATOM   1034 C  CB  . HIS A 1 176 ? -9.805  -5.381  0.825   1.00 22.29 ? 135 HIS A CB  1 
ATOM   1035 C  CG  . HIS A 1 176 ? -9.325  -5.464  2.248   1.00 25.05 ? 135 HIS A CG  1 
ATOM   1036 N  ND1 . HIS A 1 176 ? -10.179 -5.716  3.306   1.00 23.98 ? 135 HIS A ND1 1 
ATOM   1037 C  CD2 . HIS A 1 176 ? -8.090  -5.309  2.790   1.00 23.64 ? 135 HIS A CD2 1 
ATOM   1038 C  CE1 . HIS A 1 176 ? -9.488  -5.713  4.436   1.00 23.94 ? 135 HIS A CE1 1 
ATOM   1039 N  NE2 . HIS A 1 176 ? -8.218  -5.484  4.149   1.00 23.25 ? 135 HIS A NE2 1 
ATOM   1040 N  N   . ALA A 1 177 ? -7.714  -6.615  -0.901  1.00 20.47 ? 136 ALA A N   1 
ATOM   1041 C  CA  . ALA A 1 177 ? -6.539  -7.421  -1.194  1.00 21.19 ? 136 ALA A CA  1 
ATOM   1042 C  C   . ALA A 1 177 ? -5.466  -6.702  -2.068  1.00 21.57 ? 136 ALA A C   1 
ATOM   1043 O  O   . ALA A 1 177 ? -4.247  -6.767  -1.789  1.00 22.95 ? 136 ALA A O   1 
ATOM   1044 C  CB  . ALA A 1 177 ? -6.943  -8.761  -1.784  1.00 19.60 ? 136 ALA A CB  1 
ATOM   1045 N  N   . ARG A 1 178 ? -5.908  -6.006  -3.108  1.00 20.79 ? 137 ARG A N   1 
ATOM   1046 C  CA  . ARG A 1 178 ? -4.988  -5.253  -3.979  1.00 20.48 ? 137 ARG A CA  1 
ATOM   1047 C  C   . ARG A 1 178 ? -4.172  -4.201  -3.215  1.00 20.03 ? 137 ARG A C   1 
ATOM   1048 O  O   . ARG A 1 178 ? -2.965  -4.007  -3.448  1.00 19.42 ? 137 ARG A O   1 
ATOM   1049 C  CB  . ARG A 1 178 ? -5.802  -4.603  -5.115  1.00 22.50 ? 137 ARG A CB  1 
ATOM   1050 C  CG  . ARG A 1 178 ? -5.197  -3.407  -5.823  1.00 21.35 ? 137 ARG A CG  1 
ATOM   1051 C  CD  . ARG A 1 178 ? -6.087  -2.947  -6.963  1.00 22.24 ? 137 ARG A CD  1 
ATOM   1052 N  NE  . ARG A 1 178 ? -6.623  -4.065  -7.722  1.00 24.28 ? 137 ARG A NE  1 
ATOM   1053 C  CZ  . ARG A 1 178 ? -6.012  -4.699  -8.729  1.00 25.64 ? 137 ARG A CZ  1 
ATOM   1054 N  NH1 . ARG A 1 178 ? -4.790  -4.327  -9.158  1.00 23.21 ? 137 ARG A NH1 1 
ATOM   1055 N  NH2 . ARG A 1 178 ? -6.653  -5.725  -9.309  1.00 25.43 ? 137 ARG A NH2 1 
ATOM   1056 N  N   . VAL A 1 179 ? -4.834  -3.519  -2.291  1.00 19.83 ? 138 VAL A N   1 
ATOM   1057 C  CA  . VAL A 1 179 ? -4.170  -2.431  -1.597  1.00 18.20 ? 138 VAL A CA  1 
ATOM   1058 C  C   . VAL A 1 179 ? -3.062  -3.039  -0.775  1.00 18.79 ? 138 VAL A C   1 
ATOM   1059 O  O   . VAL A 1 179 ? -1.919  -2.531  -0.776  1.00 20.40 ? 138 VAL A O   1 
ATOM   1060 C  CB  . VAL A 1 179 ? -5.136  -1.638  -0.723  1.00 17.22 ? 138 VAL A CB  1 
ATOM   1061 C  CG1 . VAL A 1 179 ? -4.319  -0.847  0.301   1.00 16.90 ? 138 VAL A CG1 1 
ATOM   1062 C  CG2 . VAL A 1 179 ? -6.061  -0.772  -1.604  1.00 16.17 ? 138 VAL A CG2 1 
ATOM   1063 N  N   . VAL A 1 180 ? -3.385  -4.137  -0.092  1.00 17.73 ? 139 VAL A N   1 
ATOM   1064 C  CA  . VAL A 1 180 ? -2.415  -4.766  0.793   1.00 17.86 ? 139 VAL A CA  1 
ATOM   1065 C  C   . VAL A 1 180 ? -1.284  -5.396  -0.016  1.00 19.22 ? 139 VAL A C   1 
ATOM   1066 O  O   . VAL A 1 180 ? -0.120  -5.308  0.386   1.00 19.87 ? 139 VAL A O   1 
ATOM   1067 C  CB  . VAL A 1 180 ? -3.083  -5.821  1.661   1.00 17.95 ? 139 VAL A CB  1 
ATOM   1068 C  CG1 . VAL A 1 180 ? -2.047  -6.729  2.253   1.00 17.15 ? 139 VAL A CG1 1 
ATOM   1069 C  CG2 . VAL A 1 180 ? -3.946  -5.153  2.718   1.00 16.54 ? 139 VAL A CG2 1 
ATOM   1070 N  N   . GLN A 1 181 ? -1.588  -5.970  -1.191  1.00 19.76 ? 140 GLN A N   1 
ATOM   1071 C  CA  . GLN A 1 181 ? -0.496  -6.451  -2.077  1.00 19.29 ? 140 GLN A CA  1 
ATOM   1072 C  C   . GLN A 1 181 ? 0.374   -5.318  -2.571  1.00 19.71 ? 140 GLN A C   1 
ATOM   1073 O  O   . GLN A 1 181 ? 1.576   -5.413  -2.587  1.00 21.05 ? 140 GLN A O   1 
ATOM   1074 C  CB  . GLN A 1 181 ? -1.033  -7.252  -3.227  1.00 19.71 ? 140 GLN A CB  1 
ATOM   1075 C  CG  . GLN A 1 181 ? -1.759  -8.532  -2.784  1.00 20.77 ? 140 GLN A CG  1 
ATOM   1076 C  CD  . GLN A 1 181 ? -2.464  -9.224  -3.943  1.00 22.28 ? 140 GLN A CD  1 
ATOM   1077 O  OE1 . GLN A 1 181 ? -1.808  -9.811  -4.840  1.00 24.97 ? 140 GLN A OE1 1 
ATOM   1078 N  NE2 . GLN A 1 181 ? -3.794  -9.124  -3.974  1.00 20.42 ? 140 GLN A NE2 1 
ATOM   1079 N  N   . HIS A 1 182 ? -0.233  -4.213  -2.916  1.00 20.75 ? 141 HIS A N   1 
ATOM   1080 C  CA  . HIS A 1 182 ? 0.524   -3.071  -3.383  1.00 23.32 ? 141 HIS A CA  1 
ATOM   1081 C  C   . HIS A 1 182 ? 1.485   -2.505  -2.331  1.00 24.74 ? 141 HIS A C   1 
ATOM   1082 O  O   . HIS A 1 182 ? 2.661   -2.259  -2.630  1.00 24.23 ? 141 HIS A O   1 
ATOM   1083 C  CB  . HIS A 1 182 ? -0.455  -1.980  -3.838  1.00 23.46 ? 141 HIS A CB  1 
ATOM   1084 C  CG  . HIS A 1 182 ? 0.216   -0.710  -4.239  1.00 26.92 ? 141 HIS A CG  1 
ATOM   1085 N  ND1 . HIS A 1 182 ? 0.389   -0.348  -5.554  1.00 26.45 ? 141 HIS A ND1 1 
ATOM   1086 C  CD2 . HIS A 1 182 ? 0.764   0.285   -3.493  1.00 28.27 ? 141 HIS A CD2 1 
ATOM   1087 C  CE1 . HIS A 1 182 ? 1.022   0.812   -5.599  1.00 27.52 ? 141 HIS A CE1 1 
ATOM   1088 N  NE2 . HIS A 1 182 ? 1.268   1.212   -4.365  1.00 26.96 ? 141 HIS A NE2 1 
ATOM   1089 N  N   . GLU A 1 183 ? 0.964   -2.251  -1.121  1.00 25.95 ? 142 GLU A N   1 
ATOM   1090 C  CA  . GLU A 1 183 ? 1.776   -1.772  0.000   1.00 26.30 ? 142 GLU A CA  1 
ATOM   1091 C  C   . GLU A 1 183 ? 2.877   -2.763  0.371   1.00 26.68 ? 142 GLU A C   1 
ATOM   1092 O  O   . GLU A 1 183 ? 4.021   -2.370  0.594   1.00 26.89 ? 142 GLU A O   1 
ATOM   1093 C  CB  . GLU A 1 183 ? 0.900   -1.445  1.205   1.00 27.79 ? 142 GLU A CB  1 
ATOM   1094 C  CG  . GLU A 1 183 ? -0.070  -0.313  0.938   1.00 30.42 ? 142 GLU A CG  1 
ATOM   1095 C  CD  . GLU A 1 183 ? 0.575   0.822   0.144   1.00 35.97 ? 142 GLU A CD  1 
ATOM   1096 O  OE1 . GLU A 1 183 ? 1.802   1.059   0.294   1.00 37.14 ? 142 GLU A OE1 1 
ATOM   1097 O  OE2 . GLU A 1 183 ? -0.143  1.480   -0.652  1.00 38.36 ? 142 GLU A OE2 1 
ATOM   1098 N  N   . TYR A 1 184 ? 2.553   -4.055  0.385   1.00 26.22 ? 143 TYR A N   1 
ATOM   1099 C  CA  . TYR A 1 184 ? 3.561   -5.061  0.614   1.00 26.27 ? 143 TYR A CA  1 
ATOM   1100 C  C   . TYR A 1 184 ? 4.733   -4.991  -0.383  1.00 26.32 ? 143 TYR A C   1 
ATOM   1101 O  O   . TYR A 1 184 ? 5.915   -4.997  0.024   1.00 27.58 ? 143 TYR A O   1 
ATOM   1102 C  CB  . TYR A 1 184 ? 2.949   -6.451  0.591   1.00 28.97 ? 143 TYR A CB  1 
ATOM   1103 C  CG  . TYR A 1 184 ? 3.952   -7.566  0.807   1.00 31.22 ? 143 TYR A CG  1 
ATOM   1104 C  CD1 . TYR A 1 184 ? 4.401   -7.873  2.103   1.00 34.17 ? 143 TYR A CD1 1 
ATOM   1105 C  CD2 . TYR A 1 184 ? 4.458   -8.324  -0.270  1.00 29.06 ? 143 TYR A CD2 1 
ATOM   1106 C  CE1 . TYR A 1 184 ? 5.319   -8.903  2.337   1.00 34.83 ? 143 TYR A CE1 1 
ATOM   1107 C  CE2 . TYR A 1 184 ? 5.362   -9.369  -0.043  1.00 33.37 ? 143 TYR A CE2 1 
ATOM   1108 C  CZ  . TYR A 1 184 ? 5.787   -9.650  1.271   1.00 36.50 ? 143 TYR A CZ  1 
ATOM   1109 O  OH  . TYR A 1 184 ? 6.699   -10.639 1.558   1.00 39.04 ? 143 TYR A OH  1 
ATOM   1110 N  N   . ASP A 1 185 ? 4.438   -4.953  -1.675  1.00 23.58 ? 144 ASP A N   1 
ATOM   1111 C  CA  . ASP A 1 185 ? 5.515   -4.753  -2.637  1.00 22.83 ? 144 ASP A CA  1 
ATOM   1112 C  C   . ASP A 1 185 ? 6.484   -3.669  -2.199  1.00 24.92 ? 144 ASP A C   1 
ATOM   1113 O  O   . ASP A 1 185 ? 7.684   -3.867  -2.353  1.00 28.37 ? 144 ASP A O   1 
ATOM   1114 C  CB  . ASP A 1 185 ? 4.965   -4.391  -4.005  1.00 22.15 ? 144 ASP A CB  1 
ATOM   1115 C  CG  . ASP A 1 185 ? 4.470   -5.608  -4.782  1.00 20.02 ? 144 ASP A CG  1 
ATOM   1116 O  OD1 . ASP A 1 185 ? 4.803   -6.740  -4.416  1.00 19.85 ? 144 ASP A OD1 1 
ATOM   1117 O  OD2 . ASP A 1 185 ? 3.732   -5.430  -5.753  1.00 18.45 ? 144 ASP A OD2 1 
ATOM   1118 N  N   . HIS A 1 186 ? 5.998   -2.531  -1.660  1.00 22.92 ? 145 HIS A N   1 
ATOM   1119 C  CA  . HIS A 1 186 ? 6.918   -1.464  -1.217  1.00 22.79 ? 145 HIS A CA  1 
ATOM   1120 C  C   . HIS A 1 186 ? 7.949   -1.966  -0.189  1.00 22.66 ? 145 HIS A C   1 
ATOM   1121 O  O   . HIS A 1 186 ? 9.081   -1.398  -0.098  1.00 20.99 ? 145 HIS A O   1 
ATOM   1122 C  CB  . HIS A 1 186 ? 6.202   -0.292  -0.558  1.00 22.81 ? 145 HIS A CB  1 
ATOM   1123 C  CG  . HIS A 1 186 ? 5.532   0.647   -1.504  1.00 24.39 ? 145 HIS A CG  1 
ATOM   1124 N  ND1 . HIS A 1 186 ? 6.232   1.404   -2.422  1.00 22.71 ? 145 HIS A ND1 1 
ATOM   1125 C  CD2 . HIS A 1 186 ? 4.229   1.023   -1.615  1.00 24.37 ? 145 HIS A CD2 1 
ATOM   1126 C  CE1 . HIS A 1 186 ? 5.387   2.183   -3.077  1.00 22.04 ? 145 HIS A CE1 1 
ATOM   1127 N  NE2 . HIS A 1 186 ? 4.166   1.972   -2.611  1.00 26.01 ? 145 HIS A NE2 1 
ATOM   1128 N  N   . LEU A 1 187 ? 7.544   -2.966  0.609   1.00 19.75 ? 146 LEU A N   1 
ATOM   1129 C  CA  . LEU A 1 187 ? 8.384   -3.460  1.751   1.00 21.49 ? 146 LEU A CA  1 
ATOM   1130 C  C   . LEU A 1 187 ? 9.539   -4.323  1.257   1.00 22.34 ? 146 LEU A C   1 
ATOM   1131 O  O   . LEU A 1 187 ? 10.498  -4.629  1.990   1.00 23.87 ? 146 LEU A O   1 
ATOM   1132 C  CB  . LEU A 1 187 ? 7.549   -4.234  2.825   1.00 18.48 ? 146 LEU A CB  1 
ATOM   1133 C  CG  . LEU A 1 187 ? 6.335   -3.409  3.317   1.00 17.87 ? 146 LEU A CG  1 
ATOM   1134 C  CD1 . LEU A 1 187 ? 5.467   -4.163  4.318   1.00 14.63 ? 146 LEU A CD1 1 
ATOM   1135 C  CD2 . LEU A 1 187 ? 6.815   -2.020  3.823   1.00 16.33 ? 146 LEU A CD2 1 
ATOM   1136 N  N   . VAL A 1 188 ? 9.412   -4.718  0.008   1.00 22.03 ? 147 VAL A N   1 
ATOM   1137 C  CA  . VAL A 1 188 ? 10.285  -5.678  -0.600  1.00 24.46 ? 147 VAL A CA  1 
ATOM   1138 C  C   . VAL A 1 188 ? 10.947  -4.924  -1.796  1.00 25.79 ? 147 VAL A C   1 
ATOM   1139 O  O   . VAL A 1 188 ? 11.523  -5.530  -2.690  1.00 27.25 ? 147 VAL A O   1 
ATOM   1140 C  CB  . VAL A 1 188 ? 9.426   -6.970  -0.879  1.00 25.68 ? 147 VAL A CB  1 
ATOM   1141 C  CG1 . VAL A 1 188 ? 9.625   -7.615  -2.232  1.00 25.07 ? 147 VAL A CG1 1 
ATOM   1142 C  CG2 . VAL A 1 188 ? 9.626   -7.997  0.242   1.00 26.21 ? 147 VAL A CG2 1 
ATOM   1143 N  N   . GLY A 1 189 ? 10.859  -3.587  -1.781  1.00 26.23 ? 148 GLY A N   1 
ATOM   1144 C  CA  . GLY A 1 189 ? 11.491  -2.705  -2.792  1.00 26.99 ? 148 GLY A CA  1 
ATOM   1145 C  C   . GLY A 1 189 ? 10.933  -2.820  -4.214  1.00 27.57 ? 148 GLY A C   1 
ATOM   1146 O  O   . GLY A 1 189 ? 11.659  -2.579  -5.177  1.00 23.09 ? 148 GLY A O   1 
ATOM   1147 N  N   . ARG A 1 190 ? 9.652   -3.202  -4.338  1.00 26.82 ? 149 ARG A N   1 
ATOM   1148 C  CA  . ARG A 1 190 ? 8.998   -3.277  -5.642  1.00 25.67 ? 149 ARG A CA  1 
ATOM   1149 C  C   . ARG A 1 190 ? 7.961   -2.189  -5.823  1.00 26.91 ? 149 ARG A C   1 
ATOM   1150 O  O   . ARG A 1 190 ? 7.240   -1.831  -4.885  1.00 25.26 ? 149 ARG A O   1 
ATOM   1151 C  CB  . ARG A 1 190 ? 8.372   -4.627  -5.843  1.00 26.32 ? 149 ARG A CB  1 
ATOM   1152 C  CG  . ARG A 1 190 ? 8.214   -4.946  -7.301  1.00 29.61 ? 149 ARG A CG  1 
ATOM   1153 C  CD  . ARG A 1 190 ? 8.078   -6.441  -7.550  1.00 30.23 ? 149 ARG A CD  1 
ATOM   1154 N  NE  . ARG A 1 190 ? 8.064   -6.707  -8.980  1.00 31.44 ? 149 ARG A NE  1 
ATOM   1155 C  CZ  . ARG A 1 190 ? 7.687   -7.856  -9.535  1.00 37.01 ? 149 ARG A CZ  1 
ATOM   1156 N  NH1 . ARG A 1 190 ? 7.261   -8.857  -8.781  1.00 38.97 ? 149 ARG A NH1 1 
ATOM   1157 N  NH2 . ARG A 1 190 ? 7.713   -8.011  -10.861 1.00 36.45 ? 149 ARG A NH2 1 
ATOM   1158 N  N   . LEU A 1 191 ? 7.917   -1.631  -7.038  1.00 27.27 ? 150 LEU A N   1 
ATOM   1159 C  CA  . LEU A 1 191 ? 6.869   -0.647  -7.430  1.00 23.05 ? 150 LEU A CA  1 
ATOM   1160 C  C   . LEU A 1 191 ? 6.012   -1.218  -8.554  1.00 21.12 ? 150 LEU A C   1 
ATOM   1161 O  O   . LEU A 1 191 ? 6.434   -2.160  -9.231  1.00 20.21 ? 150 LEU A O   1 
ATOM   1162 C  CB  . LEU A 1 191 ? 7.493   0.655   -7.878  1.00 22.59 ? 150 LEU A CB  1 
ATOM   1163 C  CG  . LEU A 1 191 ? 8.423   1.214   -6.834  1.00 24.87 ? 150 LEU A CG  1 
ATOM   1164 C  CD1 . LEU A 1 191 ? 9.135   2.394   -7.445  1.00 24.32 ? 150 LEU A CD1 1 
ATOM   1165 C  CD2 . LEU A 1 191 ? 7.592   1.635   -5.632  1.00 23.54 ? 150 LEU A CD2 1 
ATOM   1166 N  N   . TYR A 1 192 ? 4.831   -0.642  -8.759  1.00 20.89 ? 151 TYR A N   1 
ATOM   1167 C  CA  . TYR A 1 192 ? 3.889   -1.171  -9.735  1.00 20.89 ? 151 TYR A CA  1 
ATOM   1168 C  C   . TYR A 1 192 ? 4.326   -1.221  -11.232 1.00 20.35 ? 151 TYR A C   1 
ATOM   1169 O  O   . TYR A 1 192 ? 3.921   -2.164  -11.920 1.00 18.77 ? 151 TYR A O   1 
ATOM   1170 C  CB  . TYR A 1 192 ? 2.492   -0.578  -9.558  1.00 23.94 ? 151 TYR A CB  1 
ATOM   1171 C  CG  . TYR A 1 192 ? 2.255   0.779   -10.203 1.00 26.78 ? 151 TYR A CG  1 
ATOM   1172 C  CD1 . TYR A 1 192 ? 2.151   0.910   -11.587 1.00 26.55 ? 151 TYR A CD1 1 
ATOM   1173 C  CD2 . TYR A 1 192 ? 2.074   1.909   -9.414  1.00 28.79 ? 151 TYR A CD2 1 
ATOM   1174 C  CE1 . TYR A 1 192 ? 1.951   2.137   -12.172 1.00 29.03 ? 151 TYR A CE1 1 
ATOM   1175 C  CE2 . TYR A 1 192 ? 1.831   3.145   -9.985  1.00 32.64 ? 151 TYR A CE2 1 
ATOM   1176 C  CZ  . TYR A 1 192 ? 1.779   3.262   -11.367 1.00 33.50 ? 151 TYR A CZ  1 
ATOM   1177 O  OH  . TYR A 1 192 ? 1.531   4.495   -11.935 1.00 32.57 ? 151 TYR A OH  1 
ATOM   1178 N  N   . PRO A 1 193 ? 5.169   -0.264  -11.726 1.00 20.35 ? 152 PRO A N   1 
ATOM   1179 C  CA  . PRO A 1 193 ? 5.514   -0.402  -13.163 1.00 20.34 ? 152 PRO A CA  1 
ATOM   1180 C  C   . PRO A 1 193 ? 6.026   -1.800  -13.491 1.00 21.69 ? 152 PRO A C   1 
ATOM   1181 O  O   . PRO A 1 193 ? 5.595   -2.381  -14.536 1.00 20.61 ? 152 PRO A O   1 
ATOM   1182 C  CB  . PRO A 1 193 ? 6.584   0.655   -13.379 1.00 19.90 ? 152 PRO A CB  1 
ATOM   1183 C  CG  . PRO A 1 193 ? 6.213   1.723   -12.399 1.00 19.76 ? 152 PRO A CG  1 
ATOM   1184 C  CD  . PRO A 1 193 ? 5.730   0.986   -11.172 1.00 19.96 ? 152 PRO A CD  1 
ATOM   1185 N  N   . SER A 1 194 ? 6.837   -2.367  -12.577 1.00 20.11 ? 153 SER A N   1 
ATOM   1186 C  CA  . SER A 1 194 ? 7.453   -3.675  -12.809 1.00 20.31 ? 153 SER A CA  1 
ATOM   1187 C  C   . SER A 1 194 ? 6.447   -4.823  -12.753 1.00 21.07 ? 153 SER A C   1 
ATOM   1188 O  O   . SER A 1 194 ? 6.804   -5.972  -12.960 1.00 21.28 ? 153 SER A O   1 
ATOM   1189 C  CB  . SER A 1 194 ? 8.586   -3.924  -11.824 1.00 20.93 ? 153 SER A CB  1 
ATOM   1190 O  OG  . SER A 1 194 ? 8.078   -4.331  -10.561 1.00 23.88 ? 153 SER A OG  1 
ATOM   1191 N  N   . ARG A 1 195 ? 5.187   -4.515  -12.481 1.00 23.50 ? 154 ARG A N   1 
ATOM   1192 C  CA  . ARG A 1 195 ? 4.112   -5.502  -12.601 1.00 26.17 ? 154 ARG A CA  1 
ATOM   1193 C  C   . ARG A 1 195 ? 3.164   -5.370  -13.800 1.00 28.08 ? 154 ARG A C   1 
ATOM   1194 O  O   . ARG A 1 195 ? 2.293   -6.245  -14.026 1.00 28.43 ? 154 ARG A O   1 
ATOM   1195 C  CB  . ARG A 1 195 ? 3.328   -5.505  -11.325 1.00 27.30 ? 154 ARG A CB  1 
ATOM   1196 C  CG  . ARG A 1 195 ? 4.131   -6.288  -10.315 1.00 29.67 ? 154 ARG A CG  1 
ATOM   1197 C  CD  . ARG A 1 195 ? 3.293   -6.503  -9.102  1.00 30.13 ? 154 ARG A CD  1 
ATOM   1198 N  NE  . ARG A 1 195 ? 4.058   -7.024  -7.977  1.00 31.94 ? 154 ARG A NE  1 
ATOM   1199 C  CZ  . ARG A 1 195 ? 4.350   -8.297  -7.808  1.00 29.82 ? 154 ARG A CZ  1 
ATOM   1200 N  NH1 . ARG A 1 195 ? 3.974   -9.191  -8.730  1.00 31.05 ? 154 ARG A NH1 1 
ATOM   1201 N  NH2 . ARG A 1 195 ? 5.003   -8.655  -6.723  1.00 25.14 ? 154 ARG A NH2 1 
ATOM   1202 N  N   . ILE A 1 196 ? 3.344   -4.287  -14.560 1.00 28.84 ? 155 ILE A N   1 
ATOM   1203 C  CA  . ILE A 1 196 ? 2.509   -4.020  -15.743 1.00 30.39 ? 155 ILE A CA  1 
ATOM   1204 C  C   . ILE A 1 196 ? 2.737   -5.089  -16.811 1.00 28.91 ? 155 ILE A C   1 
ATOM   1205 O  O   . ILE A 1 196 ? 3.889   -5.393  -17.193 1.00 26.48 ? 155 ILE A O   1 
ATOM   1206 C  CB  . ILE A 1 196 ? 2.769   -2.614  -16.372 1.00 27.52 ? 155 ILE A CB  1 
ATOM   1207 C  CG1 . ILE A 1 196 ? 2.447   -1.485  -15.387 1.00 26.16 ? 155 ILE A CG1 1 
ATOM   1208 C  CG2 . ILE A 1 196 ? 1.958   -2.459  -17.643 1.00 25.70 ? 155 ILE A CG2 1 
ATOM   1209 C  CD1 . ILE A 1 196 ? 3.136   -0.163  -15.705 1.00 25.31 ? 155 ILE A CD1 1 
ATOM   1210 N  N   . GLU A 1 197 ? 1.630   -5.661  -17.262 1.00 29.92 ? 156 GLU A N   1 
ATOM   1211 C  CA  . GLU A 1 197 ? 1.628   -6.573  -18.408 1.00 29.53 ? 156 GLU A CA  1 
ATOM   1212 C  C   . GLU A 1 197 ? 1.179   -5.823  -19.648 1.00 26.54 ? 156 GLU A C   1 
ATOM   1213 O  O   . GLU A 1 197 ? 1.800   -5.943  -20.681 1.00 27.83 ? 156 GLU A O   1 
ATOM   1214 C  CB  . GLU A 1 197 ? 0.727   -7.769  -18.157 1.00 31.28 ? 156 GLU A CB  1 
ATOM   1215 C  CG  . GLU A 1 197 ? 1.207   -8.656  -17.028 1.00 36.20 ? 156 GLU A CG  1 
ATOM   1216 C  CD  . GLU A 1 197 ? 0.268   -9.829  -16.787 1.00 43.56 ? 156 GLU A CD  1 
ATOM   1217 O  OE1 . GLU A 1 197 ? -0.902  -9.829  -17.272 1.00 43.73 ? 156 GLU A OE1 1 
ATOM   1218 O  OE2 . GLU A 1 197 ? 0.702   -10.760 -16.083 1.00 46.92 ? 156 GLU A OE2 1 
ATOM   1219 N  N   . ASN A 1 198 ? 0.136   -5.011  -19.539 1.00 25.58 ? 157 ASN A N   1 
ATOM   1220 C  CA  . ASN A 1 198 ? -0.357  -4.290  -20.697 1.00 25.85 ? 157 ASN A CA  1 
ATOM   1221 C  C   . ASN A 1 198 ? 0.000   -2.783  -20.651 1.00 26.41 ? 157 ASN A C   1 
ATOM   1222 O  O   . ASN A 1 198 ? -0.691  -1.959  -19.991 1.00 26.48 ? 157 ASN A O   1 
ATOM   1223 C  CB  . ASN A 1 198 ? -1.856  -4.548  -20.877 1.00 26.13 ? 157 ASN A CB  1 
ATOM   1224 C  CG  . ASN A 1 198 ? -2.462  -3.759  -22.039 1.00 28.79 ? 157 ASN A CG  1 
ATOM   1225 O  OD1 . ASN A 1 198 ? -1.752  -3.057  -22.784 1.00 24.70 ? 157 ASN A OD1 1 
ATOM   1226 N  ND2 . ASN A 1 198 ? -3.809  -3.849  -22.184 1.00 27.64 ? 157 ASN A ND2 1 
ATOM   1227 N  N   . PHE A 1 199 ? 1.066   -2.436  -21.368 1.00 23.02 ? 158 PHE A N   1 
ATOM   1228 C  CA  . PHE A 1 199 ? 1.583   -1.085  -21.339 1.00 24.49 ? 158 PHE A CA  1 
ATOM   1229 C  C   . PHE A 1 199 ? 0.683   -0.020  -21.953 1.00 25.64 ? 158 PHE A C   1 
ATOM   1230 O  O   . PHE A 1 199 ? 0.851   1.183   -21.648 1.00 26.97 ? 158 PHE A O   1 
ATOM   1231 C  CB  . PHE A 1 199 ? 3.036   -0.990  -21.852 1.00 23.57 ? 158 PHE A CB  1 
ATOM   1232 C  CG  . PHE A 1 199 ? 4.040   -1.456  -20.834 1.00 22.54 ? 158 PHE A CG  1 
ATOM   1233 C  CD1 . PHE A 1 199 ? 4.575   -0.568  -19.912 1.00 21.86 ? 158 PHE A CD1 1 
ATOM   1234 C  CD2 . PHE A 1 199 ? 4.383   -2.836  -20.734 1.00 21.97 ? 158 PHE A CD2 1 
ATOM   1235 C  CE1 . PHE A 1 199 ? 5.488   -1.022  -18.935 1.00 22.59 ? 158 PHE A CE1 1 
ATOM   1236 C  CE2 . PHE A 1 199 ? 5.283   -3.287  -19.770 1.00 21.25 ? 158 PHE A CE2 1 
ATOM   1237 C  CZ  . PHE A 1 199 ? 5.859   -2.369  -18.874 1.00 20.98 ? 158 PHE A CZ  1 
ATOM   1238 N  N   . ASP A 1 200 ? -0.288  -0.452  -22.759 1.00 25.11 ? 159 ASP A N   1 
ATOM   1239 C  CA  . ASP A 1 200 ? -1.289  0.456   -23.298 1.00 25.35 ? 159 ASP A CA  1 
ATOM   1240 C  C   . ASP A 1 200 ? -2.053  1.154   -22.160 1.00 26.86 ? 159 ASP A C   1 
ATOM   1241 O  O   . ASP A 1 200 ? -2.608  2.241   -22.380 1.00 27.91 ? 159 ASP A O   1 
ATOM   1242 C  CB  . ASP A 1 200 ? -2.282  -0.300  -24.198 1.00 28.06 ? 159 ASP A CB  1 
ATOM   1243 C  CG  . ASP A 1 200 ? -1.694  -0.680  -25.594 1.00 29.19 ? 159 ASP A CG  1 
ATOM   1244 O  OD1 . ASP A 1 200 ? -0.516  -0.395  -25.862 1.00 29.90 ? 159 ASP A OD1 1 
ATOM   1245 O  OD2 . ASP A 1 200 ? -2.409  -1.302  -26.418 1.00 26.54 ? 159 ASP A OD2 1 
ATOM   1246 N  N   . THR A 1 201 ? -2.075  0.538   -20.959 1.00 24.69 ? 160 THR A N   1 
ATOM   1247 C  CA  . THR A 1 201 ? -2.905  1.009   -19.845 1.00 22.93 ? 160 THR A CA  1 
ATOM   1248 C  C   . THR A 1 201 ? -2.096  1.891   -18.912 1.00 22.61 ? 160 THR A C   1 
ATOM   1249 O  O   . THR A 1 201 ? -2.596  2.400   -17.942 1.00 22.20 ? 160 THR A O   1 
ATOM   1250 C  CB  . THR A 1 201 ? -3.499  -0.146  -19.003 1.00 24.22 ? 160 THR A CB  1 
ATOM   1251 O  OG1 . THR A 1 201 ? -2.489  -0.656  -18.106 1.00 25.97 ? 160 THR A OG1 1 
ATOM   1252 C  CG2 . THR A 1 201 ? -4.050  -1.280  -19.867 1.00 23.41 ? 160 THR A CG2 1 
ATOM   1253 N  N   . PHE A 1 202 ? -0.830  2.083   -19.209 1.00 23.72 ? 161 PHE A N   1 
ATOM   1254 C  CA  . PHE A 1 202 ? 0.020   2.925   -18.368 1.00 23.58 ? 161 PHE A CA  1 
ATOM   1255 C  C   . PHE A 1 202 ? 0.105   4.373   -18.854 1.00 24.49 ? 161 PHE A C   1 
ATOM   1256 O  O   . PHE A 1 202 ? 0.508   4.628   -19.965 1.00 25.78 ? 161 PHE A O   1 
ATOM   1257 C  CB  . PHE A 1 202 ? 1.395   2.300   -18.334 1.00 21.13 ? 161 PHE A CB  1 
ATOM   1258 C  CG  . PHE A 1 202 ? 2.354   2.985   -17.442 1.00 20.74 ? 161 PHE A CG  1 
ATOM   1259 C  CD1 . PHE A 1 202 ? 1.955   3.482   -16.212 1.00 21.07 ? 161 PHE A CD1 1 
ATOM   1260 C  CD2 . PHE A 1 202 ? 3.684   3.107   -17.812 1.00 20.15 ? 161 PHE A CD2 1 
ATOM   1261 C  CE1 . PHE A 1 202 ? 2.865   4.144   -15.385 1.00 20.21 ? 161 PHE A CE1 1 
ATOM   1262 C  CE2 . PHE A 1 202 ? 4.596   3.725   -16.965 1.00 21.00 ? 161 PHE A CE2 1 
ATOM   1263 C  CZ  . PHE A 1 202 ? 4.191   4.236   -15.752 1.00 20.24 ? 161 PHE A CZ  1 
ATOM   1264 N  N   . GLY A 1 203 ? -0.255  5.324   -18.013 1.00 27.50 ? 162 GLY A N   1 
ATOM   1265 C  CA  . GLY A 1 203 ? -0.251  6.731   -18.429 1.00 29.69 ? 162 GLY A CA  1 
ATOM   1266 C  C   . GLY A 1 203 ? -0.625  7.737   -17.349 1.00 30.62 ? 162 GLY A C   1 
ATOM   1267 O  O   . GLY A 1 203 ? -0.621  7.395   -16.163 1.00 33.99 ? 162 GLY A O   1 
ATOM   1268 N  N   . PHE A 1 204 ? -0.912  8.983   -17.742 1.00 28.56 ? 163 PHE A N   1 
ATOM   1269 C  CA  . PHE A 1 204 ? -1.196  10.029  -16.765 1.00 28.07 ? 163 PHE A CA  1 
ATOM   1270 C  C   . PHE A 1 204 ? -2.648  10.020  -16.516 1.00 31.20 ? 163 PHE A C   1 
ATOM   1271 O  O   . PHE A 1 204 ? -3.453  9.896   -17.465 1.00 33.35 ? 163 PHE A O   1 
ATOM   1272 C  CB  . PHE A 1 204 ? -0.748  11.415  -17.228 1.00 26.34 ? 163 PHE A CB  1 
ATOM   1273 C  CG  . PHE A 1 204 ? 0.721   11.584  -17.196 1.00 24.44 ? 163 PHE A CG  1 
ATOM   1274 C  CD1 . PHE A 1 204 ? 1.486   11.261  -18.308 1.00 25.93 ? 163 PHE A CD1 1 
ATOM   1275 C  CD2 . PHE A 1 204 ? 1.345   11.960  -16.031 1.00 22.84 ? 163 PHE A CD2 1 
ATOM   1276 C  CE1 . PHE A 1 204 ? 2.878   11.361  -18.282 1.00 25.29 ? 163 PHE A CE1 1 
ATOM   1277 C  CE2 . PHE A 1 204 ? 2.715   12.072  -15.989 1.00 25.46 ? 163 PHE A CE2 1 
ATOM   1278 C  CZ  . PHE A 1 204 ? 3.489   11.775  -17.117 1.00 27.10 ? 163 PHE A CZ  1 
ATOM   1279 N  N   . ASP A 1 205 ? -2.976  10.151  -15.237 1.00 34.41 ? 164 ASP A N   1 
ATOM   1280 C  CA  . ASP A 1 205 ? -4.332  9.975   -14.741 1.00 37.47 ? 164 ASP A CA  1 
ATOM   1281 C  C   . ASP A 1 205 ? -5.325  10.866  -15.515 1.00 38.94 ? 164 ASP A C   1 
ATOM   1282 O  O   . ASP A 1 205 ? -6.441  10.424  -15.871 1.00 35.39 ? 164 ASP A O   1 
ATOM   1283 C  CB  . ASP A 1 205 ? -4.379  10.178  -13.215 1.00 39.52 ? 164 ASP A CB  1 
ATOM   1284 C  CG  . ASP A 1 205 ? -5.790  10.132  -12.684 1.00 49.35 ? 164 ASP A CG  1 
ATOM   1285 O  OD1 . ASP A 1 205 ? -6.262  11.210  -12.270 1.00 52.96 ? 164 ASP A OD1 1 
ATOM   1286 O  OD2 . ASP A 1 205 ? -6.461  9.057   -12.712 1.00 46.00 ? 164 ASP A OD2 1 
ATOM   1287 N  N   . ASP A 1 206 ? -4.895  12.091  -15.837 1.00 41.53 ? 165 ASP A N   1 
ATOM   1288 C  CA  . ASP A 1 206 ? -5.764  13.041  -16.538 1.00 43.36 ? 165 ASP A CA  1 
ATOM   1289 C  C   . ASP A 1 206 ? -5.912  12.780  -18.031 1.00 45.94 ? 165 ASP A C   1 
ATOM   1290 O  O   . ASP A 1 206 ? -6.798  13.350  -18.678 1.00 45.32 ? 165 ASP A O   1 
ATOM   1291 C  CB  . ASP A 1 206 ? -5.363  14.478  -16.262 1.00 48.21 ? 165 ASP A CB  1 
ATOM   1292 C  CG  . ASP A 1 206 ? -3.942  14.799  -16.695 1.00 57.87 ? 165 ASP A CG  1 
ATOM   1293 O  OD1 . ASP A 1 206 ? -3.002  13.980  -16.492 1.00 58.74 ? 165 ASP A OD1 1 
ATOM   1294 O  OD2 . ASP A 1 206 ? -3.763  15.924  -17.212 1.00 60.81 ? 165 ASP A OD2 1 
ATOM   1295 N  N   . VAL A 1 207 ? -5.085  11.879  -18.571 1.00 42.72 ? 166 VAL A N   1 
ATOM   1296 C  CA  . VAL A 1 207 ? -5.082  11.582  -20.026 1.00 38.64 ? 166 VAL A CA  1 
ATOM   1297 C  C   . VAL A 1 207 ? -5.639  10.213  -20.387 1.00 38.03 ? 166 VAL A C   1 
ATOM   1298 O  O   . VAL A 1 207 ? -6.226  10.065  -21.439 1.00 41.60 ? 166 VAL A O   1 
ATOM   1299 C  CB  . VAL A 1 207 ? -3.668  11.722  -20.653 1.00 36.28 ? 166 VAL A CB  1 
ATOM   1300 C  CG1 . VAL A 1 207 ? -3.800  12.360  -22.010 1.00 32.66 ? 166 VAL A CG1 1 
ATOM   1301 C  CG2 . VAL A 1 207 ? -2.786  12.614  -19.788 1.00 35.73 ? 166 VAL A CG2 1 
ATOM   1302 N  N   . LEU A 1 208 ? -5.451  9.210   -19.525 1.00 38.95 ? 167 LEU A N   1 
ATOM   1303 C  CA  . LEU A 1 208 ? -5.968  7.860   -19.785 1.00 39.69 ? 167 LEU A CA  1 
ATOM   1304 C  C   . LEU A 1 208 ? -7.473  7.792   -20.124 1.00 41.80 ? 167 LEU A C   1 
ATOM   1305 O  O   . LEU A 1 208 ? -8.270  8.608   -19.639 1.00 41.46 ? 167 LEU A O   1 
ATOM   1306 C  CB  . LEU A 1 208 ? -5.634  6.925   -18.633 1.00 35.76 ? 167 LEU A CB  1 
ATOM   1307 C  CG  . LEU A 1 208 ? -4.258  6.302   -18.718 1.00 35.88 ? 167 LEU A CG  1 
ATOM   1308 C  CD1 . LEU A 1 208 ? -3.966  5.580   -17.420 1.00 35.52 ? 167 LEU A CD1 1 
ATOM   1309 C  CD2 . LEU A 1 208 ? -4.183  5.344   -19.889 1.00 33.05 ? 167 LEU A CD2 1 
ATOM   1310 N  N   . SER A 1 209 ? -7.828  6.844   -20.990 1.00 44.41 ? 168 SER A N   1 
ATOM   1311 C  CA  . SER A 1 209 ? -9.223  6.566   -21.362 1.00 48.94 ? 168 SER A CA  1 
ATOM   1312 C  C   . SER A 1 209 ? -9.426  5.071   -21.681 1.00 52.86 ? 168 SER A C   1 
ATOM   1313 O  O   . SER A 1 209 ? -10.324 4.710   -22.448 1.00 58.91 ? 168 SER A O   1 
ATOM   1314 C  CB  . SER A 1 209 ? -9.710  7.475   -22.523 1.00 50.68 ? 168 SER A CB  1 
ATOM   1315 O  OG  . SER A 1 209 ? -8.934  7.291   -23.705 1.00 49.54 ? 168 SER A OG  1 
ATOM   1316 N  N   . TYR A 1 210 ? -8.586  4.216   -21.084 1.00 56.62 ? 169 TYR A N   1 
ATOM   1317 C  CA  . TYR A 1 210 ? -8.740  2.761   -21.152 1.00 58.53 ? 169 TYR A CA  1 
ATOM   1318 C  C   . TYR A 1 210 ? -9.860  2.315   -20.195 1.00 62.87 ? 169 TYR A C   1 
ATOM   1319 O  O   . TYR A 1 210 ? -10.025 2.918   -19.126 1.00 65.95 ? 169 TYR A O   1 
ATOM   1320 C  CB  . TYR A 1 210 ? -7.413  2.044   -20.798 1.00 54.24 ? 169 TYR A CB  1 
ATOM   1321 C  CG  . TYR A 1 210 ? -7.421  0.538   -21.093 1.00 54.64 ? 169 TYR A CG  1 
ATOM   1322 C  CD1 . TYR A 1 210 ? -7.000  0.039   -22.346 1.00 55.05 ? 169 TYR A CD1 1 
ATOM   1323 C  CD2 . TYR A 1 210 ? -7.883  -0.397  -20.128 1.00 54.06 ? 169 TYR A CD2 1 
ATOM   1324 C  CE1 . TYR A 1 210 ? -7.030  -1.335  -22.620 1.00 56.30 ? 169 TYR A CE1 1 
ATOM   1325 C  CE2 . TYR A 1 210 ? -7.919  -1.773  -20.391 1.00 50.15 ? 169 TYR A CE2 1 
ATOM   1326 C  CZ  . TYR A 1 210 ? -7.487  -2.230  -21.628 1.00 55.02 ? 169 TYR A CZ  1 
ATOM   1327 O  OH  . TYR A 1 210 ? -7.517  -3.565  -21.895 1.00 57.48 ? 169 TYR A OH  1 
ATOM   1328 N  N   . ASP A 1 211 ? -10.611 1.269   -20.575 1.00 65.22 ? 170 ASP A N   1 
ATOM   1329 C  CA  . ASP A 1 211 ? -11.593 0.613   -19.689 1.00 62.67 ? 170 ASP A CA  1 
ATOM   1330 C  C   . ASP A 1 211 ? -11.006 -0.373  -18.665 1.00 58.08 ? 170 ASP A C   1 
ATOM   1331 O  O   . ASP A 1 211 ? -11.396 -1.541  -18.594 1.00 61.63 ? 170 ASP A O   1 
ATOM   1332 C  CB  . ASP A 1 211 ? -12.690 -0.035  -20.525 1.00 67.67 ? 170 ASP A CB  1 
ATOM   1333 C  CG  . ASP A 1 211 ? -13.732 0.980   -20.995 1.00 74.23 ? 170 ASP A CG  1 
ATOM   1334 O  OD1 . ASP A 1 211 ? -14.788 0.537   -21.498 1.00 77.58 ? 170 ASP A OD1 1 
ATOM   1335 O  OD2 . ASP A 1 211 ? -13.502 2.215   -20.863 1.00 68.42 ? 170 ASP A OD2 1 
HETATM 1336 CD CD  . CD  B 2 .   ? -8.687  -15.893 9.182   1.00 31.03 ? 201 CD  A CD  1 
HETATM 1337 CD CD  . CD  C 2 .   ? 2.444   3.006   -3.670  1.00 38.02 ? 202 CD  A CD  1 
HETATM 1338 CD CD  . CD  D 2 .   ? -16.388 -12.841 -1.284  1.00 99.81 ? 203 CD  A CD  1 
HETATM 1339 O  O   . HOH E 3 .   ? -13.821 -16.129 -10.673 1.00 39.67 ? 301 HOH A O   1 
HETATM 1340 O  O   . HOH E 3 .   ? -10.627 -16.461 9.510   1.00 19.27 ? 302 HOH A O   1 
HETATM 1341 O  O   . HOH E 3 .   ? -1.604  4.082   -4.386  1.00 41.61 ? 303 HOH A O   1 
HETATM 1342 O  O   . HOH E 3 .   ? -8.523  8.503   -2.021  1.00 34.67 ? 304 HOH A O   1 
HETATM 1343 O  O   . HOH E 3 .   ? 11.835  -0.675  0.840   1.00 29.49 ? 305 HOH A O   1 
HETATM 1344 O  O   . HOH E 3 .   ? -8.984  -13.760 13.138  1.00 28.86 ? 306 HOH A O   1 
HETATM 1345 O  O   . HOH E 3 .   ? -14.234 -11.574 -8.299  1.00 24.85 ? 307 HOH A O   1 
HETATM 1346 O  O   . HOH E 3 .   ? 16.668  -2.053  4.248   1.00 28.05 ? 308 HOH A O   1 
HETATM 1347 O  O   . HOH E 3 .   ? 2.774   -17.826 7.865   1.00 33.57 ? 309 HOH A O   1 
HETATM 1348 O  O   . HOH E 3 .   ? 1.567   2.968   -1.699  1.00 21.07 ? 310 HOH A O   1 
HETATM 1349 O  O   . HOH E 3 .   ? -5.760  -4.236  20.170  1.00 38.45 ? 311 HOH A O   1 
HETATM 1350 O  O   . HOH E 3 .   ? 0.749   6.413   -10.010 1.00 23.05 ? 312 HOH A O   1 
HETATM 1351 O  O   . HOH E 3 .   ? -5.369  8.416   7.158   1.00 16.60 ? 313 HOH A O   1 
HETATM 1352 O  O   . HOH E 3 .   ? -1.556  -17.829 5.689   1.00 31.24 ? 314 HOH A O   1 
HETATM 1353 O  O   . HOH E 3 .   ? -2.994  8.573   -10.441 1.00 13.39 ? 315 HOH A O   1 
HETATM 1354 O  O   . HOH E 3 .   ? 9.885   11.511  4.507   1.00 19.54 ? 316 HOH A O   1 
HETATM 1355 O  O   . HOH E 3 .   ? 4.380   -11.473 10.654  1.00 31.04 ? 317 HOH A O   1 
HETATM 1356 O  O   . HOH E 3 .   ? 3.518   14.624  2.213   1.00 21.46 ? 318 HOH A O   1 
HETATM 1357 O  O   . HOH E 3 .   ? 10.636  -1.327  14.767  1.00 18.82 ? 319 HOH A O   1 
HETATM 1358 O  O   . HOH E 3 .   ? -9.643  -14.002 9.793   1.00 22.95 ? 320 HOH A O   1 
HETATM 1359 O  O   . HOH E 3 .   ? -16.540 -0.923  -5.272  1.00 49.05 ? 321 HOH A O   1 
HETATM 1360 O  O   . HOH E 3 .   ? 0.582   12.324  13.961  1.00 30.06 ? 322 HOH A O   1 
HETATM 1361 O  O   . HOH E 3 .   ? 8.546   -10.028 3.355   1.00 28.07 ? 323 HOH A O   1 
HETATM 1362 O  O   . HOH E 3 .   ? 1.786   -4.054  -23.349 1.00 24.76 ? 324 HOH A O   1 
HETATM 1363 O  O   . HOH E 3 .   ? 9.181   0.751   -2.329  1.00 41.05 ? 325 HOH A O   1 
HETATM 1364 O  O   . HOH E 3 .   ? 4.256   13.591  -12.300 1.00 32.70 ? 326 HOH A O   1 
HETATM 1365 O  O   . HOH E 3 .   ? -16.325 3.974   -0.513  1.00 40.46 ? 327 HOH A O   1 
HETATM 1366 O  O   . HOH E 3 .   ? 6.918   -9.472  14.893  1.00 20.99 ? 328 HOH A O   1 
HETATM 1367 O  O   . HOH E 3 .   ? -10.165 -2.526  -16.441 1.00 35.21 ? 329 HOH A O   1 
HETATM 1368 O  O   . HOH E 3 .   ? -10.294 11.519  -0.459  1.00 24.41 ? 330 HOH A O   1 
HETATM 1369 O  O   . HOH E 3 .   ? 18.010  7.832   -4.749  1.00 41.66 ? 331 HOH A O   1 
HETATM 1370 O  O   . HOH E 3 .   ? -7.351  -8.176  -5.508  1.00 31.19 ? 332 HOH A O   1 
HETATM 1371 O  O   . HOH E 3 .   ? 0.584   -9.071  -5.802  1.00 19.84 ? 333 HOH A O   1 
HETATM 1372 O  O   . HOH E 3 .   ? 3.458   8.092   21.002  1.00 24.28 ? 334 HOH A O   1 
HETATM 1373 O  O   . HOH E 3 .   ? 10.564  -6.656  3.755   1.00 27.77 ? 335 HOH A O   1 
HETATM 1374 O  O   . HOH E 3 .   ? 4.467   -12.574 2.464   1.00 17.93 ? 336 HOH A O   1 
HETATM 1375 O  O   . HOH E 3 .   ? -11.175 2.167   -16.807 1.00 35.52 ? 337 HOH A O   1 
HETATM 1376 O  O   . HOH E 3 .   ? -16.181 -13.181 -3.884  1.00 35.23 ? 338 HOH A O   1 
HETATM 1377 O  O   . HOH E 3 .   ? 8.025   3.791   23.920  1.00 25.66 ? 339 HOH A O   1 
HETATM 1378 O  O   . HOH E 3 .   ? 0.087   0.149   22.671  1.00 28.40 ? 340 HOH A O   1 
HETATM 1379 O  O   . HOH E 3 .   ? 16.193  -4.240  -4.413  1.00 37.56 ? 341 HOH A O   1 
HETATM 1380 O  O   . HOH E 3 .   ? -12.521 -14.663 6.579   1.00 24.80 ? 342 HOH A O   1 
HETATM 1381 O  O   . HOH E 3 .   ? -1.097  -5.064  -16.828 1.00 21.34 ? 343 HOH A O   1 
HETATM 1382 O  O   . HOH E 3 .   ? 3.440   -2.808  -6.726  1.00 19.17 ? 344 HOH A O   1 
HETATM 1383 O  O   . HOH E 3 .   ? 14.096  -8.086  9.811   1.00 28.02 ? 345 HOH A O   1 
HETATM 1384 O  O   . HOH E 3 .   ? 6.251   -4.497  -16.156 1.00 20.31 ? 346 HOH A O   1 
HETATM 1385 O  O   . HOH E 3 .   ? -8.524  -6.995  -7.776  1.00 22.72 ? 347 HOH A O   1 
HETATM 1386 O  O   . HOH E 3 .   ? -12.297 -8.637  1.391   1.00 22.21 ? 348 HOH A O   1 
HETATM 1387 O  O   . HOH E 3 .   ? 12.932  1.131   2.830   1.00 32.16 ? 349 HOH A O   1 
HETATM 1388 O  O   . HOH E 3 .   ? 12.751  3.853   2.935   1.00 36.89 ? 350 HOH A O   1 
HETATM 1389 O  O   . HOH E 3 .   ? 11.422  3.921   24.121  1.00 30.81 ? 351 HOH A O   1 
HETATM 1390 O  O   . HOH E 3 .   ? -10.797 -12.377 7.823   1.00 28.24 ? 352 HOH A O   1 
HETATM 1391 O  O   . HOH E 3 .   ? -6.743  -15.092 -5.689  1.00 29.63 ? 353 HOH A O   1 
HETATM 1392 O  O   . HOH E 3 .   ? 11.626  2.287   19.384  1.00 21.21 ? 354 HOH A O   1 
HETATM 1393 O  O   . HOH E 3 .   ? 12.574  4.341   -6.517  1.00 32.66 ? 355 HOH A O   1 
HETATM 1394 O  O   . HOH E 3 .   ? -13.082 -7.425  -12.532 1.00 33.30 ? 356 HOH A O   1 
HETATM 1395 O  O   . HOH E 3 .   ? 4.243   12.489  15.651  1.00 33.12 ? 357 HOH A O   1 
HETATM 1396 O  O   . HOH E 3 .   ? -9.345  -4.453  -7.243  1.00 29.18 ? 358 HOH A O   1 
HETATM 1397 O  O   . HOH E 3 .   ? 13.098  -2.650  13.795  1.00 36.51 ? 359 HOH A O   1 
HETATM 1398 O  O   . HOH E 3 .   ? 6.627   -7.389  5.742   1.00 36.12 ? 360 HOH A O   1 
HETATM 1399 O  O   . HOH E 3 .   ? 0.964   13.717  2.358   1.00 23.41 ? 361 HOH A O   1 
HETATM 1400 O  O   . HOH E 3 .   ? 3.467   -9.390  19.077  1.00 24.52 ? 362 HOH A O   1 
HETATM 1401 O  O   . HOH E 3 .   ? -1.053  4.594   -22.296 1.00 17.05 ? 363 HOH A O   1 
HETATM 1402 O  O   . HOH E 3 .   ? -2.090  -20.882 -0.706  1.00 33.18 ? 364 HOH A O   1 
HETATM 1403 O  O   . HOH E 3 .   ? 9.343   -6.706  -13.937 1.00 32.92 ? 365 HOH A O   1 
HETATM 1404 O  O   . HOH E 3 .   ? 16.767  8.200   4.924   1.00 27.37 ? 366 HOH A O   1 
HETATM 1405 O  O   . HOH E 3 .   ? -1.045  8.655   -7.241  1.00 49.12 ? 367 HOH A O   1 
HETATM 1406 O  O   . HOH E 3 .   ? -8.465  -0.524  -8.700  1.00 37.93 ? 368 HOH A O   1 
HETATM 1407 O  O   . HOH E 3 .   ? 17.893  9.095   -1.959  1.00 32.13 ? 369 HOH A O   1 
HETATM 1408 O  O   . HOH E 3 .   ? 4.401   -1.008  -4.523  1.00 24.15 ? 370 HOH A O   1 
HETATM 1409 O  O   . HOH E 3 .   ? 4.192   0.990   -6.499  1.00 24.59 ? 371 HOH A O   1 
HETATM 1410 O  O   . HOH E 3 .   ? 8.350   -0.589  -10.918 1.00 29.67 ? 372 HOH A O   1 
HETATM 1411 O  O   . HOH E 3 .   ? 3.806   -4.485  7.244   1.00 29.79 ? 373 HOH A O   1 
HETATM 1412 O  O   . HOH E 3 .   ? -12.391 -5.078  -1.100  1.00 26.03 ? 374 HOH A O   1 
HETATM 1413 O  O   . HOH E 3 .   ? -5.170  -7.204  16.618  1.00 31.79 ? 375 HOH A O   1 
HETATM 1414 O  O   . HOH E 3 .   ? 15.907  -6.379  5.567   1.00 33.95 ? 376 HOH A O   1 
HETATM 1415 O  O   . HOH E 3 .   ? 1.440   -9.321  -10.523 1.00 38.11 ? 377 HOH A O   1 
HETATM 1416 O  O   . HOH E 3 .   ? -0.690  -15.151 5.256   1.00 24.66 ? 378 HOH A O   1 
HETATM 1417 O  O   . HOH E 3 .   ? 7.838   -10.577 8.810   1.00 26.24 ? 379 HOH A O   1 
HETATM 1418 O  O   . HOH E 3 .   ? 2.818   15.834  15.124  1.00 45.65 ? 380 HOH A O   1 
HETATM 1419 O  O   . HOH E 3 .   ? 4.192   -9.695  -11.645 1.00 27.30 ? 381 HOH A O   1 
HETATM 1420 O  O   . HOH E 3 .   ? 0.526   -12.509 13.575  1.00 36.07 ? 382 HOH A O   1 
HETATM 1421 O  O   . HOH E 3 .   ? 3.357   2.806   -21.651 1.00 31.04 ? 383 HOH A O   1 
HETATM 1422 O  O   . HOH E 3 .   ? -9.349  -9.242  -14.581 1.00 34.08 ? 384 HOH A O   1 
HETATM 1423 O  O   . HOH E 3 .   ? -13.678 1.761   6.441   1.00 24.89 ? 385 HOH A O   1 
HETATM 1424 O  O   . HOH E 3 .   ? -3.453  5.764   -3.012  1.00 35.93 ? 386 HOH A O   1 
HETATM 1425 O  O   . HOH E 3 .   ? -4.506  -1.853  13.143  1.00 21.81 ? 387 HOH A O   1 
HETATM 1426 O  O   . HOH E 3 .   ? -7.278  9.193   2.752   1.00 31.34 ? 388 HOH A O   1 
HETATM 1427 O  O   . HOH E 3 .   ? -10.074 -1.069  -11.142 1.00 21.79 ? 389 HOH A O   1 
HETATM 1428 O  O   . HOH E 3 .   ? -6.816  -16.204 -13.061 1.00 26.80 ? 390 HOH A O   1 
HETATM 1429 O  O   . HOH E 3 .   ? 7.159   -11.478 13.130  1.00 42.67 ? 391 HOH A O   1 
HETATM 1430 O  O   . HOH E 3 .   ? -13.549 -4.832  -3.955  1.00 35.67 ? 392 HOH A O   1 
HETATM 1431 O  O   . HOH E 3 .   ? -2.847  -1.025  17.994  1.00 30.52 ? 393 HOH A O   1 
HETATM 1432 O  O   . HOH E 3 .   ? -4.427  -10.816 -14.366 1.00 31.20 ? 394 HOH A O   1 
HETATM 1433 O  O   . HOH E 3 .   ? -12.172 5.580   -19.948 1.00 40.56 ? 395 HOH A O   1 
HETATM 1434 O  O   . HOH E 3 .   ? -10.220 0.518   -23.712 1.00 34.44 ? 396 HOH A O   1 
HETATM 1435 O  O   . HOH E 3 .   ? -1.686  -13.775 12.667  1.00 36.00 ? 397 HOH A O   1 
HETATM 1436 O  O   . HOH E 3 .   ? -2.093  -12.057 -14.892 1.00 38.85 ? 398 HOH A O   1 
HETATM 1437 O  O   . HOH E 3 .   ? 12.175  -9.574  14.992  0.50 31.11 ? 399 HOH A O   1 
HETATM 1438 O  O   . HOH E 3 .   ? 10.564  -2.613  -9.070  1.00 17.51 ? 400 HOH A O   1 
HETATM 1439 O  O   . HOH E 3 .   ? 2.665   -1.489  -25.364 1.00 28.64 ? 401 HOH A O   1 
HETATM 1440 O  O   . HOH E 3 .   ? 0.616   5.061   -2.330  1.00 37.41 ? 402 HOH A O   1 
HETATM 1441 O  O   . HOH E 3 .   ? -2.914  6.322   -5.709  1.00 27.33 ? 403 HOH A O   1 
HETATM 1442 O  O   . HOH E 3 .   ? -19.169 4.703   9.760   1.00 37.21 ? 404 HOH A O   1 
HETATM 1443 O  O   . HOH E 3 .   ? 0.294   14.795  -11.927 1.00 38.20 ? 405 HOH A O   1 
HETATM 1444 O  O   . HOH E 3 .   ? -0.062  6.813   19.400  1.00 30.23 ? 406 HOH A O   1 
HETATM 1445 O  O   . HOH E 3 .   ? -3.057  1.040   -4.430  1.00 43.83 ? 407 HOH A O   1 
HETATM 1446 O  O   . HOH E 3 .   ? 2.533   -14.817 -2.447  1.00 28.29 ? 408 HOH A O   1 
HETATM 1447 O  O   . HOH E 3 .   ? 11.110  -9.394  3.606   1.00 22.52 ? 409 HOH A O   1 
HETATM 1448 O  O   . HOH E 3 .   ? 13.914  -5.901  -6.368  1.00 26.89 ? 410 HOH A O   1 
HETATM 1449 O  O   . HOH E 3 .   ? -20.360 0.963   -6.863  1.00 46.86 ? 411 HOH A O   1 
HETATM 1450 O  O   . HOH E 3 .   ? 7.481   -14.315 -0.508  1.00 31.67 ? 412 HOH A O   1 
HETATM 1451 O  O   . HOH E 3 .   ? 8.711   -10.817 -2.312  1.00 33.63 ? 413 HOH A O   1 
HETATM 1452 O  O   . HOH E 3 .   ? -19.639 4.265   -4.882  1.00 43.07 ? 414 HOH A O   1 
HETATM 1453 O  O   . HOH E 3 .   ? -11.348 -10.101 8.708   1.00 29.63 ? 415 HOH A O   1 
HETATM 1454 O  O   . HOH E 3 .   ? -12.379 -0.640  -7.271  1.00 30.87 ? 416 HOH A O   1 
# 
